data_7PUQ
#
_entry.id   7PUQ
#
_cell.length_a   75.128
_cell.length_b   98.694
_cell.length_c   207.778
_cell.angle_alpha   90.000
_cell.angle_beta   90.000
_cell.angle_gamma   90.000
#
_symmetry.space_group_name_H-M   'P 21 21 2'
#
loop_
_entity.id
_entity.type
_entity.pdbx_description
1 polymer 'Histone-arginine methyltransferase CARM1'
2 non-polymer 'methyl 6-[4-[[~{N}-[3-[(2~{R},3~{S},4~{R},5~{R})-5-(6-aminopurin-9-yl)-3,4-bis(oxidanyl)oxolan-2-yl]propyl]carbamimidoyl]amino]butylcarbamoylamino]-4-oxidanyl-naphthalene-2-carboxylate'
3 non-polymer 1,2-ETHANEDIOL
4 water water
#
_entity_poly.entity_id   1
_entity_poly.type   'polypeptide(L)'
_entity_poly.pdbx_seq_one_letter_code
;GHMGHTLERSVFSERTEESSAVQYFQFYGYLSQQQNMMQDYVRTGTYQRAILQNHTDFKDKIVLDVGCGSGILSFFAAQA
GARKIYAVEASTMAQHAEVLVKSNNLTDRIVVIPGKVEEVSLPEQVDIIISEPMGYMLFNERMLESYLHAKKYLKPSGNM
FPTIGDVHLAPFTDEQLYMEQFTKANFWYQPSFHGVDLSALRGAAVDEYFRQPVVDTFDIRILMAKSVKYTVNFLEAKEG
DLHRIEIPFKFHMLHSGLVHGLAFWFDVAFIGSIMTVWLSTAPTEPLTHWYQVRCLFQSPLFAKAGDTLSGTCLLIANKR
QSYDISIVAQVDQTGSKSSNLLDLKNPFFRYTGTTPSPPP
;
_entity_poly.pdbx_strand_id   A,B,C,D
#
loop_
_chem_comp.id
_chem_comp.type
_chem_comp.name
_chem_comp.formula
867 non-polymer 'methyl 6-[4-[[~{N}-[3-[(2~{R},3~{S},4~{R},5~{R})-5-(6-aminopurin-9-yl)-3,4-bis(oxidanyl)oxolan-2-yl]propyl]carbamimidoyl]amino]butylcarbamoylamino]-4-oxidanyl-naphthalene-2-carboxylate' 'C30 H38 N10 O7'
EDO non-polymer 1,2-ETHANEDIOL 'C2 H6 O2'
#
# COMPACT_ATOMS: atom_id res chain seq x y z
N SER A 10 -39.27 -24.95 -5.49
CA SER A 10 -38.61 -24.74 -4.21
C SER A 10 -39.33 -23.70 -3.38
N VAL A 11 -39.21 -23.87 -2.05
CA VAL A 11 -39.82 -22.95 -1.11
C VAL A 11 -39.24 -21.55 -1.31
N PHE A 12 -37.97 -21.46 -1.67
CA PHE A 12 -37.38 -20.14 -1.85
C PHE A 12 -37.87 -19.49 -3.13
N SER A 13 -37.91 -20.23 -4.24
CA SER A 13 -38.30 -19.65 -5.51
C SER A 13 -39.77 -19.28 -5.54
N GLU A 14 -40.61 -20.00 -4.78
CA GLU A 14 -42.04 -19.71 -4.79
C GLU A 14 -42.38 -18.41 -4.08
N ARG A 15 -41.50 -17.93 -3.19
CA ARG A 15 -41.74 -16.72 -2.43
C ARG A 15 -40.89 -15.53 -2.89
N THR A 16 -40.12 -15.70 -3.96
CA THR A 16 -39.14 -14.70 -4.37
C THR A 16 -39.19 -14.51 -5.88
N GLU A 17 -39.40 -13.28 -6.32
CA GLU A 17 -39.30 -12.96 -7.74
C GLU A 17 -37.85 -13.15 -8.19
N GLU A 18 -37.68 -13.81 -9.36
CA GLU A 18 -36.35 -14.09 -9.87
C GLU A 18 -35.53 -12.82 -9.98
N SER A 19 -36.14 -11.71 -10.40
CA SER A 19 -35.41 -10.47 -10.57
C SER A 19 -34.81 -10.00 -9.25
N SER A 20 -35.53 -10.18 -8.15
CA SER A 20 -35.01 -9.75 -6.86
C SER A 20 -33.90 -10.68 -6.38
N ALA A 21 -34.02 -11.97 -6.64
CA ALA A 21 -33.02 -12.92 -6.16
C ALA A 21 -31.70 -12.71 -6.87
N VAL A 22 -31.72 -12.48 -8.18
CA VAL A 22 -30.51 -12.25 -8.95
C VAL A 22 -29.68 -11.12 -8.33
N GLN A 23 -30.31 -9.97 -8.13
CA GLN A 23 -29.61 -8.80 -7.60
C GLN A 23 -29.18 -9.04 -6.18
N TYR A 24 -29.99 -9.78 -5.42
CA TYR A 24 -29.68 -10.02 -4.02
C TYR A 24 -28.40 -10.82 -3.87
N PHE A 25 -28.26 -11.88 -4.67
CA PHE A 25 -27.06 -12.71 -4.54
C PHE A 25 -25.86 -12.10 -5.24
N GLN A 26 -26.07 -11.40 -6.35
CA GLN A 26 -24.99 -10.60 -6.94
C GLN A 26 -24.37 -9.71 -5.87
N PHE A 27 -25.21 -9.03 -5.07
CA PHE A 27 -24.72 -8.15 -4.02
C PHE A 27 -23.86 -8.90 -3.01
N TYR A 28 -24.30 -10.08 -2.58
CA TYR A 28 -23.57 -10.82 -1.55
C TYR A 28 -22.41 -11.63 -2.12
N GLY A 29 -22.20 -11.57 -3.42
CA GLY A 29 -21.04 -12.17 -4.02
C GLY A 29 -19.77 -11.35 -3.91
N TYR A 30 -19.86 -10.11 -3.43
CA TYR A 30 -18.73 -9.19 -3.42
C TYR A 30 -17.94 -9.37 -2.13
N LEU A 31 -16.62 -9.54 -2.26
CA LEU A 31 -15.76 -9.62 -1.08
C LEU A 31 -15.79 -8.33 -0.28
N SER A 32 -15.98 -7.18 -0.95
CA SER A 32 -16.05 -5.91 -0.24
C SER A 32 -17.22 -5.89 0.74
N GLN A 33 -18.32 -6.55 0.41
CA GLN A 33 -19.44 -6.64 1.35
C GLN A 33 -19.10 -7.57 2.51
N GLN A 34 -18.49 -8.72 2.21
CA GLN A 34 -17.94 -9.56 3.27
C GLN A 34 -17.01 -8.76 4.17
N GLN A 35 -16.11 -8.00 3.55
CA GLN A 35 -15.14 -7.21 4.30
C GLN A 35 -15.84 -6.22 5.22
N ASN A 36 -16.84 -5.50 4.70
CA ASN A 36 -17.54 -4.51 5.52
C ASN A 36 -18.18 -5.16 6.73
N MET A 37 -18.79 -6.33 6.55
CA MET A 37 -19.43 -7.03 7.66
C MET A 37 -18.39 -7.55 8.65
N MET A 38 -17.28 -8.10 8.15
CA MET A 38 -16.24 -8.63 9.03
C MET A 38 -15.59 -7.52 9.85
N GLN A 39 -15.52 -6.30 9.29
CA GLN A 39 -14.88 -5.20 9.99
C GLN A 39 -15.81 -4.56 11.02
N ASP A 40 -17.08 -4.95 11.05
CA ASP A 40 -17.98 -4.57 12.15
C ASP A 40 -17.57 -5.37 13.37
N TYR A 41 -16.82 -4.74 14.29
CA TYR A 41 -16.22 -5.49 15.38
C TYR A 41 -17.27 -5.99 16.37
N VAL A 42 -18.36 -5.25 16.54
CA VAL A 42 -19.45 -5.74 17.38
C VAL A 42 -20.04 -7.01 16.80
N ARG A 43 -20.22 -7.03 15.48
CA ARG A 43 -20.80 -8.20 14.81
C ARG A 43 -19.89 -9.41 14.92
N THR A 44 -18.70 -9.30 14.35
CA THR A 44 -17.79 -10.44 14.32
C THR A 44 -17.36 -10.86 15.73
N GLY A 45 -17.06 -9.90 16.59
CA GLY A 45 -16.55 -10.24 17.91
C GLY A 45 -17.59 -10.92 18.79
N THR A 46 -18.84 -10.48 18.68
CA THR A 46 -19.88 -11.05 19.51
C THR A 46 -20.21 -12.47 19.07
N TYR A 47 -20.20 -12.73 17.77
CA TYR A 47 -20.43 -14.07 17.27
C TYR A 47 -19.33 -15.01 17.75
N GLN A 48 -18.06 -14.61 17.60
CA GLN A 48 -16.97 -15.41 18.10
C GLN A 48 -17.11 -15.68 19.60
N ARG A 49 -17.44 -14.63 20.36
CA ARG A 49 -17.60 -14.80 21.80
C ARG A 49 -18.75 -15.75 22.11
N ALA A 50 -19.87 -15.59 21.40
CA ALA A 50 -21.01 -16.46 21.66
C ALA A 50 -20.66 -17.93 21.42
N ILE A 51 -19.87 -18.20 20.39
CA ILE A 51 -19.58 -19.58 20.01
C ILE A 51 -18.50 -20.18 20.90
N LEU A 52 -17.37 -19.48 21.03
CA LEU A 52 -16.25 -20.03 21.79
C LEU A 52 -16.58 -20.15 23.27
N GLN A 53 -17.28 -19.17 23.84
CA GLN A 53 -17.64 -19.23 25.25
C GLN A 53 -18.70 -20.29 25.54
N ASN A 54 -19.39 -20.79 24.50
CA ASN A 54 -20.33 -21.91 24.66
C ASN A 54 -19.77 -23.16 23.97
N HIS A 55 -18.49 -23.42 24.22
CA HIS A 55 -17.78 -24.43 23.45
C HIS A 55 -18.39 -25.82 23.58
N THR A 56 -19.07 -26.10 24.70
CA THR A 56 -19.69 -27.41 24.87
C THR A 56 -20.94 -27.59 24.01
N ASP A 57 -21.46 -26.52 23.41
CA ASP A 57 -22.48 -26.65 22.38
C ASP A 57 -21.89 -26.99 21.02
N PHE A 58 -20.57 -26.88 20.85
CA PHE A 58 -19.93 -27.19 19.58
C PHE A 58 -18.91 -28.33 19.63
N LYS A 59 -18.34 -28.63 20.80
CA LYS A 59 -17.31 -29.66 20.90
C LYS A 59 -17.78 -31.00 20.35
N ASP A 60 -17.18 -31.43 19.24
CA ASP A 60 -17.46 -32.70 18.59
C ASP A 60 -18.90 -32.81 18.10
N LYS A 61 -19.52 -31.68 17.80
CA LYS A 61 -20.89 -31.65 17.31
C LYS A 61 -20.94 -31.52 15.80
N ILE A 62 -22.14 -31.74 15.24
CA ILE A 62 -22.42 -31.49 13.83
C ILE A 62 -23.13 -30.14 13.72
N VAL A 63 -22.65 -29.29 12.83
CA VAL A 63 -23.12 -27.91 12.72
C VAL A 63 -23.59 -27.63 11.30
N LEU A 64 -24.65 -26.83 11.18
CA LEU A 64 -25.11 -26.26 9.92
C LEU A 64 -24.93 -24.75 9.97
N ASP A 65 -24.25 -24.19 8.97
CA ASP A 65 -24.02 -22.76 8.86
C ASP A 65 -24.83 -22.25 7.66
N VAL A 66 -25.87 -21.47 7.93
CA VAL A 66 -26.84 -21.06 6.91
C VAL A 66 -26.47 -19.67 6.41
N GLY A 67 -26.09 -19.60 5.13
CA GLY A 67 -25.68 -18.35 4.51
C GLY A 67 -24.33 -17.88 5.01
N CYS A 68 -23.34 -18.75 4.85
CA CYS A 68 -22.06 -18.58 5.54
C CYS A 68 -21.17 -17.49 4.95
N GLY A 69 -21.50 -16.96 3.78
CA GLY A 69 -20.63 -15.96 3.18
C GLY A 69 -19.21 -16.50 3.03
N SER A 70 -18.23 -15.73 3.51
CA SER A 70 -16.84 -16.16 3.41
C SER A 70 -16.54 -17.35 4.32
N GLY A 71 -17.44 -17.67 5.25
CA GLY A 71 -17.32 -18.84 6.10
C GLY A 71 -16.85 -18.59 7.53
N ILE A 72 -16.79 -17.33 7.97
CA ILE A 72 -16.10 -17.01 9.22
C ILE A 72 -16.78 -17.70 10.40
N LEU A 73 -18.12 -17.75 10.39
CA LEU A 73 -18.80 -18.40 11.50
C LEU A 73 -18.48 -19.88 11.55
N SER A 74 -18.27 -20.51 10.40
CA SER A 74 -17.86 -21.90 10.36
C SER A 74 -16.46 -22.08 10.96
N PHE A 75 -15.55 -21.14 10.68
CA PHE A 75 -14.23 -21.20 11.28
C PHE A 75 -14.32 -21.03 12.79
N PHE A 76 -15.22 -20.16 13.26
CA PHE A 76 -15.42 -20.03 14.70
C PHE A 76 -15.92 -21.34 15.30
N ALA A 77 -16.86 -22.01 14.62
CA ALA A 77 -17.34 -23.30 15.10
C ALA A 77 -16.22 -24.32 15.09
N ALA A 78 -15.30 -24.18 14.15
CA ALA A 78 -14.15 -25.07 14.13
C ALA A 78 -13.20 -24.76 15.28
N GLN A 79 -12.99 -23.47 15.55
CA GLN A 79 -12.17 -23.09 16.70
C GLN A 79 -12.77 -23.61 18.01
N ALA A 80 -14.08 -23.86 18.03
CA ALA A 80 -14.78 -24.34 19.22
C ALA A 80 -14.85 -25.86 19.28
N GLY A 81 -14.27 -26.55 18.29
CA GLY A 81 -14.12 -27.99 18.35
C GLY A 81 -15.14 -28.81 17.61
N ALA A 82 -15.97 -28.19 16.77
CA ALA A 82 -16.97 -28.94 16.03
C ALA A 82 -16.33 -30.05 15.21
N ARG A 83 -17.02 -31.19 15.13
CA ARG A 83 -16.50 -32.32 14.35
C ARG A 83 -16.80 -32.17 12.87
N LYS A 84 -17.96 -31.62 12.53
CA LYS A 84 -18.35 -31.44 11.13
C LYS A 84 -19.22 -30.20 11.02
N ILE A 85 -18.89 -29.34 10.07
CA ILE A 85 -19.63 -28.11 9.81
C ILE A 85 -20.05 -28.12 8.35
N TYR A 86 -21.34 -28.01 8.10
CA TYR A 86 -21.89 -27.87 6.75
C TYR A 86 -22.23 -26.40 6.56
N ALA A 87 -21.50 -25.75 5.64
CA ALA A 87 -21.61 -24.32 5.39
C ALA A 87 -22.30 -24.10 4.06
N VAL A 88 -23.53 -23.60 4.11
CA VAL A 88 -24.37 -23.44 2.93
C VAL A 88 -24.40 -21.98 2.55
N GLU A 89 -24.18 -21.69 1.27
CA GLU A 89 -24.15 -20.33 0.76
C GLU A 89 -24.58 -20.33 -0.71
N ALA A 90 -25.54 -19.48 -1.04
CA ALA A 90 -26.15 -19.48 -2.36
C ALA A 90 -25.49 -18.53 -3.35
N SER A 91 -24.80 -17.51 -2.87
CA SER A 91 -24.10 -16.60 -3.75
C SER A 91 -22.79 -17.22 -4.22
N THR A 92 -22.15 -16.54 -5.18
CA THR A 92 -20.84 -16.97 -5.64
C THR A 92 -19.80 -16.90 -4.52
N MET A 93 -20.08 -16.25 -3.41
CA MET A 93 -19.13 -16.27 -2.30
C MET A 93 -18.78 -17.67 -1.87
N ALA A 94 -19.61 -18.66 -2.21
CA ALA A 94 -19.33 -20.04 -1.82
C ALA A 94 -17.97 -20.50 -2.33
N GLN A 95 -17.61 -20.15 -3.57
CA GLN A 95 -16.31 -20.53 -4.11
C GLN A 95 -15.17 -19.96 -3.29
N HIS A 96 -15.35 -18.76 -2.74
CA HIS A 96 -14.30 -18.15 -1.94
C HIS A 96 -14.23 -18.76 -0.55
N ALA A 97 -15.38 -19.09 0.04
CA ALA A 97 -15.36 -19.86 1.28
C ALA A 97 -14.61 -21.18 1.09
N GLU A 98 -14.80 -21.84 -0.05
CA GLU A 98 -14.10 -23.10 -0.30
C GLU A 98 -12.59 -22.89 -0.32
N VAL A 99 -12.13 -21.80 -0.94
CA VAL A 99 -10.70 -21.54 -0.97
C VAL A 99 -10.16 -21.35 0.43
N LEU A 100 -10.90 -20.64 1.28
CA LEU A 100 -10.44 -20.39 2.64
C LEU A 100 -10.42 -21.67 3.47
N VAL A 101 -11.37 -22.57 3.25
CA VAL A 101 -11.37 -23.83 3.99
C VAL A 101 -10.14 -24.66 3.63
N LYS A 102 -9.77 -24.67 2.35
CA LYS A 102 -8.56 -25.39 1.93
C LYS A 102 -7.31 -24.72 2.49
N SER A 103 -7.18 -23.41 2.30
CA SER A 103 -5.97 -22.71 2.73
C SER A 103 -5.79 -22.75 4.24
N ASN A 104 -6.87 -22.92 5.00
CA ASN A 104 -6.80 -23.10 6.45
C ASN A 104 -6.75 -24.57 6.86
N ASN A 105 -6.50 -25.47 5.92
CA ASN A 105 -6.34 -26.90 6.17
C ASN A 105 -7.49 -27.47 7.02
N LEU A 106 -8.72 -27.15 6.62
CA LEU A 106 -9.90 -27.61 7.37
C LEU A 106 -10.90 -28.35 6.49
N THR A 107 -10.49 -28.80 5.29
CA THR A 107 -11.41 -29.54 4.44
C THR A 107 -12.00 -30.74 5.15
N ASP A 108 -11.29 -31.27 6.15
CA ASP A 108 -11.77 -32.44 6.89
C ASP A 108 -12.96 -32.12 7.79
N ARG A 109 -13.22 -30.84 8.06
CA ARG A 109 -14.24 -30.52 9.05
C ARG A 109 -15.30 -29.54 8.58
N ILE A 110 -14.98 -28.69 7.60
CA ILE A 110 -15.94 -27.77 7.00
C ILE A 110 -16.19 -28.21 5.57
N VAL A 111 -17.47 -28.43 5.24
CA VAL A 111 -17.89 -28.81 3.90
C VAL A 111 -18.78 -27.69 3.39
N VAL A 112 -18.30 -26.98 2.36
CA VAL A 112 -19.05 -25.90 1.75
C VAL A 112 -20.01 -26.50 0.73
N ILE A 113 -21.26 -26.08 0.81
CA ILE A 113 -22.32 -26.56 -0.06
C ILE A 113 -22.91 -25.36 -0.80
N PRO A 114 -22.56 -25.16 -2.06
CA PRO A 114 -23.15 -24.05 -2.83
C PRO A 114 -24.62 -24.29 -3.08
N GLY A 115 -25.43 -23.27 -2.81
CA GLY A 115 -26.84 -23.36 -3.10
C GLY A 115 -27.74 -22.73 -2.06
N LYS A 116 -29.03 -22.68 -2.36
CA LYS A 116 -30.02 -22.22 -1.40
C LYS A 116 -30.30 -23.31 -0.37
N VAL A 117 -30.38 -22.92 0.89
CA VAL A 117 -30.60 -23.91 1.94
C VAL A 117 -31.94 -24.60 1.75
N GLU A 118 -32.87 -23.95 1.04
CA GLU A 118 -34.13 -24.60 0.72
C GLU A 118 -34.00 -25.63 -0.39
N GLU A 119 -32.87 -25.69 -1.07
CA GLU A 119 -32.74 -26.56 -2.24
C GLU A 119 -31.62 -27.57 -2.13
N VAL A 120 -30.60 -27.31 -1.32
CA VAL A 120 -29.49 -28.24 -1.17
C VAL A 120 -29.96 -29.47 -0.41
N SER A 121 -29.12 -30.49 -0.35
CA SER A 121 -29.32 -31.66 0.49
C SER A 121 -28.14 -31.77 1.43
N LEU A 122 -28.43 -32.04 2.70
CA LEU A 122 -27.39 -32.32 3.68
C LEU A 122 -27.32 -33.83 3.92
N PRO A 123 -26.13 -34.39 4.14
CA PRO A 123 -26.04 -35.85 4.35
C PRO A 123 -26.62 -36.30 5.69
N GLU A 124 -26.75 -35.43 6.69
CA GLU A 124 -27.14 -35.87 8.02
C GLU A 124 -27.73 -34.71 8.81
N GLN A 125 -28.43 -35.05 9.88
CA GLN A 125 -28.98 -34.05 10.78
C GLN A 125 -27.89 -33.44 11.67
N VAL A 126 -28.15 -32.22 12.13
CA VAL A 126 -27.14 -31.44 12.83
C VAL A 126 -27.61 -31.15 14.26
N ASP A 127 -26.63 -30.87 15.12
CA ASP A 127 -26.94 -30.58 16.51
C ASP A 127 -27.27 -29.10 16.72
N ILE A 128 -26.69 -28.23 15.91
CA ILE A 128 -26.85 -26.79 16.10
C ILE A 128 -26.78 -26.09 14.74
N ILE A 129 -27.60 -25.06 14.58
CA ILE A 129 -27.59 -24.21 13.40
C ILE A 129 -27.05 -22.85 13.81
N ILE A 130 -26.11 -22.32 13.04
CA ILE A 130 -25.60 -20.98 13.25
C ILE A 130 -25.86 -20.18 11.99
N SER A 131 -26.10 -18.88 12.16
CA SER A 131 -26.44 -18.04 11.04
C SER A 131 -26.40 -16.59 11.49
N GLU A 132 -26.28 -15.70 10.52
CA GLU A 132 -26.52 -14.27 10.69
C GLU A 132 -27.67 -13.88 9.78
N PRO A 133 -28.90 -14.23 10.14
CA PRO A 133 -30.04 -14.00 9.25
C PRO A 133 -30.66 -12.62 9.36
N MET A 134 -30.14 -11.76 10.21
CA MET A 134 -30.80 -10.49 10.47
C MET A 134 -30.48 -9.49 9.37
N GLY A 135 -31.51 -8.85 8.85
CA GLY A 135 -31.35 -7.68 8.01
C GLY A 135 -31.68 -6.40 8.76
N TYR A 136 -31.70 -5.29 8.01
CA TYR A 136 -32.25 -4.05 8.56
C TYR A 136 -33.59 -4.33 9.23
N MET A 137 -33.83 -3.69 10.37
CA MET A 137 -35.08 -3.88 11.10
C MET A 137 -35.30 -5.35 11.46
N LEU A 138 -34.21 -6.12 11.44
CA LEU A 138 -34.22 -7.56 11.65
C LEU A 138 -34.79 -8.31 10.46
N PHE A 139 -35.99 -7.92 9.99
CA PHE A 139 -36.74 -8.76 9.07
C PHE A 139 -36.39 -8.56 7.60
N ASN A 140 -35.77 -7.45 7.24
CA ASN A 140 -35.46 -7.23 5.84
C ASN A 140 -34.63 -8.38 5.30
N GLU A 141 -34.86 -8.72 4.02
CA GLU A 141 -34.15 -9.74 3.26
C GLU A 141 -34.88 -11.07 3.36
N ARG A 142 -35.79 -11.20 4.33
CA ARG A 142 -36.55 -12.43 4.55
C ARG A 142 -35.63 -13.64 4.74
N MET A 143 -34.41 -13.39 5.25
CA MET A 143 -33.48 -14.48 5.55
C MET A 143 -33.89 -15.27 6.77
N LEU A 144 -34.64 -14.66 7.71
CA LEU A 144 -35.11 -15.41 8.87
C LEU A 144 -35.90 -16.64 8.45
N GLU A 145 -36.63 -16.55 7.35
CA GLU A 145 -37.41 -17.70 6.89
C GLU A 145 -36.50 -18.82 6.41
N SER A 146 -35.41 -18.49 5.72
CA SER A 146 -34.43 -19.52 5.37
C SER A 146 -33.83 -20.16 6.61
N TYR A 147 -33.51 -19.35 7.62
CA TYR A 147 -32.99 -19.85 8.89
C TYR A 147 -33.97 -20.81 9.55
N LEU A 148 -35.24 -20.44 9.60
CA LEU A 148 -36.24 -21.30 10.19
C LEU A 148 -36.45 -22.55 9.34
N HIS A 149 -36.50 -22.38 8.02
CA HIS A 149 -36.63 -23.52 7.11
C HIS A 149 -35.54 -24.55 7.36
N ALA A 150 -34.31 -24.11 7.64
CA ALA A 150 -33.20 -25.02 7.88
C ALA A 150 -33.44 -25.96 9.06
N LYS A 151 -34.43 -25.67 9.92
CA LYS A 151 -34.70 -26.54 11.06
C LYS A 151 -35.15 -27.93 10.64
N LYS A 152 -35.45 -28.15 9.36
CA LYS A 152 -35.72 -29.50 8.90
C LYS A 152 -34.50 -30.40 9.09
N TYR A 153 -33.31 -29.81 9.24
CA TYR A 153 -32.07 -30.54 9.42
C TYR A 153 -31.63 -30.62 10.88
N LEU A 154 -32.40 -30.03 11.79
CA LEU A 154 -32.02 -29.96 13.19
C LEU A 154 -32.55 -31.16 13.96
N LYS A 155 -31.71 -31.75 14.80
CA LYS A 155 -32.16 -32.83 15.64
C LYS A 155 -33.14 -32.30 16.68
N PRO A 156 -34.01 -33.18 17.20
CA PRO A 156 -34.90 -32.75 18.28
C PRO A 156 -34.18 -32.01 19.40
N SER A 157 -32.99 -32.46 19.80
CA SER A 157 -32.25 -31.76 20.85
C SER A 157 -31.78 -30.39 20.40
N GLY A 158 -31.85 -30.10 19.10
CA GLY A 158 -31.01 -29.09 18.49
C GLY A 158 -31.18 -27.70 19.06
N ASN A 159 -30.14 -26.90 18.87
CA ASN A 159 -30.09 -25.50 19.28
C ASN A 159 -29.93 -24.61 18.05
N MET A 160 -30.17 -23.31 18.25
CA MET A 160 -30.05 -22.30 17.21
C MET A 160 -29.26 -21.11 17.74
N PHE A 161 -28.30 -20.64 16.93
CA PHE A 161 -27.45 -19.50 17.27
C PHE A 161 -27.56 -18.51 16.11
N PRO A 162 -28.35 -17.42 16.26
CA PRO A 162 -29.06 -16.98 17.47
C PRO A 162 -30.33 -17.76 17.79
N THR A 163 -30.70 -17.72 19.07
CA THR A 163 -31.83 -18.49 19.58
C THR A 163 -33.12 -17.70 19.55
N ILE A 164 -33.05 -16.39 19.78
CA ILE A 164 -34.23 -15.52 19.74
C ILE A 164 -33.83 -14.16 19.20
N GLY A 165 -34.81 -13.45 18.69
CA GLY A 165 -34.61 -12.07 18.25
C GLY A 165 -35.71 -11.18 18.76
N ASP A 166 -35.30 -10.05 19.33
CA ASP A 166 -36.22 -9.04 19.84
C ASP A 166 -36.16 -7.81 18.95
N VAL A 167 -37.29 -7.44 18.34
CA VAL A 167 -37.41 -6.17 17.65
C VAL A 167 -38.02 -5.15 18.60
N HIS A 168 -37.44 -3.97 18.65
CA HIS A 168 -37.89 -2.90 19.53
C HIS A 168 -38.45 -1.75 18.70
N LEU A 169 -39.59 -1.22 19.16
CA LEU A 169 -40.23 -0.07 18.54
C LEU A 169 -40.38 1.03 19.59
N ALA A 170 -40.12 2.27 19.20
CA ALA A 170 -40.38 3.37 20.11
C ALA A 170 -40.70 4.64 19.32
N PRO A 171 -41.55 5.51 19.86
CA PRO A 171 -41.86 6.77 19.17
C PRO A 171 -40.75 7.79 19.35
N PHE A 172 -40.49 8.57 18.31
CA PHE A 172 -39.42 9.55 18.34
C PHE A 172 -39.95 10.90 17.88
N THR A 173 -39.26 11.96 18.31
CA THR A 173 -39.49 13.32 17.84
C THR A 173 -38.22 13.74 17.10
N ASP A 174 -38.38 14.18 15.85
CA ASP A 174 -37.27 14.71 15.08
C ASP A 174 -37.80 15.71 14.08
N GLU A 175 -38.03 16.94 14.55
CA GLU A 175 -38.55 18.01 13.70
C GLU A 175 -37.74 18.16 12.41
N GLN A 176 -36.41 18.12 12.53
CA GLN A 176 -35.56 18.36 11.37
C GLN A 176 -35.66 17.25 10.34
N LEU A 177 -35.74 15.99 10.79
CA LEU A 177 -35.92 14.89 9.84
C LEU A 177 -37.25 15.00 9.12
N TYR A 178 -38.30 15.41 9.86
CA TYR A 178 -39.61 15.55 9.25
C TYR A 178 -39.62 16.62 8.18
N MET A 179 -39.13 17.82 8.52
CA MET A 179 -39.21 18.96 7.61
C MET A 179 -38.35 18.75 6.38
N GLU A 180 -37.22 18.04 6.53
CA GLU A 180 -36.34 17.72 5.40
C GLU A 180 -37.11 17.10 4.24
N GLN A 181 -38.12 16.27 4.53
CA GLN A 181 -38.89 15.63 3.47
C GLN A 181 -39.52 16.68 2.54
N PHE A 182 -40.12 17.71 3.13
CA PHE A 182 -40.77 18.72 2.31
C PHE A 182 -39.78 19.66 1.66
N THR A 183 -38.66 19.95 2.32
CA THR A 183 -37.61 20.73 1.68
C THR A 183 -37.16 20.05 0.39
N LYS A 184 -36.94 18.74 0.44
CA LYS A 184 -36.56 17.99 -0.76
C LYS A 184 -37.68 18.03 -1.80
N ALA A 185 -38.91 17.71 -1.39
CA ALA A 185 -40.02 17.64 -2.34
C ALA A 185 -40.34 19.01 -2.93
N ASN A 186 -40.11 20.08 -2.18
CA ASN A 186 -40.46 21.40 -2.68
C ASN A 186 -39.61 21.82 -3.87
N PHE A 187 -38.61 21.02 -4.25
CA PHE A 187 -37.96 21.25 -5.53
C PHE A 187 -38.99 21.33 -6.64
N TRP A 188 -40.01 20.49 -6.56
CA TRP A 188 -41.05 20.47 -7.59
C TRP A 188 -42.05 21.60 -7.47
N TYR A 189 -42.08 22.34 -6.37
CA TYR A 189 -43.06 23.40 -6.20
C TYR A 189 -42.52 24.73 -6.75
N GLN A 190 -42.35 24.76 -8.06
CA GLN A 190 -41.98 26.02 -8.68
C GLN A 190 -42.68 26.17 -10.02
N PRO A 191 -43.10 27.39 -10.36
CA PRO A 191 -43.95 27.59 -11.54
C PRO A 191 -43.21 27.60 -12.87
N SER A 192 -41.89 27.80 -12.86
CA SER A 192 -41.18 27.97 -14.12
C SER A 192 -39.73 27.48 -13.96
N PHE A 193 -39.60 26.17 -13.79
CA PHE A 193 -38.30 25.50 -13.92
C PHE A 193 -37.94 25.48 -15.40
N HIS A 194 -37.12 26.41 -15.84
CA HIS A 194 -36.75 26.51 -17.25
C HIS A 194 -38.01 26.63 -18.12
N GLY A 195 -39.04 27.28 -17.61
CA GLY A 195 -40.25 27.46 -18.36
C GLY A 195 -41.35 26.47 -18.05
N VAL A 196 -41.06 25.42 -17.29
CA VAL A 196 -42.03 24.35 -17.02
C VAL A 196 -42.53 24.47 -15.59
N ASP A 197 -43.85 24.41 -15.42
CA ASP A 197 -44.48 24.42 -14.11
C ASP A 197 -44.46 23.00 -13.56
N LEU A 198 -43.64 22.76 -12.55
CA LEU A 198 -43.47 21.43 -11.99
C LEU A 198 -44.40 21.14 -10.82
N SER A 199 -45.19 22.10 -10.38
CA SER A 199 -45.83 22.00 -9.07
C SER A 199 -46.76 20.81 -8.93
N ALA A 200 -47.35 20.32 -10.03
CA ALA A 200 -48.33 19.25 -9.94
C ALA A 200 -47.72 17.95 -9.42
N LEU A 201 -46.40 17.81 -9.45
CA LEU A 201 -45.76 16.61 -8.98
C LEU A 201 -45.27 16.71 -7.54
N ARG A 202 -45.52 17.85 -6.87
CA ARG A 202 -45.03 18.01 -5.51
C ARG A 202 -45.63 16.97 -4.58
N GLY A 203 -46.93 16.72 -4.68
CA GLY A 203 -47.56 15.74 -3.83
C GLY A 203 -46.98 14.36 -3.99
N ALA A 204 -46.76 13.94 -5.25
CA ALA A 204 -46.15 12.64 -5.50
C ALA A 204 -44.73 12.57 -4.95
N ALA A 205 -43.98 13.67 -5.06
CA ALA A 205 -42.61 13.66 -4.53
C ALA A 205 -42.62 13.50 -3.02
N VAL A 206 -43.53 14.21 -2.35
CA VAL A 206 -43.71 14.03 -0.91
C VAL A 206 -44.03 12.57 -0.60
N ASP A 207 -45.00 12.00 -1.31
CA ASP A 207 -45.40 10.62 -1.06
C ASP A 207 -44.21 9.69 -1.19
N GLU A 208 -43.40 9.90 -2.23
CA GLU A 208 -42.27 9.01 -2.48
C GLU A 208 -41.27 9.06 -1.33
N TYR A 209 -40.97 10.25 -0.81
CA TYR A 209 -40.02 10.32 0.28
C TYR A 209 -40.54 9.63 1.54
N PHE A 210 -41.84 9.73 1.82
CA PHE A 210 -42.37 9.22 3.07
C PHE A 210 -42.50 7.70 3.06
N ARG A 211 -42.51 7.08 1.90
CA ARG A 211 -42.56 5.63 1.84
C ARG A 211 -41.24 4.97 2.17
N GLN A 212 -40.16 5.74 2.34
CA GLN A 212 -38.83 5.18 2.55
C GLN A 212 -38.54 5.11 4.05
N PRO A 213 -38.27 3.94 4.62
CA PRO A 213 -37.69 3.92 5.96
C PRO A 213 -36.32 4.58 5.95
N VAL A 214 -36.02 5.31 7.01
CA VAL A 214 -34.76 6.06 7.10
C VAL A 214 -33.77 5.21 7.89
N VAL A 215 -32.69 4.80 7.24
CA VAL A 215 -31.61 4.06 7.88
C VAL A 215 -30.53 5.04 8.29
N ASP A 216 -30.26 5.09 9.58
CA ASP A 216 -29.59 6.20 10.23
C ASP A 216 -29.36 5.76 11.67
N THR A 217 -28.48 6.49 12.36
CA THR A 217 -28.45 6.42 13.81
C THR A 217 -28.90 7.77 14.36
N PHE A 218 -29.10 7.82 15.67
CA PHE A 218 -29.67 9.00 16.30
C PHE A 218 -29.39 8.99 17.80
N ASP A 219 -29.58 10.16 18.41
CA ASP A 219 -29.41 10.33 19.84
C ASP A 219 -30.65 9.79 20.56
N ILE A 220 -30.42 8.98 21.60
CA ILE A 220 -31.53 8.35 22.30
C ILE A 220 -32.48 9.36 22.90
N ARG A 221 -32.06 10.63 23.03
CA ARG A 221 -32.93 11.65 23.61
C ARG A 221 -34.11 11.99 22.73
N ILE A 222 -34.12 11.55 21.47
CA ILE A 222 -35.28 11.80 20.62
C ILE A 222 -36.41 10.83 20.92
N LEU A 223 -36.16 9.77 21.70
CA LEU A 223 -37.17 8.77 22.02
C LEU A 223 -38.10 9.31 23.11
N MET A 224 -39.40 9.11 22.92
CA MET A 224 -40.39 9.71 23.80
C MET A 224 -41.11 8.71 24.69
N ALA A 225 -40.86 7.41 24.51
CA ALA A 225 -41.45 6.41 25.39
C ALA A 225 -40.56 5.18 25.42
N LYS A 226 -40.63 4.45 26.54
CA LYS A 226 -39.92 3.18 26.65
C LYS A 226 -40.35 2.27 25.51
N SER A 227 -39.39 1.54 24.96
CA SER A 227 -39.66 0.73 23.78
C SER A 227 -40.63 -0.41 24.06
N VAL A 228 -41.31 -0.86 23.02
CA VAL A 228 -42.13 -2.06 23.04
C VAL A 228 -41.39 -3.13 22.24
N LYS A 229 -41.47 -4.37 22.69
CA LYS A 229 -40.65 -5.46 22.18
C LYS A 229 -41.53 -6.53 21.55
N TYR A 230 -41.10 -7.02 20.38
CA TYR A 230 -41.72 -8.16 19.72
C TYR A 230 -40.65 -9.22 19.49
N THR A 231 -40.91 -10.42 19.99
CA THR A 231 -39.90 -11.46 20.09
C THR A 231 -40.21 -12.60 19.14
N VAL A 232 -39.19 -13.04 18.41
CA VAL A 232 -39.25 -14.27 17.63
C VAL A 232 -38.33 -15.28 18.30
N ASN A 233 -38.92 -16.40 18.72
CA ASN A 233 -38.16 -17.54 19.24
C ASN A 233 -37.87 -18.48 18.07
N PHE A 234 -36.61 -18.49 17.62
CA PHE A 234 -36.26 -19.26 16.42
C PHE A 234 -36.36 -20.75 16.65
N LEU A 235 -36.34 -21.20 17.91
CA LEU A 235 -36.52 -22.60 18.21
C LEU A 235 -37.96 -23.05 18.00
N GLU A 236 -38.93 -22.15 18.09
CA GLU A 236 -40.34 -22.49 17.99
C GLU A 236 -41.02 -21.94 16.74
N ALA A 237 -40.57 -20.81 16.22
CA ALA A 237 -41.27 -20.18 15.11
C ALA A 237 -41.23 -21.07 13.87
N LYS A 238 -42.22 -20.89 13.00
CA LYS A 238 -42.20 -21.50 11.68
C LYS A 238 -42.16 -20.42 10.61
N GLU A 239 -41.76 -20.84 9.41
CA GLU A 239 -41.60 -19.89 8.32
C GLU A 239 -42.82 -19.00 8.15
N GLY A 240 -44.00 -19.62 8.03
CA GLY A 240 -45.22 -18.87 7.76
C GLY A 240 -45.58 -17.86 8.83
N ASP A 241 -45.00 -18.01 10.03
CA ASP A 241 -45.23 -17.03 11.08
C ASP A 241 -44.69 -15.65 10.70
N LEU A 242 -43.77 -15.59 9.73
CA LEU A 242 -43.12 -14.34 9.36
C LEU A 242 -43.73 -13.71 8.12
N HIS A 243 -44.76 -14.33 7.53
CA HIS A 243 -45.40 -13.77 6.35
C HIS A 243 -46.26 -12.56 6.71
N ARG A 244 -46.82 -12.54 7.93
CA ARG A 244 -47.68 -11.46 8.42
C ARG A 244 -47.28 -11.20 9.85
N ILE A 245 -46.60 -10.09 10.11
CA ILE A 245 -46.11 -9.77 11.46
C ILE A 245 -46.88 -8.57 11.96
N GLU A 246 -47.73 -8.79 12.96
CA GLU A 246 -48.53 -7.73 13.58
C GLU A 246 -47.92 -7.41 14.93
N ILE A 247 -47.49 -6.16 15.09
CA ILE A 247 -46.86 -5.72 16.34
C ILE A 247 -47.77 -4.66 16.96
N PRO A 248 -48.64 -5.04 17.89
CA PRO A 248 -49.41 -4.02 18.62
C PRO A 248 -48.49 -3.23 19.53
N PHE A 249 -48.90 -1.99 19.80
CA PHE A 249 -48.13 -1.18 20.75
C PHE A 249 -49.05 -0.23 21.49
N LYS A 250 -48.68 0.06 22.73
CA LYS A 250 -49.36 1.02 23.59
C LYS A 250 -48.23 1.73 24.34
N PHE A 251 -47.77 2.85 23.78
CA PHE A 251 -46.70 3.62 24.39
C PHE A 251 -47.27 4.57 25.42
N HIS A 252 -46.57 4.66 26.53
CA HIS A 252 -46.89 5.62 27.58
C HIS A 252 -45.83 6.72 27.47
N MET A 253 -46.27 7.91 27.07
CA MET A 253 -45.34 8.97 26.68
C MET A 253 -44.57 9.50 27.89
N LEU A 254 -43.25 9.39 27.84
CA LEU A 254 -42.39 9.93 28.88
C LEU A 254 -42.17 11.44 28.73
N HIS A 255 -42.42 11.98 27.55
CA HIS A 255 -42.22 13.39 27.27
C HIS A 255 -43.33 13.93 26.39
N SER A 256 -43.60 15.23 26.50
CA SER A 256 -44.60 15.88 25.67
C SER A 256 -43.93 16.46 24.44
N GLY A 257 -44.59 16.31 23.30
CA GLY A 257 -44.07 16.85 22.06
C GLY A 257 -44.79 16.25 20.87
N LEU A 258 -44.23 16.50 19.70
CA LEU A 258 -44.77 15.98 18.45
C LEU A 258 -44.05 14.68 18.10
N VAL A 259 -44.82 13.63 17.93
CA VAL A 259 -44.31 12.33 17.51
C VAL A 259 -44.27 12.32 15.99
N HIS A 260 -43.07 12.17 15.42
CA HIS A 260 -42.94 12.16 13.97
C HIS A 260 -42.83 10.76 13.38
N GLY A 261 -42.73 9.72 14.20
CA GLY A 261 -42.64 8.38 13.65
C GLY A 261 -42.22 7.39 14.71
N LEU A 262 -41.90 6.19 14.24
CA LEU A 262 -41.45 5.10 15.09
C LEU A 262 -40.02 4.71 14.72
N ALA A 263 -39.19 4.50 15.74
CA ALA A 263 -37.82 4.00 15.58
C ALA A 263 -37.76 2.50 15.83
N PHE A 264 -36.90 1.83 15.05
CA PHE A 264 -36.78 0.38 15.14
C PHE A 264 -35.34 -0.03 15.38
N TRP A 265 -35.17 -1.06 16.21
CA TRP A 265 -33.89 -1.73 16.34
C TRP A 265 -34.13 -3.15 16.84
N PHE A 266 -33.05 -3.89 17.01
CA PHE A 266 -33.22 -5.28 17.43
C PHE A 266 -31.99 -5.79 18.15
N ASP A 267 -32.24 -6.78 19.02
CA ASP A 267 -31.21 -7.59 19.66
C ASP A 267 -31.46 -9.06 19.31
N VAL A 268 -30.39 -9.85 19.31
CA VAL A 268 -30.52 -11.30 19.27
C VAL A 268 -29.72 -11.88 20.44
N ALA A 269 -30.14 -13.04 20.90
CA ALA A 269 -29.49 -13.74 21.99
C ALA A 269 -29.04 -15.12 21.52
N PHE A 270 -27.81 -15.46 21.85
CA PHE A 270 -27.29 -16.82 21.69
C PHE A 270 -27.40 -17.49 23.05
N ILE A 271 -28.40 -18.35 23.21
CA ILE A 271 -28.71 -19.00 24.48
C ILE A 271 -27.96 -20.33 24.49
N GLY A 272 -26.77 -20.33 25.11
CA GLY A 272 -25.92 -21.49 25.14
C GLY A 272 -26.01 -22.25 26.45
N SER A 273 -25.43 -23.45 26.45
CA SER A 273 -25.42 -24.25 27.66
C SER A 273 -24.63 -23.58 28.78
N ILE A 274 -23.55 -22.89 28.44
CA ILE A 274 -22.72 -22.26 29.46
C ILE A 274 -23.17 -20.83 29.72
N MET A 275 -23.64 -20.10 28.71
CA MET A 275 -24.06 -18.73 28.94
C MET A 275 -24.88 -18.24 27.77
N THR A 276 -25.55 -17.12 28.00
CA THR A 276 -26.30 -16.39 26.98
C THR A 276 -25.53 -15.13 26.63
N VAL A 277 -25.25 -14.94 25.35
CA VAL A 277 -24.57 -13.77 24.83
C VAL A 277 -25.55 -13.01 23.96
N TRP A 278 -25.55 -11.69 24.11
CA TRP A 278 -26.44 -10.80 23.36
C TRP A 278 -25.67 -9.99 22.34
N LEU A 279 -26.27 -9.84 21.16
CA LEU A 279 -25.83 -8.90 20.14
C LEU A 279 -26.94 -7.86 20.02
N SER A 280 -26.63 -6.60 20.32
CA SER A 280 -27.63 -5.54 20.34
C SER A 280 -27.28 -4.45 19.33
N THR A 281 -28.29 -4.01 18.58
CA THR A 281 -28.16 -2.88 17.67
C THR A 281 -28.88 -1.64 18.18
N ALA A 282 -29.14 -1.57 19.48
CA ALA A 282 -29.91 -0.47 20.04
C ALA A 282 -29.11 0.83 19.97
N PRO A 283 -29.80 1.98 19.90
CA PRO A 283 -29.09 3.26 19.84
C PRO A 283 -28.30 3.58 21.10
N THR A 284 -28.52 2.83 22.19
CA THR A 284 -27.70 2.94 23.40
C THR A 284 -26.40 2.16 23.30
N GLU A 285 -26.21 1.38 22.24
CA GLU A 285 -25.05 0.53 22.05
C GLU A 285 -24.19 1.06 20.93
N PRO A 286 -22.93 0.62 20.85
CA PRO A 286 -22.07 1.06 19.74
C PRO A 286 -22.70 0.73 18.39
N LEU A 287 -22.46 1.62 17.41
CA LEU A 287 -23.11 1.50 16.11
C LEU A 287 -22.64 0.24 15.39
N THR A 288 -23.56 -0.39 14.67
CA THR A 288 -23.29 -1.55 13.84
C THR A 288 -23.69 -1.23 12.41
N HIS A 289 -23.30 -2.11 11.48
CA HIS A 289 -23.71 -1.90 10.10
C HIS A 289 -25.19 -2.15 9.88
N TRP A 290 -25.94 -2.48 10.94
CA TRP A 290 -27.40 -2.48 10.86
C TRP A 290 -28.00 -1.12 11.21
N TYR A 291 -27.22 -0.22 11.84
CA TYR A 291 -27.72 1.10 12.21
C TYR A 291 -29.02 0.98 13.01
N GLN A 292 -29.93 1.91 12.79
CA GLN A 292 -31.29 1.84 13.30
C GLN A 292 -32.19 2.33 12.18
N VAL A 293 -33.49 2.07 12.32
CA VAL A 293 -34.46 2.37 11.26
C VAL A 293 -35.57 3.24 11.84
N ARG A 294 -35.97 4.28 11.10
CA ARG A 294 -37.07 5.14 11.49
C ARG A 294 -38.08 5.24 10.36
N CYS A 295 -39.36 5.09 10.72
CA CYS A 295 -40.49 5.24 9.80
C CYS A 295 -41.28 6.45 10.27
N LEU A 296 -41.42 7.45 9.41
CA LEU A 296 -42.12 8.66 9.76
C LEU A 296 -43.62 8.48 9.60
N PHE A 297 -44.37 9.18 10.43
CA PHE A 297 -45.80 9.34 10.20
C PHE A 297 -46.05 10.41 9.15
N GLN A 298 -47.12 10.24 8.39
CA GLN A 298 -47.50 11.24 7.39
C GLN A 298 -47.67 12.61 8.05
N SER A 299 -48.37 12.65 9.19
CA SER A 299 -48.61 13.86 9.95
C SER A 299 -48.16 13.60 11.38
N PRO A 300 -47.39 14.50 11.99
CA PRO A 300 -46.98 14.28 13.39
C PRO A 300 -48.20 14.19 14.29
N LEU A 301 -48.00 13.56 15.45
CA LEU A 301 -49.04 13.43 16.46
C LEU A 301 -48.56 14.13 17.71
N PHE A 302 -49.34 15.08 18.20
CA PHE A 302 -49.02 15.71 19.48
C PHE A 302 -49.48 14.81 20.61
N ALA A 303 -48.61 14.60 21.59
CA ALA A 303 -48.94 13.85 22.79
C ALA A 303 -48.30 14.55 23.97
N LYS A 304 -48.97 14.46 25.11
CA LYS A 304 -48.45 14.98 26.36
C LYS A 304 -47.88 13.84 27.19
N ALA A 305 -46.87 14.15 28.01
CA ALA A 305 -46.35 13.17 28.94
C ALA A 305 -47.49 12.53 29.71
N GLY A 306 -47.49 11.21 29.76
CA GLY A 306 -48.55 10.48 30.42
C GLY A 306 -49.70 10.09 29.52
N ASP A 307 -49.83 10.71 28.35
CA ASP A 307 -50.75 10.22 27.35
C ASP A 307 -50.35 8.83 26.89
N THR A 308 -51.19 8.23 26.06
CA THR A 308 -50.95 6.89 25.55
C THR A 308 -51.07 6.92 24.03
N LEU A 309 -50.05 6.39 23.36
CA LEU A 309 -49.99 6.30 21.91
C LEU A 309 -50.09 4.82 21.53
N SER A 310 -51.21 4.44 20.93
CA SER A 310 -51.51 3.04 20.66
C SER A 310 -51.77 2.86 19.18
N GLY A 311 -51.55 1.63 18.72
CA GLY A 311 -51.73 1.33 17.32
C GLY A 311 -51.06 0.01 16.99
N THR A 312 -50.75 -0.17 15.70
CA THR A 312 -50.13 -1.40 15.27
C THR A 312 -49.14 -1.12 14.15
N CYS A 313 -48.08 -1.92 14.14
CA CYS A 313 -47.15 -2.02 13.02
C CYS A 313 -47.40 -3.36 12.36
N LEU A 314 -47.88 -3.35 11.13
CA LEU A 314 -48.15 -4.57 10.38
C LEU A 314 -47.11 -4.70 9.29
N LEU A 315 -46.35 -5.78 9.32
CA LEU A 315 -45.35 -6.09 8.29
C LEU A 315 -45.85 -7.24 7.44
N ILE A 316 -45.95 -7.00 6.13
CA ILE A 316 -46.49 -7.98 5.20
C ILE A 316 -45.38 -8.35 4.23
N ALA A 317 -44.94 -9.61 4.27
CA ALA A 317 -43.88 -10.06 3.38
C ALA A 317 -44.30 -9.94 1.92
N ASN A 318 -43.36 -9.51 1.07
CA ASN A 318 -43.53 -9.45 -0.36
C ASN A 318 -42.46 -10.29 -1.04
N LYS A 319 -42.60 -10.49 -2.34
CA LYS A 319 -41.74 -11.37 -3.10
C LYS A 319 -40.44 -10.70 -3.54
N ARG A 320 -40.14 -9.49 -3.04
CA ARG A 320 -38.85 -8.85 -3.26
C ARG A 320 -37.97 -8.96 -2.03
N GLN A 321 -38.19 -10.01 -1.23
CA GLN A 321 -37.36 -10.33 -0.07
C GLN A 321 -37.40 -9.23 0.97
N SER A 322 -38.57 -8.65 1.18
CA SER A 322 -38.71 -7.58 2.15
C SER A 322 -40.18 -7.52 2.58
N TYR A 323 -40.59 -6.36 3.09
CA TYR A 323 -41.90 -6.22 3.70
C TYR A 323 -42.52 -4.90 3.28
N ASP A 324 -43.82 -4.93 3.11
CA ASP A 324 -44.64 -3.73 3.12
C ASP A 324 -44.98 -3.42 4.57
N ILE A 325 -44.71 -2.18 4.99
CA ILE A 325 -44.87 -1.75 6.38
C ILE A 325 -46.09 -0.85 6.46
N SER A 326 -47.06 -1.23 7.30
CA SER A 326 -48.21 -0.38 7.56
C SER A 326 -48.21 -0.04 9.05
N ILE A 327 -48.16 1.25 9.36
CA ILE A 327 -48.17 1.72 10.74
C ILE A 327 -49.36 2.65 10.93
N VAL A 328 -50.15 2.37 11.97
CA VAL A 328 -51.29 3.19 12.35
C VAL A 328 -51.13 3.52 13.82
N ALA A 329 -51.38 4.78 14.19
CA ALA A 329 -51.21 5.22 15.57
C ALA A 329 -52.21 6.32 15.91
N GLN A 330 -52.67 6.31 17.15
CA GLN A 330 -53.56 7.35 17.64
C GLN A 330 -53.17 7.67 19.08
N VAL A 331 -53.35 8.94 19.45
CA VAL A 331 -53.22 9.38 20.83
C VAL A 331 -54.59 9.16 21.48
N ASP A 332 -54.65 8.23 22.43
CA ASP A 332 -55.94 7.82 22.99
C ASP A 332 -56.69 9.00 23.59
N GLN A 333 -55.99 9.86 24.32
CA GLN A 333 -56.67 10.94 25.04
C GLN A 333 -57.30 11.96 24.10
N THR A 334 -56.85 12.06 22.85
CA THR A 334 -57.34 13.08 21.93
C THR A 334 -57.95 12.52 20.65
N GLY A 335 -57.65 11.29 20.28
CA GLY A 335 -58.19 10.72 19.07
C GLY A 335 -57.44 11.06 17.80
N SER A 336 -56.48 11.98 17.86
CA SER A 336 -55.71 12.31 16.67
C SER A 336 -54.99 11.07 16.17
N LYS A 337 -55.11 10.81 14.87
CA LYS A 337 -54.64 9.57 14.28
C LYS A 337 -53.73 9.86 13.10
N SER A 338 -52.77 8.95 12.88
CA SER A 338 -51.90 9.03 11.72
C SER A 338 -51.59 7.60 11.26
N SER A 339 -51.21 7.48 9.99
CA SER A 339 -50.86 6.21 9.35
C SER A 339 -49.54 6.42 8.61
N ASN A 340 -49.11 5.40 7.85
CA ASN A 340 -48.06 5.51 6.84
C ASN A 340 -47.85 4.12 6.25
N LEU A 341 -47.60 4.07 4.95
CA LEU A 341 -47.26 2.83 4.25
C LEU A 341 -45.84 3.01 3.75
N LEU A 342 -44.97 2.03 4.02
CA LEU A 342 -43.56 2.17 3.66
C LEU A 342 -43.08 0.88 3.00
N ASP A 343 -42.08 1.05 2.13
CA ASP A 343 -41.44 -0.06 1.43
C ASP A 343 -40.09 -0.33 2.07
N LEU A 344 -40.02 -1.36 2.90
CA LEU A 344 -38.75 -1.68 3.52
C LEU A 344 -37.68 -2.03 2.49
N LYS A 345 -38.08 -2.41 1.27
CA LYS A 345 -37.10 -2.81 0.27
C LYS A 345 -36.24 -1.64 -0.19
N ASN A 346 -36.73 -0.41 -0.08
CA ASN A 346 -36.06 0.77 -0.62
C ASN A 346 -35.83 1.78 0.51
N PRO A 347 -34.95 1.47 1.45
CA PRO A 347 -34.66 2.43 2.53
C PRO A 347 -33.93 3.65 1.98
N PHE A 348 -34.04 4.75 2.72
CA PHE A 348 -33.20 5.92 2.46
C PHE A 348 -32.03 5.88 3.43
N PHE A 349 -30.81 5.75 2.90
CA PHE A 349 -29.61 5.72 3.75
C PHE A 349 -29.19 7.16 4.03
N ARG A 350 -29.44 7.61 5.25
CA ARG A 350 -29.21 9.00 5.64
C ARG A 350 -27.93 9.21 6.41
N TYR A 351 -27.32 8.13 6.91
CA TYR A 351 -26.13 8.25 7.74
C TYR A 351 -25.06 9.08 7.04
N THR A 352 -24.34 9.88 7.83
CA THR A 352 -23.36 10.81 7.30
C THR A 352 -21.94 10.44 7.68
N ARG B 9 -39.75 -11.12 -30.60
CA ARG B 9 -38.97 -10.76 -29.41
C ARG B 9 -38.34 -9.39 -29.63
N SER B 10 -38.60 -8.46 -28.70
CA SER B 10 -38.11 -7.10 -28.86
C SER B 10 -36.59 -7.08 -28.86
N VAL B 11 -36.04 -6.18 -29.67
CA VAL B 11 -34.60 -5.97 -29.68
C VAL B 11 -34.10 -5.70 -28.27
N PHE B 12 -34.92 -5.00 -27.47
CA PHE B 12 -34.46 -4.63 -26.13
C PHE B 12 -34.33 -5.87 -25.25
N SER B 13 -35.40 -6.68 -25.18
CA SER B 13 -35.37 -7.85 -24.31
C SER B 13 -34.33 -8.88 -24.74
N GLU B 14 -34.03 -8.97 -26.05
CA GLU B 14 -33.06 -9.94 -26.51
C GLU B 14 -31.64 -9.60 -26.03
N ARG B 15 -31.34 -8.31 -25.84
CA ARG B 15 -30.01 -7.90 -25.39
C ARG B 15 -29.95 -7.65 -23.89
N THR B 16 -31.04 -7.84 -23.16
CA THR B 16 -31.12 -7.39 -21.78
C THR B 16 -31.67 -8.51 -20.89
N GLU B 17 -30.90 -8.86 -19.85
CA GLU B 17 -31.40 -9.73 -18.80
C GLU B 17 -32.58 -9.05 -18.11
N GLU B 18 -33.64 -9.82 -17.85
CA GLU B 18 -34.84 -9.22 -17.27
C GLU B 18 -34.54 -8.66 -15.88
N SER B 19 -33.74 -9.37 -15.09
CA SER B 19 -33.41 -8.89 -13.75
C SER B 19 -32.71 -7.54 -13.83
N SER B 20 -31.93 -7.30 -14.89
CA SER B 20 -31.27 -6.01 -15.02
C SER B 20 -32.26 -4.93 -15.42
N ALA B 21 -33.21 -5.26 -16.30
CA ALA B 21 -34.15 -4.26 -16.76
C ALA B 21 -35.09 -3.84 -15.63
N VAL B 22 -35.45 -4.78 -14.75
CA VAL B 22 -36.38 -4.47 -13.67
C VAL B 22 -35.74 -3.46 -12.71
N GLN B 23 -34.51 -3.74 -12.27
CA GLN B 23 -33.80 -2.78 -11.42
C GLN B 23 -33.62 -1.45 -12.14
N TYR B 24 -33.22 -1.50 -13.41
CA TYR B 24 -32.89 -0.28 -14.14
C TYR B 24 -34.09 0.66 -14.20
N PHE B 25 -35.23 0.15 -14.64
CA PHE B 25 -36.39 1.03 -14.80
C PHE B 25 -37.03 1.39 -13.48
N GLN B 26 -36.87 0.57 -12.44
CA GLN B 26 -37.32 0.98 -11.11
C GLN B 26 -36.52 2.19 -10.63
N PHE B 27 -35.19 2.15 -10.83
CA PHE B 27 -34.31 3.26 -10.45
C PHE B 27 -34.77 4.56 -11.10
N TYR B 28 -35.11 4.50 -12.39
CA TYR B 28 -35.50 5.70 -13.11
C TYR B 28 -36.96 6.08 -12.91
N GLY B 29 -37.73 5.29 -12.15
CA GLY B 29 -39.08 5.69 -11.83
C GLY B 29 -39.19 6.65 -10.66
N TYR B 30 -38.07 6.93 -9.98
CA TYR B 30 -38.09 7.72 -8.76
C TYR B 30 -37.97 9.20 -9.08
N LEU B 31 -38.90 10.00 -8.55
CA LEU B 31 -38.83 11.44 -8.77
C LEU B 31 -37.54 12.02 -8.23
N SER B 32 -37.02 11.42 -7.14
CA SER B 32 -35.79 11.95 -6.56
C SER B 32 -34.64 11.85 -7.54
N GLN B 33 -34.60 10.80 -8.36
CA GLN B 33 -33.56 10.69 -9.39
C GLN B 33 -33.78 11.71 -10.49
N GLN B 34 -35.04 11.95 -10.85
CA GLN B 34 -35.33 13.00 -11.82
C GLN B 34 -34.82 14.35 -11.33
N GLN B 35 -35.08 14.67 -10.06
CA GLN B 35 -34.62 15.93 -9.50
C GLN B 35 -33.10 16.02 -9.53
N ASN B 36 -32.41 14.94 -9.15
CA ASN B 36 -30.96 14.97 -9.21
C ASN B 36 -30.47 15.34 -10.59
N MET B 37 -31.05 14.74 -11.63
CA MET B 37 -30.62 15.03 -13.00
C MET B 37 -31.05 16.41 -13.43
N MET B 38 -32.27 16.81 -13.10
CA MET B 38 -32.75 18.12 -13.55
C MET B 38 -31.96 19.26 -12.89
N GLN B 39 -31.48 19.06 -11.68
CA GLN B 39 -30.73 20.12 -10.99
C GLN B 39 -29.30 20.26 -11.52
N ASP B 40 -28.85 19.38 -12.39
CA ASP B 40 -27.61 19.63 -13.14
C ASP B 40 -27.90 20.78 -14.09
N TYR B 41 -27.47 21.99 -13.74
CA TYR B 41 -27.82 23.15 -14.57
C TYR B 41 -27.02 23.16 -15.86
N VAL B 42 -25.77 22.69 -15.84
CA VAL B 42 -25.00 22.58 -17.07
C VAL B 42 -25.76 21.71 -18.07
N ARG B 43 -26.16 20.52 -17.63
CA ARG B 43 -26.89 19.60 -18.50
C ARG B 43 -28.21 20.21 -18.95
N THR B 44 -29.04 20.67 -18.01
CA THR B 44 -30.37 21.14 -18.38
C THR B 44 -30.30 22.43 -19.19
N GLY B 45 -29.47 23.38 -18.77
CA GLY B 45 -29.35 24.63 -19.51
C GLY B 45 -28.75 24.47 -20.89
N THR B 46 -27.82 23.52 -21.05
CA THR B 46 -27.23 23.31 -22.36
C THR B 46 -28.21 22.64 -23.32
N TYR B 47 -29.04 21.71 -22.82
CA TYR B 47 -30.06 21.12 -23.66
C TYR B 47 -31.07 22.16 -24.12
N GLN B 48 -31.56 22.99 -23.20
CA GLN B 48 -32.51 24.02 -23.58
C GLN B 48 -31.91 24.98 -24.60
N ARG B 49 -30.65 25.39 -24.38
CA ARG B 49 -29.97 26.28 -25.30
C ARG B 49 -29.82 25.63 -26.67
N ALA B 50 -29.42 24.36 -26.70
CA ALA B 50 -29.26 23.67 -27.97
C ALA B 50 -30.58 23.61 -28.75
N ILE B 51 -31.69 23.46 -28.04
CA ILE B 51 -32.98 23.34 -28.71
C ILE B 51 -33.52 24.73 -29.08
N LEU B 52 -33.46 25.66 -28.15
CA LEU B 52 -34.07 26.96 -28.40
C LEU B 52 -33.29 27.79 -29.41
N GLN B 53 -31.95 27.67 -29.43
CA GLN B 53 -31.17 28.42 -30.41
C GLN B 53 -31.22 27.78 -31.79
N ASN B 54 -31.66 26.52 -31.87
CA ASN B 54 -31.92 25.87 -33.16
C ASN B 54 -33.42 25.68 -33.37
N HIS B 55 -34.20 26.72 -33.09
CA HIS B 55 -35.64 26.57 -33.07
C HIS B 55 -36.18 26.20 -34.45
N THR B 56 -35.50 26.62 -35.53
CA THR B 56 -36.00 26.26 -36.86
C THR B 56 -36.00 24.76 -37.06
N ASP B 57 -35.10 24.05 -36.37
CA ASP B 57 -35.11 22.59 -36.44
C ASP B 57 -36.30 21.97 -35.73
N PHE B 58 -37.08 22.76 -34.98
CA PHE B 58 -38.25 22.26 -34.28
C PHE B 58 -39.56 22.93 -34.69
N LYS B 59 -39.52 24.16 -35.18
CA LYS B 59 -40.76 24.88 -35.49
C LYS B 59 -41.62 24.11 -36.49
N ASP B 60 -42.84 23.77 -36.06
CA ASP B 60 -43.84 23.08 -36.88
C ASP B 60 -43.33 21.72 -37.36
N LYS B 61 -42.54 21.03 -36.55
CA LYS B 61 -42.00 19.73 -36.91
C LYS B 61 -42.50 18.67 -35.94
N ILE B 62 -42.28 17.41 -36.32
CA ILE B 62 -42.64 16.25 -35.50
C ILE B 62 -41.39 15.76 -34.80
N VAL B 63 -41.50 15.57 -33.49
CA VAL B 63 -40.35 15.26 -32.64
C VAL B 63 -40.59 13.94 -31.92
N LEU B 64 -39.52 13.18 -31.72
CA LEU B 64 -39.52 12.01 -30.85
C LEU B 64 -38.53 12.25 -29.72
N ASP B 65 -39.01 12.06 -28.49
CA ASP B 65 -38.21 12.24 -27.28
C ASP B 65 -38.00 10.85 -26.67
N VAL B 66 -36.78 10.33 -26.77
CA VAL B 66 -36.51 8.95 -26.39
C VAL B 66 -36.01 8.91 -24.94
N GLY B 67 -36.76 8.23 -24.08
CA GLY B 67 -36.47 8.15 -22.66
C GLY B 67 -36.69 9.48 -21.99
N CYS B 68 -37.90 10.01 -22.15
CA CYS B 68 -38.16 11.40 -21.80
C CYS B 68 -38.17 11.64 -20.30
N GLY B 69 -38.29 10.60 -19.48
CA GLY B 69 -38.38 10.81 -18.04
C GLY B 69 -39.55 11.73 -17.70
N SER B 70 -39.25 12.81 -16.97
CA SER B 70 -40.29 13.74 -16.56
C SER B 70 -40.81 14.57 -17.73
N GLY B 71 -40.09 14.58 -18.85
CA GLY B 71 -40.54 15.25 -20.07
C GLY B 71 -39.87 16.56 -20.39
N ILE B 72 -38.80 16.92 -19.70
CA ILE B 72 -38.24 18.27 -19.79
C ILE B 72 -37.86 18.59 -21.23
N LEU B 73 -37.18 17.66 -21.90
CA LEU B 73 -36.76 17.93 -23.27
C LEU B 73 -37.96 18.12 -24.19
N SER B 74 -39.05 17.40 -23.94
CA SER B 74 -40.26 17.60 -24.73
C SER B 74 -40.85 18.98 -24.49
N PHE B 75 -40.77 19.49 -23.26
CA PHE B 75 -41.22 20.85 -23.03
C PHE B 75 -40.33 21.85 -23.75
N PHE B 76 -39.03 21.55 -23.85
CA PHE B 76 -38.13 22.42 -24.60
C PHE B 76 -38.48 22.44 -26.08
N ALA B 77 -38.74 21.26 -26.66
CA ALA B 77 -39.13 21.20 -28.07
C ALA B 77 -40.45 21.93 -28.30
N ALA B 78 -41.36 21.89 -27.32
CA ALA B 78 -42.60 22.64 -27.44
C ALA B 78 -42.36 24.14 -27.36
N GLN B 79 -41.44 24.56 -26.49
CA GLN B 79 -41.09 25.98 -26.43
C GLN B 79 -40.50 26.45 -27.75
N ALA B 80 -39.75 25.57 -28.43
CA ALA B 80 -39.14 25.90 -29.72
C ALA B 80 -40.14 25.84 -30.86
N GLY B 81 -41.35 25.36 -30.62
CA GLY B 81 -42.43 25.43 -31.59
C GLY B 81 -42.80 24.13 -32.28
N ALA B 82 -42.38 22.99 -31.77
CA ALA B 82 -42.74 21.72 -32.39
C ALA B 82 -44.25 21.62 -32.57
N ARG B 83 -44.67 21.05 -33.71
CA ARG B 83 -46.09 20.79 -33.94
C ARG B 83 -46.55 19.61 -33.09
N LYS B 84 -45.72 18.57 -32.95
CA LYS B 84 -46.12 17.35 -32.27
C LYS B 84 -44.88 16.67 -31.73
N ILE B 85 -44.93 16.29 -30.45
CA ILE B 85 -43.82 15.60 -29.79
C ILE B 85 -44.34 14.30 -29.19
N TYR B 86 -43.73 13.19 -29.59
CA TYR B 86 -44.00 11.90 -28.98
C TYR B 86 -42.92 11.64 -27.94
N ALA B 87 -43.32 11.52 -26.69
CA ALA B 87 -42.42 11.37 -25.55
C ALA B 87 -42.50 9.94 -25.05
N VAL B 88 -41.45 9.17 -25.32
CA VAL B 88 -41.44 7.74 -25.01
C VAL B 88 -40.62 7.49 -23.76
N GLU B 89 -41.20 6.75 -22.82
CA GLU B 89 -40.54 6.43 -21.55
C GLU B 89 -41.07 5.10 -21.04
N ALA B 90 -40.16 4.24 -20.58
CA ALA B 90 -40.51 2.89 -20.17
C ALA B 90 -40.66 2.73 -18.67
N SER B 91 -40.09 3.64 -17.88
CA SER B 91 -40.31 3.60 -16.45
C SER B 91 -41.69 4.16 -16.11
N THR B 92 -42.07 4.03 -14.83
CA THR B 92 -43.33 4.59 -14.36
C THR B 92 -43.31 6.11 -14.36
N MET B 93 -42.12 6.72 -14.53
CA MET B 93 -42.04 8.16 -14.69
C MET B 93 -42.93 8.66 -15.81
N ALA B 94 -43.30 7.79 -16.76
CA ALA B 94 -44.16 8.19 -17.86
C ALA B 94 -45.46 8.80 -17.36
N GLN B 95 -46.01 8.26 -16.26
CA GLN B 95 -47.27 8.78 -15.75
C GLN B 95 -47.11 10.16 -15.14
N HIS B 96 -45.94 10.43 -14.53
CA HIS B 96 -45.69 11.79 -14.03
C HIS B 96 -45.51 12.77 -15.18
N ALA B 97 -44.89 12.32 -16.27
CA ALA B 97 -44.76 13.16 -17.45
C ALA B 97 -46.13 13.55 -17.98
N GLU B 98 -47.06 12.59 -18.02
CA GLU B 98 -48.42 12.91 -18.46
C GLU B 98 -49.04 13.99 -17.57
N VAL B 99 -48.81 13.90 -16.26
CA VAL B 99 -49.36 14.88 -15.32
C VAL B 99 -48.82 16.27 -15.66
N LEU B 100 -47.53 16.37 -15.95
CA LEU B 100 -46.97 17.68 -16.25
C LEU B 100 -47.48 18.21 -17.57
N VAL B 101 -47.68 17.34 -18.56
CA VAL B 101 -48.19 17.81 -19.85
C VAL B 101 -49.58 18.41 -19.68
N LYS B 102 -50.41 17.79 -18.85
CA LYS B 102 -51.74 18.33 -18.60
C LYS B 102 -51.65 19.62 -17.77
N SER B 103 -50.87 19.59 -16.69
CA SER B 103 -50.81 20.76 -15.83
C SER B 103 -50.19 21.94 -16.54
N ASN B 104 -49.45 21.71 -17.62
CA ASN B 104 -48.83 22.78 -18.40
C ASN B 104 -49.60 23.07 -19.69
N ASN B 105 -50.79 22.49 -19.83
CA ASN B 105 -51.70 22.79 -20.94
C ASN B 105 -51.03 22.55 -22.29
N LEU B 106 -50.33 21.42 -22.40
CA LEU B 106 -49.66 21.03 -23.64
C LEU B 106 -50.17 19.70 -24.16
N THR B 107 -51.41 19.37 -23.82
CA THR B 107 -52.00 18.11 -24.26
C THR B 107 -52.18 18.06 -25.77
N ASP B 108 -52.29 19.21 -26.43
CA ASP B 108 -52.43 19.25 -27.88
C ASP B 108 -51.11 19.03 -28.62
N ARG B 109 -49.99 19.01 -27.90
CA ARG B 109 -48.71 18.95 -28.58
C ARG B 109 -47.77 17.86 -28.07
N ILE B 110 -47.79 17.54 -26.78
CA ILE B 110 -46.91 16.50 -26.23
C ILE B 110 -47.75 15.26 -25.95
N VAL B 111 -47.38 14.13 -26.56
CA VAL B 111 -48.10 12.89 -26.42
C VAL B 111 -47.14 11.88 -25.79
N VAL B 112 -47.38 11.53 -24.53
CA VAL B 112 -46.57 10.54 -23.83
C VAL B 112 -46.99 9.14 -24.31
N ILE B 113 -46.01 8.35 -24.69
CA ILE B 113 -46.24 6.97 -25.11
C ILE B 113 -45.42 6.08 -24.19
N PRO B 114 -46.04 5.42 -23.21
CA PRO B 114 -45.28 4.59 -22.27
C PRO B 114 -44.81 3.29 -22.91
N GLY B 115 -43.61 2.88 -22.55
CA GLY B 115 -43.01 1.65 -23.00
C GLY B 115 -41.59 1.88 -23.49
N LYS B 116 -40.96 0.77 -23.91
CA LYS B 116 -39.63 0.84 -24.48
C LYS B 116 -39.69 1.25 -25.94
N VAL B 117 -38.75 2.10 -26.37
CA VAL B 117 -38.79 2.63 -27.73
C VAL B 117 -38.66 1.50 -28.73
N GLU B 118 -38.11 0.36 -28.32
CA GLU B 118 -38.00 -0.79 -29.19
C GLU B 118 -39.30 -1.57 -29.33
N GLU B 119 -40.32 -1.25 -28.52
CA GLU B 119 -41.56 -2.01 -28.49
C GLU B 119 -42.82 -1.18 -28.73
N VAL B 120 -42.75 0.14 -28.60
CA VAL B 120 -43.93 0.97 -28.79
C VAL B 120 -44.25 1.08 -30.27
N SER B 121 -45.42 1.64 -30.58
CA SER B 121 -45.79 1.99 -31.94
C SER B 121 -45.94 3.50 -32.02
N LEU B 122 -45.18 4.13 -32.87
CA LEU B 122 -45.35 5.55 -33.07
C LEU B 122 -46.30 5.85 -34.21
N PRO B 123 -47.15 6.88 -34.11
CA PRO B 123 -48.16 7.12 -35.16
C PRO B 123 -47.59 7.59 -36.49
N GLU B 124 -46.41 8.19 -36.51
CA GLU B 124 -45.87 8.75 -37.76
C GLU B 124 -44.36 8.88 -37.64
N GLN B 125 -43.71 9.07 -38.79
CA GLN B 125 -42.29 9.37 -38.82
C GLN B 125 -42.05 10.79 -38.33
N VAL B 126 -40.82 11.05 -37.85
CA VAL B 126 -40.53 12.30 -37.19
C VAL B 126 -39.39 13.01 -37.92
N ASP B 127 -39.30 14.32 -37.69
CA ASP B 127 -38.27 15.13 -38.29
C ASP B 127 -36.97 15.10 -37.49
N ILE B 128 -37.06 14.94 -36.17
CA ILE B 128 -35.90 15.04 -35.30
C ILE B 128 -36.15 14.21 -34.07
N ILE B 129 -35.09 13.51 -33.63
CA ILE B 129 -35.08 12.74 -32.39
C ILE B 129 -34.21 13.49 -31.40
N ILE B 130 -34.71 13.65 -30.18
CA ILE B 130 -33.96 14.24 -29.09
C ILE B 130 -33.94 13.24 -27.95
N SER B 131 -32.87 13.26 -27.17
CA SER B 131 -32.73 12.30 -26.08
C SER B 131 -31.53 12.70 -25.22
N GLU B 132 -31.46 12.09 -24.04
CA GLU B 132 -30.27 12.12 -23.19
C GLU B 132 -29.81 10.68 -23.04
N PRO B 133 -29.17 10.10 -24.06
CA PRO B 133 -28.79 8.68 -24.02
C PRO B 133 -27.47 8.40 -23.32
N MET B 134 -26.79 9.41 -22.78
CA MET B 134 -25.42 9.23 -22.30
C MET B 134 -25.41 8.74 -20.85
N GLY B 135 -24.74 7.61 -20.61
CA GLY B 135 -24.42 7.17 -19.27
C GLY B 135 -23.02 7.56 -18.84
N TYR B 136 -22.63 7.10 -17.65
CA TYR B 136 -21.24 7.26 -17.22
C TYR B 136 -20.34 6.77 -18.35
N MET B 137 -19.24 7.50 -18.59
CA MET B 137 -18.31 7.13 -19.64
C MET B 137 -19.00 7.06 -20.99
N LEU B 138 -20.15 7.72 -21.11
CA LEU B 138 -20.95 7.79 -22.32
C LEU B 138 -21.75 6.50 -22.54
N PHE B 139 -21.09 5.35 -22.51
CA PHE B 139 -21.71 4.13 -23.02
C PHE B 139 -22.51 3.35 -21.99
N ASN B 140 -22.29 3.56 -20.69
CA ASN B 140 -23.03 2.81 -19.69
C ASN B 140 -24.53 2.99 -19.89
N GLU B 141 -25.29 1.94 -19.55
CA GLU B 141 -26.73 1.81 -19.67
C GLU B 141 -27.15 1.34 -21.07
N ARG B 142 -26.26 1.37 -22.05
CA ARG B 142 -26.56 0.92 -23.41
C ARG B 142 -27.76 1.65 -24.00
N MET B 143 -28.00 2.89 -23.53
CA MET B 143 -29.13 3.66 -24.03
C MET B 143 -28.86 4.18 -25.44
N LEU B 144 -27.58 4.37 -25.79
CA LEU B 144 -27.26 4.83 -27.14
C LEU B 144 -27.84 3.89 -28.20
N GLU B 145 -27.95 2.60 -27.88
CA GLU B 145 -28.54 1.66 -28.83
C GLU B 145 -30.03 1.89 -29.00
N SER B 146 -30.75 2.18 -27.91
CA SER B 146 -32.15 2.55 -28.06
C SER B 146 -32.31 3.82 -28.89
N TYR B 147 -31.49 4.83 -28.60
CA TYR B 147 -31.45 6.05 -29.39
C TYR B 147 -31.26 5.75 -30.87
N LEU B 148 -30.23 4.96 -31.20
CA LEU B 148 -30.00 4.58 -32.58
C LEU B 148 -31.16 3.74 -33.12
N HIS B 149 -31.66 2.80 -32.31
CA HIS B 149 -32.81 2.00 -32.71
C HIS B 149 -33.98 2.89 -33.15
N ALA B 150 -34.16 4.04 -32.49
CA ALA B 150 -35.29 4.91 -32.78
C ALA B 150 -35.22 5.56 -34.16
N LYS B 151 -34.09 5.47 -34.85
CA LYS B 151 -34.00 6.06 -36.19
C LYS B 151 -34.91 5.37 -37.19
N LYS B 152 -35.47 4.20 -36.85
CA LYS B 152 -36.49 3.61 -37.69
C LYS B 152 -37.70 4.54 -37.84
N TYR B 153 -37.90 5.47 -36.90
CA TYR B 153 -38.99 6.42 -36.99
C TYR B 153 -38.56 7.76 -37.58
N LEU B 154 -37.33 7.88 -38.05
CA LEU B 154 -36.78 9.16 -38.49
C LEU B 154 -36.91 9.31 -40.00
N LYS B 155 -37.38 10.47 -40.45
CA LYS B 155 -37.51 10.75 -41.87
C LYS B 155 -36.13 10.84 -42.51
N PRO B 156 -36.06 10.67 -43.83
CA PRO B 156 -34.75 10.73 -44.51
C PRO B 156 -33.99 12.02 -44.23
N SER B 157 -34.66 13.17 -44.22
CA SER B 157 -33.99 14.44 -43.93
C SER B 157 -33.64 14.61 -42.46
N GLY B 158 -33.98 13.62 -41.62
CA GLY B 158 -34.07 13.86 -40.20
C GLY B 158 -32.75 14.19 -39.52
N ASN B 159 -32.89 14.84 -38.37
CA ASN B 159 -31.77 15.22 -37.52
C ASN B 159 -31.84 14.48 -36.18
N MET B 160 -30.74 14.53 -35.44
CA MET B 160 -30.62 13.90 -34.14
C MET B 160 -29.98 14.87 -33.16
N PHE B 161 -30.61 15.03 -31.99
CA PHE B 161 -30.08 15.89 -30.92
C PHE B 161 -29.87 15.05 -29.68
N PRO B 162 -28.64 14.71 -29.28
CA PRO B 162 -27.35 15.10 -29.88
C PRO B 162 -27.06 14.39 -31.20
N THR B 163 -26.15 14.96 -31.97
CA THR B 163 -25.80 14.46 -33.30
C THR B 163 -24.58 13.56 -33.29
N ILE B 164 -23.56 13.88 -32.50
CA ILE B 164 -22.36 13.07 -32.38
C ILE B 164 -21.94 13.02 -30.93
N GLY B 165 -21.08 12.05 -30.62
CA GLY B 165 -20.49 11.94 -29.30
C GLY B 165 -19.01 11.62 -29.39
N ASP B 166 -18.20 12.32 -28.61
CA ASP B 166 -16.75 12.12 -28.58
C ASP B 166 -16.36 11.56 -27.22
N VAL B 167 -15.77 10.36 -27.20
CA VAL B 167 -15.18 9.83 -25.97
C VAL B 167 -13.71 10.21 -25.95
N HIS B 168 -13.26 10.80 -24.85
CA HIS B 168 -11.87 11.15 -24.65
C HIS B 168 -11.22 10.21 -23.65
N LEU B 169 -9.98 9.83 -23.93
CA LEU B 169 -9.20 8.96 -23.07
C LEU B 169 -7.84 9.59 -22.88
N ALA B 170 -7.36 9.64 -21.63
CA ALA B 170 -6.01 10.12 -21.40
C ALA B 170 -5.35 9.47 -20.20
N PRO B 171 -4.05 9.19 -20.27
CA PRO B 171 -3.36 8.59 -19.11
C PRO B 171 -3.24 9.59 -17.97
N PHE B 172 -3.34 9.10 -16.74
CA PHE B 172 -3.24 9.95 -15.56
C PHE B 172 -2.27 9.34 -14.55
N THR B 173 -1.79 10.19 -13.64
CA THR B 173 -1.02 9.76 -12.49
C THR B 173 -1.76 10.23 -11.24
N ASP B 174 -2.04 9.30 -10.32
CA ASP B 174 -2.74 9.63 -9.08
C ASP B 174 -2.43 8.51 -8.08
N GLU B 175 -1.33 8.68 -7.36
CA GLU B 175 -0.89 7.65 -6.43
C GLU B 175 -1.84 7.51 -5.23
N GLN B 176 -2.49 8.60 -4.83
CA GLN B 176 -3.44 8.52 -3.72
C GLN B 176 -4.63 7.64 -4.08
N LEU B 177 -5.19 7.83 -5.28
CA LEU B 177 -6.29 6.97 -5.71
C LEU B 177 -5.84 5.51 -5.83
N TYR B 178 -4.67 5.28 -6.44
CA TYR B 178 -4.19 3.90 -6.60
C TYR B 178 -4.00 3.23 -5.25
N MET B 179 -3.35 3.91 -4.31
CA MET B 179 -3.06 3.31 -3.01
C MET B 179 -4.34 3.11 -2.21
N GLU B 180 -5.31 4.02 -2.37
CA GLU B 180 -6.60 3.88 -1.72
C GLU B 180 -7.28 2.58 -2.13
N GLN B 181 -7.37 2.31 -3.44
CA GLN B 181 -7.95 1.07 -3.90
C GLN B 181 -7.06 -0.12 -3.54
N PHE B 182 -5.75 0.04 -3.67
CA PHE B 182 -4.84 -1.06 -3.38
C PHE B 182 -4.94 -1.49 -1.92
N THR B 183 -4.95 -0.54 -0.99
CA THR B 183 -4.95 -0.90 0.42
C THR B 183 -6.32 -1.38 0.89
N LYS B 184 -7.40 -1.03 0.17
CA LYS B 184 -8.71 -1.61 0.47
C LYS B 184 -8.65 -3.12 0.44
N ALA B 185 -7.98 -3.68 -0.57
CA ALA B 185 -7.87 -5.13 -0.67
C ALA B 185 -6.91 -5.72 0.35
N ASN B 186 -6.06 -4.89 0.94
CA ASN B 186 -5.01 -5.30 1.91
C ASN B 186 -5.64 -5.96 3.14
N PHE B 187 -6.92 -5.69 3.42
CA PHE B 187 -7.61 -6.38 4.50
C PHE B 187 -7.45 -7.88 4.37
N TRP B 188 -7.43 -8.36 3.13
CA TRP B 188 -7.43 -9.82 2.83
C TRP B 188 -6.02 -10.44 2.83
N TYR B 189 -4.98 -9.75 3.28
CA TYR B 189 -3.62 -10.34 3.44
C TYR B 189 -3.53 -10.96 4.82
N GLN B 190 -4.34 -10.47 5.75
CA GLN B 190 -4.29 -10.90 7.16
C GLN B 190 -4.11 -12.41 7.29
N PRO B 191 -3.04 -12.92 7.93
CA PRO B 191 -2.93 -14.36 8.18
C PRO B 191 -3.73 -14.83 9.39
N SER B 192 -4.30 -13.94 10.17
CA SER B 192 -5.00 -14.34 11.38
C SER B 192 -6.07 -13.32 11.76
N PHE B 193 -7.05 -13.10 10.88
CA PHE B 193 -8.24 -12.35 11.26
C PHE B 193 -9.09 -13.19 12.21
N HIS B 194 -9.13 -12.81 13.50
CA HIS B 194 -9.82 -13.62 14.50
C HIS B 194 -9.39 -15.08 14.39
N GLY B 195 -8.10 -15.31 14.12
CA GLY B 195 -7.58 -16.65 14.00
C GLY B 195 -7.74 -17.31 12.64
N VAL B 196 -8.28 -16.61 11.65
CA VAL B 196 -8.55 -17.17 10.33
C VAL B 196 -7.58 -16.56 9.33
N ASP B 197 -6.88 -17.41 8.59
CA ASP B 197 -5.98 -16.96 7.53
C ASP B 197 -6.80 -16.61 6.29
N LEU B 198 -6.81 -15.33 5.92
CA LEU B 198 -7.59 -14.86 4.79
C LEU B 198 -6.78 -14.68 3.53
N SER B 199 -5.46 -14.85 3.59
CA SER B 199 -4.59 -14.35 2.54
C SER B 199 -4.81 -15.05 1.20
N ALA B 200 -5.35 -16.26 1.19
CA ALA B 200 -5.59 -16.94 -0.08
C ALA B 200 -6.57 -16.18 -0.98
N LEU B 201 -7.36 -15.26 -0.42
CA LEU B 201 -8.31 -14.49 -1.18
C LEU B 201 -7.82 -13.10 -1.53
N ARG B 202 -6.58 -12.76 -1.16
CA ARG B 202 -6.08 -11.41 -1.42
C ARG B 202 -6.07 -11.10 -2.90
N GLY B 203 -5.64 -12.06 -3.73
CA GLY B 203 -5.66 -11.84 -5.17
C GLY B 203 -7.05 -11.51 -5.67
N ALA B 204 -8.03 -12.36 -5.34
CA ALA B 204 -9.39 -12.14 -5.80
C ALA B 204 -9.92 -10.79 -5.33
N ALA B 205 -9.56 -10.37 -4.11
CA ALA B 205 -10.03 -9.09 -3.60
C ALA B 205 -9.47 -7.92 -4.42
N VAL B 206 -8.17 -7.95 -4.71
CA VAL B 206 -7.58 -6.85 -5.48
C VAL B 206 -8.21 -6.75 -6.86
N ASP B 207 -8.47 -7.91 -7.49
CA ASP B 207 -9.12 -7.90 -8.80
C ASP B 207 -10.51 -7.31 -8.70
N GLU B 208 -11.25 -7.63 -7.64
CA GLU B 208 -12.59 -7.06 -7.48
C GLU B 208 -12.53 -5.54 -7.41
N TYR B 209 -11.65 -5.01 -6.56
CA TYR B 209 -11.61 -3.57 -6.36
C TYR B 209 -11.14 -2.86 -7.62
N PHE B 210 -10.16 -3.40 -8.32
CA PHE B 210 -9.64 -2.73 -9.49
C PHE B 210 -10.53 -2.91 -10.72
N ARG B 211 -11.50 -3.83 -10.67
CA ARG B 211 -12.46 -3.91 -11.76
C ARG B 211 -13.49 -2.79 -11.71
N GLN B 212 -13.56 -2.04 -10.62
CA GLN B 212 -14.54 -0.97 -10.51
C GLN B 212 -14.00 0.32 -11.11
N PRO B 213 -14.58 0.85 -12.18
CA PRO B 213 -14.19 2.19 -12.64
C PRO B 213 -14.53 3.23 -11.58
N VAL B 214 -13.66 4.23 -11.44
CA VAL B 214 -13.79 5.23 -10.39
C VAL B 214 -14.46 6.46 -10.99
N VAL B 215 -15.59 6.83 -10.41
CA VAL B 215 -16.40 7.97 -10.86
C VAL B 215 -16.21 9.09 -9.83
N ASP B 216 -15.52 10.15 -10.26
CA ASP B 216 -15.39 11.37 -9.49
C ASP B 216 -14.65 12.39 -10.38
N THR B 217 -14.37 13.59 -9.86
CA THR B 217 -13.64 14.60 -10.61
C THR B 217 -12.17 14.64 -10.15
N PHE B 218 -11.32 15.27 -10.96
CA PHE B 218 -9.90 15.32 -10.71
C PHE B 218 -9.32 16.58 -11.33
N ASP B 219 -8.18 17.01 -10.78
CA ASP B 219 -7.44 18.13 -11.33
C ASP B 219 -6.80 17.71 -12.66
N ILE B 220 -6.90 18.58 -13.66
CA ILE B 220 -6.39 18.23 -14.97
C ILE B 220 -4.88 18.11 -15.00
N ARG B 221 -4.19 18.53 -13.94
CA ARG B 221 -2.75 18.38 -13.87
C ARG B 221 -2.32 16.94 -13.61
N ILE B 222 -3.25 16.03 -13.35
CA ILE B 222 -2.89 14.62 -13.24
C ILE B 222 -2.81 13.93 -14.59
N LEU B 223 -3.16 14.61 -15.68
CA LEU B 223 -3.15 14.02 -17.00
C LEU B 223 -1.76 14.16 -17.61
N MET B 224 -1.27 13.07 -18.20
CA MET B 224 0.12 12.99 -18.63
C MET B 224 0.27 13.03 -20.15
N ALA B 225 -0.81 13.17 -20.90
CA ALA B 225 -0.69 13.30 -22.34
C ALA B 225 -2.02 13.82 -22.89
N LYS B 226 -1.94 14.42 -24.07
CA LYS B 226 -3.14 14.89 -24.76
C LYS B 226 -4.11 13.74 -24.95
N SER B 227 -5.40 14.02 -24.76
CA SER B 227 -6.41 12.98 -24.87
C SER B 227 -6.44 12.42 -26.30
N VAL B 228 -6.83 11.15 -26.39
CA VAL B 228 -7.21 10.54 -27.65
C VAL B 228 -8.72 10.60 -27.75
N LYS B 229 -9.23 10.88 -28.93
CA LYS B 229 -10.67 11.05 -29.15
C LYS B 229 -11.21 9.91 -30.00
N TYR B 230 -12.40 9.43 -29.64
CA TYR B 230 -13.13 8.42 -30.39
C TYR B 230 -14.55 8.93 -30.58
N THR B 231 -15.01 8.98 -31.83
CA THR B 231 -16.24 9.67 -32.18
C THR B 231 -17.28 8.69 -32.70
N VAL B 232 -18.50 8.81 -32.19
CA VAL B 232 -19.66 8.09 -32.73
C VAL B 232 -20.60 9.14 -33.33
N ASN B 233 -20.89 8.99 -34.62
CA ASN B 233 -21.84 9.86 -35.32
C ASN B 233 -23.21 9.19 -35.25
N PHE B 234 -24.11 9.78 -34.47
CA PHE B 234 -25.41 9.14 -34.23
C PHE B 234 -26.30 9.17 -35.46
N LEU B 235 -26.08 10.10 -36.38
CA LEU B 235 -26.84 10.10 -37.63
C LEU B 235 -26.49 8.89 -38.49
N GLU B 236 -25.25 8.43 -38.43
CA GLU B 236 -24.77 7.38 -39.31
C GLU B 236 -24.62 6.03 -38.61
N ALA B 237 -24.40 6.00 -37.30
CA ALA B 237 -24.11 4.76 -36.60
C ALA B 237 -25.36 3.88 -36.54
N LYS B 238 -25.13 2.58 -36.38
CA LYS B 238 -26.20 1.62 -36.23
C LYS B 238 -26.00 0.88 -34.92
N GLU B 239 -27.13 0.47 -34.35
CA GLU B 239 -27.20 -0.25 -33.08
C GLU B 239 -26.06 -1.23 -32.92
N GLY B 240 -25.89 -2.12 -33.90
CA GLY B 240 -24.87 -3.14 -33.82
C GLY B 240 -23.46 -2.60 -33.70
N ASP B 241 -23.23 -1.36 -34.11
CA ASP B 241 -21.91 -0.77 -34.01
C ASP B 241 -21.42 -0.69 -32.57
N LEU B 242 -22.33 -0.70 -31.61
CA LEU B 242 -22.00 -0.49 -30.20
C LEU B 242 -21.89 -1.78 -29.41
N HIS B 243 -22.07 -2.94 -30.06
CA HIS B 243 -21.90 -4.20 -29.36
C HIS B 243 -20.43 -4.44 -29.02
N ARG B 244 -19.53 -4.03 -29.91
CA ARG B 244 -18.09 -4.16 -29.70
C ARG B 244 -17.43 -2.85 -30.11
N ILE B 245 -16.84 -2.15 -29.14
CA ILE B 245 -16.25 -0.83 -29.37
C ILE B 245 -14.76 -0.94 -29.09
N GLU B 246 -13.95 -0.77 -30.15
CA GLU B 246 -12.51 -0.92 -30.09
C GLU B 246 -11.86 0.45 -30.29
N ILE B 247 -11.14 0.92 -29.28
CA ILE B 247 -10.52 2.23 -29.29
C ILE B 247 -9.01 2.05 -29.15
N PRO B 248 -8.28 2.05 -30.25
CA PRO B 248 -6.82 2.08 -30.15
C PRO B 248 -6.34 3.46 -29.72
N PHE B 249 -5.18 3.48 -29.08
CA PHE B 249 -4.60 4.74 -28.63
C PHE B 249 -3.08 4.68 -28.67
N LYS B 250 -2.47 5.83 -28.94
CA LYS B 250 -1.01 5.98 -28.91
C LYS B 250 -0.75 7.35 -28.27
N PHE B 251 -0.38 7.35 -27.00
CA PHE B 251 -0.16 8.60 -26.28
C PHE B 251 1.31 8.98 -26.36
N HIS B 252 1.57 10.26 -26.62
CA HIS B 252 2.90 10.83 -26.54
C HIS B 252 3.03 11.49 -25.18
N MET B 253 3.79 10.84 -24.30
CA MET B 253 3.82 11.22 -22.89
C MET B 253 4.49 12.58 -22.72
N LEU B 254 3.80 13.49 -22.04
CA LEU B 254 4.27 14.84 -21.86
C LEU B 254 4.99 15.05 -20.52
N HIS B 255 4.84 14.14 -19.57
CA HIS B 255 5.54 14.20 -18.31
C HIS B 255 6.06 12.81 -17.97
N SER B 256 7.06 12.77 -17.10
CA SER B 256 7.58 11.51 -16.59
C SER B 256 6.83 11.12 -15.34
N GLY B 257 6.78 9.82 -15.08
CA GLY B 257 6.20 9.32 -13.85
C GLY B 257 5.43 8.04 -14.09
N LEU B 258 4.72 7.62 -13.05
CA LEU B 258 3.93 6.40 -13.08
C LEU B 258 2.55 6.71 -13.65
N VAL B 259 2.15 5.94 -14.66
CA VAL B 259 0.79 6.01 -15.19
C VAL B 259 -0.05 4.99 -14.46
N HIS B 260 -1.05 5.45 -13.72
CA HIS B 260 -1.88 4.59 -12.90
C HIS B 260 -3.13 4.11 -13.62
N GLY B 261 -3.45 4.68 -14.78
CA GLY B 261 -4.61 4.23 -15.53
C GLY B 261 -4.97 5.23 -16.61
N LEU B 262 -6.18 5.05 -17.14
CA LEU B 262 -6.73 5.92 -18.16
C LEU B 262 -7.94 6.67 -17.61
N ALA B 263 -8.02 7.97 -17.90
CA ALA B 263 -9.17 8.79 -17.54
C ALA B 263 -10.06 8.98 -18.76
N PHE B 264 -11.37 8.96 -18.53
CA PHE B 264 -12.35 9.05 -19.61
C PHE B 264 -13.35 10.17 -19.34
N TRP B 265 -13.69 10.92 -20.38
CA TRP B 265 -14.83 11.82 -20.35
C TRP B 265 -15.43 11.86 -21.75
N PHE B 266 -16.47 12.66 -21.95
CA PHE B 266 -17.10 12.71 -23.26
C PHE B 266 -17.74 14.07 -23.51
N ASP B 267 -17.80 14.44 -24.80
CA ASP B 267 -18.54 15.58 -25.28
C ASP B 267 -19.63 15.09 -26.23
N VAL B 268 -20.79 15.76 -26.23
CA VAL B 268 -21.76 15.58 -27.31
C VAL B 268 -21.98 16.94 -27.96
N ALA B 269 -22.28 16.92 -29.24
CA ALA B 269 -22.58 18.11 -30.01
C ALA B 269 -24.00 18.01 -30.57
N PHE B 270 -24.77 19.09 -30.41
CA PHE B 270 -26.06 19.25 -31.06
C PHE B 270 -25.82 20.07 -32.32
N ILE B 271 -25.81 19.42 -33.47
CA ILE B 271 -25.44 20.05 -34.73
C ILE B 271 -26.73 20.50 -35.38
N GLY B 272 -27.16 21.73 -35.05
CA GLY B 272 -28.39 22.28 -35.57
C GLY B 272 -28.18 23.07 -36.85
N SER B 273 -29.30 23.54 -37.39
CA SER B 273 -29.26 24.33 -38.62
C SER B 273 -28.70 25.72 -38.39
N ILE B 274 -28.93 26.27 -37.20
CA ILE B 274 -28.49 27.62 -36.89
C ILE B 274 -27.12 27.64 -36.24
N MET B 275 -26.84 26.71 -35.34
CA MET B 275 -25.54 26.66 -34.69
C MET B 275 -25.38 25.31 -34.02
N THR B 276 -24.12 24.90 -33.86
CA THR B 276 -23.75 23.71 -33.12
C THR B 276 -23.53 24.08 -31.66
N VAL B 277 -24.14 23.33 -30.76
CA VAL B 277 -24.02 23.56 -29.33
C VAL B 277 -23.39 22.32 -28.71
N TRP B 278 -22.33 22.52 -27.95
CA TRP B 278 -21.57 21.42 -27.36
C TRP B 278 -21.93 21.29 -25.88
N LEU B 279 -22.11 20.06 -25.43
CA LEU B 279 -22.21 19.72 -24.02
C LEU B 279 -21.00 18.88 -23.65
N SER B 280 -20.18 19.38 -22.73
CA SER B 280 -18.93 18.73 -22.40
C SER B 280 -18.92 18.28 -20.95
N THR B 281 -18.36 17.09 -20.72
CA THR B 281 -18.08 16.60 -19.37
C THR B 281 -16.59 16.54 -19.09
N ALA B 282 -15.78 17.33 -19.79
CA ALA B 282 -14.34 17.28 -19.63
C ALA B 282 -13.95 17.83 -18.27
N PRO B 283 -12.83 17.38 -17.69
CA PRO B 283 -12.40 17.93 -16.40
C PRO B 283 -11.95 19.37 -16.47
N THR B 284 -11.79 19.93 -17.67
CA THR B 284 -11.53 21.35 -17.87
C THR B 284 -12.81 22.18 -17.82
N GLU B 285 -13.97 21.56 -17.63
CA GLU B 285 -15.26 22.20 -17.70
C GLU B 285 -16.01 22.05 -16.39
N PRO B 286 -17.02 22.89 -16.15
CA PRO B 286 -17.78 22.77 -14.90
C PRO B 286 -18.32 21.36 -14.72
N LEU B 287 -18.36 20.92 -13.47
CA LEU B 287 -18.76 19.55 -13.18
C LEU B 287 -20.21 19.28 -13.53
N THR B 288 -20.49 18.06 -14.00
CA THR B 288 -21.83 17.59 -14.29
C THR B 288 -22.08 16.28 -13.53
N HIS B 289 -23.34 15.83 -13.57
CA HIS B 289 -23.68 14.60 -12.87
C HIS B 289 -23.10 13.36 -13.54
N TRP B 290 -22.41 13.52 -14.67
CA TRP B 290 -21.58 12.47 -15.27
C TRP B 290 -20.16 12.41 -14.69
N TYR B 291 -19.68 13.49 -14.06
CA TYR B 291 -18.31 13.53 -13.53
C TYR B 291 -17.32 13.13 -14.61
N GLN B 292 -16.32 12.34 -14.25
CA GLN B 292 -15.42 11.70 -15.20
C GLN B 292 -15.19 10.28 -14.67
N VAL B 293 -14.55 9.44 -15.48
CA VAL B 293 -14.36 8.05 -15.12
C VAL B 293 -12.91 7.67 -15.32
N ARG B 294 -12.37 6.87 -14.39
CA ARG B 294 -10.97 6.46 -14.42
C ARG B 294 -10.90 4.96 -14.19
N CYS B 295 -10.19 4.27 -15.07
CA CYS B 295 -9.92 2.85 -14.97
C CYS B 295 -8.47 2.67 -14.55
N LEU B 296 -8.26 2.05 -13.40
CA LEU B 296 -6.94 1.90 -12.85
C LEU B 296 -6.26 0.65 -13.38
N PHE B 297 -4.96 0.77 -13.65
CA PHE B 297 -4.13 -0.41 -13.83
C PHE B 297 -3.88 -1.08 -12.48
N GLN B 298 -3.91 -2.41 -12.47
CA GLN B 298 -3.58 -3.12 -11.24
C GLN B 298 -2.13 -2.86 -10.83
N SER B 299 -1.27 -2.55 -11.80
CA SER B 299 0.11 -2.16 -11.52
C SER B 299 0.50 -1.01 -12.43
N PRO B 300 0.86 0.15 -11.88
CA PRO B 300 1.19 1.31 -12.74
C PRO B 300 2.37 1.01 -13.65
N LEU B 301 2.41 1.72 -14.77
CA LEU B 301 3.50 1.67 -15.72
C LEU B 301 4.35 2.92 -15.58
N PHE B 302 5.67 2.77 -15.61
CA PHE B 302 6.54 3.94 -15.64
C PHE B 302 6.83 4.33 -17.08
N ALA B 303 6.70 5.62 -17.36
CA ALA B 303 7.02 6.17 -18.67
C ALA B 303 7.81 7.46 -18.48
N LYS B 304 8.72 7.72 -19.41
CA LYS B 304 9.47 8.96 -19.46
C LYS B 304 8.83 9.91 -20.47
N ALA B 305 8.91 11.20 -20.19
CA ALA B 305 8.46 12.19 -21.14
C ALA B 305 9.04 11.88 -22.52
N GLY B 306 8.20 11.98 -23.55
CA GLY B 306 8.59 11.64 -24.90
C GLY B 306 8.35 10.20 -25.29
N ASP B 307 8.19 9.30 -24.33
CA ASP B 307 7.79 7.93 -24.63
C ASP B 307 6.40 7.90 -25.25
N THR B 308 6.05 6.77 -25.85
CA THR B 308 4.71 6.52 -26.38
C THR B 308 4.05 5.41 -25.59
N LEU B 309 2.81 5.66 -25.14
CA LEU B 309 2.00 4.67 -24.44
C LEU B 309 0.87 4.26 -25.38
N SER B 310 0.91 3.01 -25.84
CA SER B 310 0.01 2.55 -26.90
C SER B 310 -0.75 1.31 -26.46
N GLY B 311 -1.93 1.13 -27.05
CA GLY B 311 -2.72 -0.04 -26.73
C GLY B 311 -4.12 0.10 -27.24
N THR B 312 -5.05 -0.55 -26.55
CA THR B 312 -6.42 -0.62 -27.00
C THR B 312 -7.35 -0.64 -25.80
N CYS B 313 -8.46 0.09 -25.91
CA CYS B 313 -9.57 0.03 -24.97
C CYS B 313 -10.72 -0.64 -25.71
N LEU B 314 -11.12 -1.82 -25.25
CA LEU B 314 -12.16 -2.63 -25.90
C LEU B 314 -13.36 -2.71 -24.97
N LEU B 315 -14.53 -2.32 -25.49
CA LEU B 315 -15.78 -2.38 -24.75
C LEU B 315 -16.69 -3.41 -25.41
N ILE B 316 -17.06 -4.43 -24.64
CA ILE B 316 -17.96 -5.47 -25.11
C ILE B 316 -19.27 -5.32 -24.35
N ALA B 317 -20.35 -5.09 -25.09
CA ALA B 317 -21.65 -4.96 -24.46
C ALA B 317 -22.08 -6.26 -23.82
N ASN B 318 -22.69 -6.17 -22.64
CA ASN B 318 -23.22 -7.33 -21.93
C ASN B 318 -24.70 -7.13 -21.68
N LYS B 319 -25.36 -8.21 -21.26
CA LYS B 319 -26.81 -8.22 -21.10
C LYS B 319 -27.29 -7.55 -19.81
N ARG B 320 -26.38 -6.94 -19.05
CA ARG B 320 -26.75 -6.13 -17.90
C ARG B 320 -26.72 -4.64 -18.23
N GLN B 321 -26.95 -4.28 -19.49
CA GLN B 321 -27.09 -2.89 -19.92
C GLN B 321 -25.80 -2.10 -19.67
N SER B 322 -24.66 -2.76 -19.87
CA SER B 322 -23.38 -2.10 -19.66
C SER B 322 -22.31 -2.85 -20.45
N TYR B 323 -21.05 -2.61 -20.11
CA TYR B 323 -19.93 -3.12 -20.91
C TYR B 323 -18.88 -3.76 -20.03
N ASP B 324 -18.34 -4.88 -20.51
CA ASP B 324 -17.06 -5.40 -20.03
C ASP B 324 -15.95 -4.62 -20.70
N ILE B 325 -15.07 -4.01 -19.90
CA ILE B 325 -14.02 -3.14 -20.41
C ILE B 325 -12.70 -3.89 -20.33
N SER B 326 -11.97 -3.94 -21.45
CA SER B 326 -10.62 -4.45 -21.48
C SER B 326 -9.69 -3.31 -21.87
N ILE B 327 -8.65 -3.09 -21.08
CA ILE B 327 -7.63 -2.10 -21.38
C ILE B 327 -6.28 -2.79 -21.34
N VAL B 328 -5.60 -2.81 -22.48
CA VAL B 328 -4.21 -3.22 -22.58
C VAL B 328 -3.40 -2.00 -22.97
N ALA B 329 -2.32 -1.75 -22.22
CA ALA B 329 -1.48 -0.59 -22.44
C ALA B 329 -0.01 -1.00 -22.38
N GLN B 330 0.82 -0.32 -23.18
CA GLN B 330 2.21 -0.69 -23.38
C GLN B 330 3.05 0.57 -23.50
N VAL B 331 4.09 0.66 -22.68
CA VAL B 331 5.13 1.65 -22.88
C VAL B 331 6.07 1.10 -23.95
N ASP B 332 5.96 1.63 -25.18
CA ASP B 332 6.63 1.01 -26.31
C ASP B 332 8.14 0.92 -26.11
N GLN B 333 8.75 1.96 -25.54
CA GLN B 333 10.22 1.99 -25.45
C GLN B 333 10.77 0.85 -24.60
N THR B 334 10.02 0.42 -23.58
CA THR B 334 10.51 -0.59 -22.66
C THR B 334 9.76 -1.92 -22.69
N GLY B 335 8.61 -1.99 -23.36
CA GLY B 335 7.83 -3.21 -23.33
C GLY B 335 7.13 -3.51 -22.03
N SER B 336 7.06 -2.54 -21.12
CA SER B 336 6.27 -2.70 -19.91
C SER B 336 4.78 -2.63 -20.28
N LYS B 337 4.06 -3.73 -20.06
CA LYS B 337 2.69 -3.89 -20.51
C LYS B 337 1.77 -4.12 -19.31
N SER B 338 0.55 -3.60 -19.43
CA SER B 338 -0.46 -3.80 -18.39
C SER B 338 -1.80 -4.12 -19.05
N SER B 339 -2.46 -5.16 -18.54
CA SER B 339 -3.78 -5.55 -19.00
C SER B 339 -4.78 -5.48 -17.85
N ASN B 340 -5.99 -5.04 -18.14
CA ASN B 340 -6.97 -4.84 -17.09
C ASN B 340 -8.36 -5.04 -17.66
N LEU B 341 -9.22 -5.61 -16.82
CA LEU B 341 -10.62 -5.85 -17.12
C LEU B 341 -11.46 -5.14 -16.08
N LEU B 342 -12.48 -4.42 -16.52
CA LEU B 342 -13.33 -3.65 -15.62
C LEU B 342 -14.79 -3.89 -15.96
N ASP B 343 -15.63 -3.80 -14.92
CA ASP B 343 -17.05 -4.05 -15.00
C ASP B 343 -17.73 -2.69 -14.88
N LEU B 344 -18.08 -2.11 -16.02
CA LEU B 344 -18.63 -0.76 -16.03
C LEU B 344 -19.96 -0.65 -15.29
N LYS B 345 -20.68 -1.75 -15.11
CA LYS B 345 -22.01 -1.66 -14.51
C LYS B 345 -21.97 -1.23 -13.05
N ASN B 346 -20.85 -1.46 -12.36
CA ASN B 346 -20.78 -1.27 -10.90
C ASN B 346 -19.54 -0.45 -10.58
N PRO B 347 -19.60 0.85 -10.84
CA PRO B 347 -18.47 1.74 -10.52
C PRO B 347 -18.38 2.04 -9.04
N PHE B 348 -17.22 2.57 -8.64
CA PHE B 348 -16.97 3.10 -7.30
C PHE B 348 -17.18 4.61 -7.39
N PHE B 349 -18.26 5.09 -6.77
CA PHE B 349 -18.56 6.53 -6.71
C PHE B 349 -17.75 7.12 -5.57
N ARG B 350 -16.72 7.89 -5.89
CA ARG B 350 -15.74 8.37 -4.92
C ARG B 350 -15.99 9.80 -4.49
N TYR B 351 -16.60 10.61 -5.36
CA TYR B 351 -16.87 12.01 -5.09
C TYR B 351 -17.64 12.21 -3.80
N SER C 10 41.57 -20.97 -7.35
CA SER C 10 40.78 -20.15 -8.26
C SER C 10 41.41 -18.77 -8.43
N VAL C 11 41.27 -18.21 -9.63
CA VAL C 11 41.78 -16.86 -9.87
C VAL C 11 41.12 -15.87 -8.93
N PHE C 12 39.81 -15.99 -8.71
CA PHE C 12 39.14 -15.06 -7.81
C PHE C 12 39.67 -15.20 -6.39
N SER C 13 39.80 -16.44 -5.93
CA SER C 13 40.28 -16.70 -4.58
C SER C 13 41.65 -16.07 -4.36
N GLU C 14 42.56 -16.29 -5.29
CA GLU C 14 43.95 -15.89 -5.08
C GLU C 14 44.11 -14.37 -4.99
N ARG C 15 43.17 -13.61 -5.56
CA ARG C 15 43.27 -12.16 -5.57
C ARG C 15 42.34 -11.50 -4.56
N THR C 16 41.63 -12.27 -3.75
CA THR C 16 40.60 -11.72 -2.88
C THR C 16 40.68 -12.30 -1.49
N GLU C 17 40.75 -11.43 -0.48
CA GLU C 17 40.64 -11.87 0.90
C GLU C 17 39.23 -12.37 1.21
N GLU C 18 39.15 -13.47 1.96
CA GLU C 18 37.84 -14.05 2.26
C GLU C 18 36.94 -13.04 2.95
N SER C 19 37.46 -12.29 3.92
CA SER C 19 36.64 -11.35 4.66
C SER C 19 35.98 -10.35 3.70
N SER C 20 36.70 -9.92 2.67
CA SER C 20 36.12 -8.99 1.71
C SER C 20 35.07 -9.68 0.86
N ALA C 21 35.36 -10.91 0.41
CA ALA C 21 34.42 -11.62 -0.45
C ALA C 21 33.12 -11.91 0.29
N VAL C 22 33.22 -12.32 1.56
CA VAL C 22 32.00 -12.58 2.33
C VAL C 22 31.09 -11.36 2.27
N GLN C 23 31.55 -10.24 2.84
CA GLN C 23 30.74 -9.03 2.89
C GLN C 23 30.26 -8.61 1.50
N TYR C 24 31.08 -8.81 0.48
CA TYR C 24 30.74 -8.36 -0.86
C TYR C 24 29.53 -9.08 -1.39
N PHE C 25 29.52 -10.42 -1.28
CA PHE C 25 28.41 -11.19 -1.80
C PHE C 25 27.21 -11.17 -0.87
N GLN C 26 27.43 -10.95 0.43
CA GLN C 26 26.30 -10.64 1.30
C GLN C 26 25.57 -9.39 0.78
N PHE C 27 26.33 -8.36 0.39
CA PHE C 27 25.72 -7.10 -0.04
C PHE C 27 24.88 -7.30 -1.30
N TYR C 28 25.38 -8.06 -2.27
CA TYR C 28 24.65 -8.26 -3.52
C TYR C 28 23.61 -9.36 -3.42
N GLY C 29 23.46 -9.99 -2.26
CA GLY C 29 22.39 -10.95 -2.06
C GLY C 29 21.04 -10.32 -1.76
N TYR C 30 20.99 -9.00 -1.60
CA TYR C 30 19.78 -8.33 -1.17
C TYR C 30 18.95 -7.89 -2.37
N LEU C 31 17.66 -8.17 -2.32
CA LEU C 31 16.76 -7.73 -3.38
C LEU C 31 16.64 -6.21 -3.40
N SER C 32 16.80 -5.56 -2.24
CA SER C 32 16.75 -4.11 -2.22
C SER C 32 17.85 -3.51 -3.10
N GLN C 33 19.02 -4.15 -3.12
CA GLN C 33 20.10 -3.69 -3.98
C GLN C 33 19.74 -3.89 -5.45
N GLN C 34 19.20 -5.06 -5.80
CA GLN C 34 18.73 -5.27 -7.17
C GLN C 34 17.72 -4.20 -7.56
N GLN C 35 16.75 -3.92 -6.68
CA GLN C 35 15.73 -2.92 -6.96
C GLN C 35 16.35 -1.54 -7.19
N ASN C 36 17.34 -1.18 -6.37
CA ASN C 36 18.01 0.11 -6.54
C ASN C 36 18.58 0.25 -7.95
N MET C 37 19.34 -0.75 -8.40
CA MET C 37 19.93 -0.70 -9.74
C MET C 37 18.86 -0.79 -10.82
N MET C 38 17.84 -1.61 -10.62
CA MET C 38 16.78 -1.75 -11.62
C MET C 38 15.98 -0.47 -11.78
N GLN C 39 15.82 0.29 -10.69
CA GLN C 39 15.07 1.54 -10.73
C GLN C 39 15.87 2.70 -11.28
N ASP C 40 17.15 2.49 -11.60
CA ASP C 40 17.94 3.47 -12.33
C ASP C 40 17.57 3.32 -13.81
N TYR C 41 16.80 4.28 -14.32
CA TYR C 41 16.25 4.14 -15.67
C TYR C 41 17.35 4.25 -16.73
N VAL C 42 18.32 5.13 -16.51
CA VAL C 42 19.45 5.23 -17.44
C VAL C 42 20.15 3.88 -17.54
N ARG C 43 20.48 3.29 -16.40
CA ARG C 43 21.12 1.99 -16.36
C ARG C 43 20.27 0.93 -17.06
N THR C 44 19.05 0.74 -16.59
CA THR C 44 18.23 -0.38 -17.06
C THR C 44 17.77 -0.16 -18.49
N GLY C 45 17.28 1.04 -18.81
CA GLY C 45 16.78 1.28 -20.15
C GLY C 45 17.88 1.26 -21.21
N THR C 46 19.07 1.76 -20.86
CA THR C 46 20.14 1.79 -21.83
C THR C 46 20.64 0.39 -22.16
N TYR C 47 20.81 -0.47 -21.14
CA TYR C 47 21.15 -1.86 -21.38
C TYR C 47 20.09 -2.53 -22.26
N GLN C 48 18.81 -2.21 -22.03
CA GLN C 48 17.76 -2.83 -22.82
C GLN C 48 17.84 -2.39 -24.28
N ARG C 49 17.98 -1.07 -24.51
CA ARG C 49 18.10 -0.58 -25.87
C ARG C 49 19.33 -1.17 -26.56
N ALA C 50 20.47 -1.19 -25.86
CA ALA C 50 21.69 -1.71 -26.46
C ALA C 50 21.50 -3.13 -26.96
N ILE C 51 20.80 -3.98 -26.20
CA ILE C 51 20.60 -5.36 -26.59
C ILE C 51 19.51 -5.48 -27.65
N LEU C 52 18.36 -4.86 -27.39
CA LEU C 52 17.23 -4.99 -28.31
C LEU C 52 17.54 -4.37 -29.67
N GLN C 53 18.16 -3.17 -29.67
CA GLN C 53 18.44 -2.49 -30.92
C GLN C 53 19.56 -3.14 -31.72
N ASN C 54 20.28 -4.10 -31.14
CA ASN C 54 21.31 -4.86 -31.84
C ASN C 54 20.88 -6.32 -31.87
N HIS C 55 19.62 -6.57 -32.26
CA HIS C 55 19.04 -7.90 -32.13
C HIS C 55 19.81 -8.95 -32.92
N THR C 56 20.44 -8.56 -34.04
CA THR C 56 21.18 -9.52 -34.85
C THR C 56 22.44 -10.01 -34.13
N ASP C 57 22.86 -9.30 -33.09
CA ASP C 57 23.93 -9.80 -32.25
C ASP C 57 23.46 -10.87 -31.27
N PHE C 58 22.15 -11.13 -31.19
CA PHE C 58 21.61 -12.03 -30.19
C PHE C 58 20.71 -13.12 -30.76
N LYS C 59 20.04 -12.86 -31.88
CA LYS C 59 19.09 -13.82 -32.42
C LYS C 59 19.75 -15.17 -32.68
N ASP C 60 19.21 -16.22 -32.07
CA ASP C 60 19.73 -17.59 -32.16
C ASP C 60 21.20 -17.70 -31.77
N LYS C 61 21.64 -16.84 -30.86
CA LYS C 61 23.02 -16.83 -30.42
C LYS C 61 23.12 -17.44 -29.02
N ILE C 62 24.33 -17.85 -28.65
CA ILE C 62 24.63 -18.32 -27.31
C ILE C 62 25.19 -17.13 -26.54
N VAL C 63 24.70 -16.91 -25.32
CA VAL C 63 25.05 -15.73 -24.54
C VAL C 63 25.52 -16.15 -23.16
N LEU C 64 26.54 -15.45 -22.64
CA LEU C 64 27.00 -15.56 -21.27
C LEU C 64 26.72 -14.25 -20.54
N ASP C 65 26.04 -14.32 -19.40
CA ASP C 65 25.70 -13.17 -18.58
C ASP C 65 26.50 -13.28 -17.28
N VAL C 66 27.53 -12.44 -17.13
CA VAL C 66 28.47 -12.55 -16.02
C VAL C 66 27.99 -11.68 -14.88
N GLY C 67 27.68 -12.31 -13.74
CA GLY C 67 27.17 -11.60 -12.58
C GLY C 67 25.76 -11.11 -12.80
N CYS C 68 24.86 -12.05 -13.10
CA CYS C 68 23.56 -11.71 -13.63
C CYS C 68 22.63 -11.06 -12.61
N GLY C 69 22.97 -11.09 -11.32
CA GLY C 69 22.05 -10.55 -10.33
C GLY C 69 20.71 -11.26 -10.42
N SER C 70 19.62 -10.47 -10.46
CA SER C 70 18.30 -11.06 -10.54
C SER C 70 18.01 -11.63 -11.93
N GLY C 71 18.80 -11.26 -12.94
CA GLY C 71 18.72 -11.84 -14.25
C GLY C 71 18.21 -10.93 -15.37
N ILE C 72 18.14 -9.63 -15.13
CA ILE C 72 17.40 -8.75 -16.04
C ILE C 72 18.03 -8.76 -17.44
N LEU C 73 19.36 -8.72 -17.50
CA LEU C 73 20.01 -8.66 -18.80
C LEU C 73 19.78 -9.95 -19.59
N SER C 74 19.67 -11.08 -18.89
CA SER C 74 19.37 -12.34 -19.58
C SER C 74 17.96 -12.32 -20.16
N PHE C 75 17.00 -11.76 -19.42
CA PHE C 75 15.67 -11.60 -19.99
C PHE C 75 15.70 -10.69 -21.22
N PHE C 76 16.49 -9.61 -21.16
CA PHE C 76 16.67 -8.77 -22.33
C PHE C 76 17.29 -9.56 -23.48
N ALA C 77 18.32 -10.36 -23.21
CA ALA C 77 18.91 -11.21 -24.25
C ALA C 77 17.88 -12.18 -24.81
N ALA C 78 16.98 -12.68 -23.95
CA ALA C 78 15.89 -13.54 -24.42
C ALA C 78 14.88 -12.75 -25.26
N GLN C 79 14.52 -11.54 -24.82
CA GLN C 79 13.69 -10.69 -25.65
C GLN C 79 14.29 -10.51 -27.04
N ALA C 80 15.62 -10.43 -27.12
CA ALA C 80 16.33 -10.24 -28.39
C ALA C 80 16.47 -11.53 -29.19
N GLY C 81 15.94 -12.65 -28.70
CA GLY C 81 15.91 -13.88 -29.47
C GLY C 81 17.10 -14.80 -29.25
N ALA C 82 17.82 -14.66 -28.13
CA ALA C 82 18.94 -15.55 -27.85
C ALA C 82 18.48 -17.00 -27.86
N ARG C 83 19.24 -17.86 -28.52
CA ARG C 83 18.96 -19.29 -28.51
C ARG C 83 19.18 -19.88 -27.12
N LYS C 84 20.26 -19.48 -26.45
CA LYS C 84 20.53 -19.98 -25.10
C LYS C 84 21.41 -18.99 -24.35
N ILE C 85 21.11 -18.82 -23.06
CA ILE C 85 21.76 -17.82 -22.22
C ILE C 85 22.19 -18.48 -20.91
N TYR C 86 23.50 -18.52 -20.66
CA TYR C 86 24.05 -18.95 -19.37
C TYR C 86 24.22 -17.72 -18.48
N ALA C 87 23.52 -17.70 -17.35
CA ALA C 87 23.55 -16.56 -16.42
C ALA C 87 24.27 -16.99 -15.15
N VAL C 88 25.45 -16.41 -14.91
CA VAL C 88 26.30 -16.80 -13.79
C VAL C 88 26.21 -15.76 -12.69
N GLU C 89 26.04 -16.21 -11.45
CA GLU C 89 25.93 -15.32 -10.30
C GLU C 89 26.45 -16.02 -9.06
N ALA C 90 27.36 -15.36 -8.34
CA ALA C 90 28.02 -15.97 -7.19
C ALA C 90 27.28 -15.73 -5.88
N SER C 91 26.41 -14.72 -5.83
CA SER C 91 25.67 -14.44 -4.61
C SER C 91 24.42 -15.30 -4.54
N THR C 92 23.80 -15.29 -3.36
CA THR C 92 22.54 -15.98 -3.18
C THR C 92 21.45 -15.43 -4.09
N MET C 93 21.65 -14.26 -4.71
CA MET C 93 20.67 -13.77 -5.67
C MET C 93 20.43 -14.79 -6.79
N ALA C 94 21.35 -15.71 -7.02
CA ALA C 94 21.17 -16.72 -8.06
C ALA C 94 19.91 -17.54 -7.84
N GLN C 95 19.54 -17.78 -6.58
CA GLN C 95 18.31 -18.52 -6.31
C GLN C 95 17.08 -17.74 -6.77
N HIS C 96 17.10 -16.42 -6.62
CA HIS C 96 15.96 -15.60 -7.04
C HIS C 96 15.87 -15.49 -8.56
N ALA C 97 17.02 -15.38 -9.23
CA ALA C 97 17.03 -15.41 -10.69
C ALA C 97 16.40 -16.70 -11.21
N GLU C 98 16.73 -17.83 -10.59
CA GLU C 98 16.12 -19.09 -10.97
C GLU C 98 14.60 -19.02 -10.88
N VAL C 99 14.09 -18.52 -9.75
CA VAL C 99 12.65 -18.37 -9.59
C VAL C 99 12.07 -17.56 -10.74
N LEU C 100 12.72 -16.44 -11.07
CA LEU C 100 12.20 -15.58 -12.13
C LEU C 100 12.27 -16.27 -13.48
N VAL C 101 13.32 -17.05 -13.74
CA VAL C 101 13.39 -17.78 -15.00
C VAL C 101 12.22 -18.74 -15.10
N LYS C 102 11.91 -19.45 -14.01
CA LYS C 102 10.80 -20.39 -14.01
C LYS C 102 9.47 -19.66 -14.16
N SER C 103 9.24 -18.60 -13.37
CA SER C 103 7.97 -17.90 -13.45
C SER C 103 7.75 -17.24 -14.82
N ASN C 104 8.81 -16.98 -15.57
CA ASN C 104 8.72 -16.35 -16.88
C ASN C 104 8.80 -17.38 -18.02
N ASN C 105 8.67 -18.66 -17.69
CA ASN C 105 8.57 -19.73 -18.69
C ASN C 105 9.74 -19.71 -19.66
N LEU C 106 10.94 -19.46 -19.13
CA LEU C 106 12.15 -19.42 -19.94
C LEU C 106 13.18 -20.46 -19.48
N THR C 107 12.73 -21.53 -18.83
CA THR C 107 13.68 -22.55 -18.39
C THR C 107 14.46 -23.13 -19.57
N ASP C 108 13.85 -23.12 -20.76
CA ASP C 108 14.44 -23.75 -21.94
C ASP C 108 15.57 -22.92 -22.54
N ARG C 109 15.73 -21.66 -22.15
CA ARG C 109 16.66 -20.75 -22.82
C ARG C 109 17.59 -20.02 -21.88
N ILE C 110 17.26 -19.90 -20.60
CA ILE C 110 18.12 -19.31 -19.59
C ILE C 110 18.46 -20.40 -18.58
N VAL C 111 19.74 -20.69 -18.42
CA VAL C 111 20.22 -21.62 -17.41
C VAL C 111 21.02 -20.83 -16.38
N VAL C 112 20.58 -20.88 -15.13
CA VAL C 112 21.21 -20.13 -14.05
C VAL C 112 22.26 -21.02 -13.41
N ILE C 113 23.49 -20.51 -13.32
CA ILE C 113 24.63 -21.22 -12.78
C ILE C 113 25.09 -20.50 -11.52
N PRO C 114 24.81 -21.02 -10.32
CA PRO C 114 25.35 -20.40 -9.12
C PRO C 114 26.85 -20.63 -9.01
N GLY C 115 27.58 -19.58 -8.66
CA GLY C 115 29.00 -19.67 -8.46
C GLY C 115 29.74 -18.54 -9.14
N LYS C 116 31.07 -18.56 -8.98
CA LYS C 116 31.93 -17.54 -9.55
C LYS C 116 32.32 -17.91 -10.98
N VAL C 117 32.39 -16.89 -11.84
CA VAL C 117 32.71 -17.15 -13.24
C VAL C 117 34.11 -17.72 -13.39
N GLU C 118 34.96 -17.46 -12.41
CA GLU C 118 36.31 -18.02 -12.43
C GLU C 118 36.32 -19.49 -12.03
N GLU C 119 35.23 -20.02 -11.48
CA GLU C 119 35.22 -21.37 -10.93
C GLU C 119 34.16 -22.28 -11.54
N VAL C 120 33.08 -21.74 -12.13
CA VAL C 120 32.07 -22.60 -12.73
C VAL C 120 32.63 -23.21 -14.01
N SER C 121 32.01 -24.32 -14.41
CA SER C 121 32.27 -24.93 -15.72
C SER C 121 31.11 -24.58 -16.64
N LEU C 122 31.44 -23.96 -17.77
CA LEU C 122 30.38 -23.70 -18.75
C LEU C 122 30.44 -24.73 -19.86
N PRO C 123 29.30 -25.23 -20.32
CA PRO C 123 29.32 -26.37 -21.25
C PRO C 123 29.87 -26.04 -22.63
N GLU C 124 29.75 -24.80 -23.09
CA GLU C 124 30.11 -24.49 -24.46
C GLU C 124 30.53 -23.03 -24.61
N GLN C 125 31.26 -22.77 -25.70
CA GLN C 125 31.65 -21.41 -26.03
C GLN C 125 30.43 -20.60 -26.45
N VAL C 126 30.51 -19.28 -26.21
CA VAL C 126 29.38 -18.40 -26.45
C VAL C 126 29.74 -17.38 -27.52
N ASP C 127 28.70 -16.82 -28.14
CA ASP C 127 28.89 -15.83 -29.19
C ASP C 127 29.08 -14.43 -28.63
N ILE C 128 28.60 -14.16 -27.42
CA ILE C 128 28.64 -12.81 -26.86
C ILE C 128 28.48 -12.91 -25.36
N ILE C 129 29.27 -12.12 -24.64
CA ILE C 129 29.17 -11.99 -23.19
C ILE C 129 28.52 -10.66 -22.86
N ILE C 130 27.55 -10.68 -21.95
CA ILE C 130 26.95 -9.46 -21.43
C ILE C 130 27.22 -9.39 -19.94
N SER C 131 27.36 -8.17 -19.42
CA SER C 131 27.58 -8.02 -17.99
C SER C 131 27.42 -6.55 -17.62
N GLU C 132 27.26 -6.33 -16.31
CA GLU C 132 27.34 -4.99 -15.72
C GLU C 132 28.48 -5.01 -14.71
N PRO C 133 29.73 -4.92 -15.17
CA PRO C 133 30.89 -5.05 -14.27
C PRO C 133 31.41 -3.75 -13.68
N MET C 134 30.74 -2.63 -13.89
CA MET C 134 31.27 -1.33 -13.52
C MET C 134 30.90 -1.02 -12.08
N GLY C 135 31.90 -0.59 -11.30
CA GLY C 135 31.69 -0.02 -9.99
C GLY C 135 31.95 1.48 -9.98
N TYR C 136 31.93 2.05 -8.77
CA TYR C 136 32.35 3.43 -8.63
C TYR C 136 33.67 3.63 -9.37
N MET C 137 33.82 4.77 -10.03
CA MET C 137 35.05 5.05 -10.77
C MET C 137 35.32 3.96 -11.80
N LEU C 138 34.28 3.23 -12.22
CA LEU C 138 34.39 2.13 -13.16
C LEU C 138 35.08 0.92 -12.53
N PHE C 139 36.24 1.10 -11.90
CA PHE C 139 37.07 -0.04 -11.53
C PHE C 139 36.77 -0.64 -10.17
N ASN C 140 36.14 0.11 -9.25
CA ASN C 140 35.91 -0.45 -7.92
C ASN C 140 35.17 -1.77 -8.03
N GLU C 141 35.45 -2.66 -7.07
CA GLU C 141 34.89 -4.00 -6.96
C GLU C 141 35.71 -5.01 -7.76
N ARG C 142 36.56 -4.52 -8.67
CA ARG C 142 37.41 -5.38 -9.49
C ARG C 142 36.59 -6.41 -10.26
N MET C 143 35.37 -6.04 -10.65
CA MET C 143 34.51 -6.93 -11.42
C MET C 143 34.98 -7.02 -12.87
N LEU C 144 35.58 -5.95 -13.41
CA LEU C 144 36.03 -5.97 -14.80
C LEU C 144 36.96 -7.14 -15.07
N GLU C 145 37.71 -7.57 -14.06
CA GLU C 145 38.61 -8.70 -14.23
C GLU C 145 37.85 -10.01 -14.42
N SER C 146 36.74 -10.19 -13.69
CA SER C 146 35.90 -11.36 -13.91
C SER C 146 35.25 -11.31 -15.29
N TYR C 147 34.83 -10.12 -15.72
CA TYR C 147 34.30 -9.94 -17.07
C TYR C 147 35.33 -10.33 -18.12
N LEU C 148 36.57 -9.87 -17.96
CA LEU C 148 37.60 -10.21 -18.93
C LEU C 148 37.99 -11.69 -18.81
N HIS C 149 38.01 -12.22 -17.59
CA HIS C 149 38.31 -13.64 -17.38
C HIS C 149 37.32 -14.51 -18.14
N ALA C 150 36.07 -14.06 -18.22
CA ALA C 150 35.04 -14.86 -18.89
C ALA C 150 35.28 -15.01 -20.38
N LYS C 151 36.19 -14.22 -20.96
CA LYS C 151 36.51 -14.38 -22.38
C LYS C 151 37.15 -15.72 -22.69
N LYS C 152 37.52 -16.50 -21.67
CA LYS C 152 37.94 -17.87 -21.93
C LYS C 152 36.81 -18.69 -22.52
N TYR C 153 35.57 -18.24 -22.36
CA TYR C 153 34.39 -18.92 -22.91
C TYR C 153 33.91 -18.29 -24.20
N LEU C 154 34.55 -17.23 -24.68
CA LEU C 154 34.08 -16.49 -25.84
C LEU C 154 34.68 -17.08 -27.10
N LYS C 155 33.81 -17.45 -28.05
CA LYS C 155 34.30 -17.85 -29.35
C LYS C 155 35.21 -16.77 -29.90
N PRO C 156 36.23 -17.11 -30.69
CA PRO C 156 36.91 -16.07 -31.46
C PRO C 156 35.90 -15.38 -32.35
N SER C 157 36.03 -14.07 -32.48
CA SER C 157 35.07 -13.25 -33.22
C SER C 157 33.78 -13.01 -32.44
N GLY C 158 33.74 -13.40 -31.17
CA GLY C 158 32.62 -13.06 -30.32
C GLY C 158 32.68 -11.60 -29.92
N ASN C 159 31.63 -11.17 -29.23
CA ASN C 159 31.50 -9.77 -28.84
C ASN C 159 31.34 -9.65 -27.33
N MET C 160 31.52 -8.42 -26.84
CA MET C 160 31.39 -8.08 -25.43
C MET C 160 30.45 -6.89 -25.28
N PHE C 161 29.50 -6.99 -24.35
CA PHE C 161 28.48 -5.96 -24.11
C PHE C 161 28.49 -5.66 -22.62
N PRO C 162 29.22 -4.63 -22.18
CA PRO C 162 29.85 -3.55 -22.95
C PRO C 162 31.15 -3.93 -23.66
N THR C 163 31.45 -3.18 -24.72
CA THR C 163 32.61 -3.46 -25.55
C THR C 163 33.84 -2.64 -25.12
N ILE C 164 33.66 -1.38 -24.74
CA ILE C 164 34.74 -0.56 -24.22
C ILE C 164 34.26 0.17 -22.98
N GLY C 165 35.20 0.55 -22.14
CA GLY C 165 34.91 1.43 -21.02
C GLY C 165 35.88 2.59 -21.02
N ASP C 166 35.38 3.81 -20.85
CA ASP C 166 36.19 5.01 -20.81
C ASP C 166 36.05 5.63 -19.41
N VAL C 167 37.13 5.68 -18.66
CA VAL C 167 37.15 6.46 -17.42
C VAL C 167 37.66 7.85 -17.76
N HIS C 168 37.01 8.87 -17.19
CA HIS C 168 37.34 10.27 -17.43
C HIS C 168 37.87 10.92 -16.16
N LEU C 169 38.92 11.72 -16.30
CA LEU C 169 39.49 12.49 -15.20
C LEU C 169 39.51 13.96 -15.55
N ALA C 170 39.09 14.81 -14.60
CA ALA C 170 39.13 16.25 -14.80
C ALA C 170 39.47 16.96 -13.49
N PRO C 171 40.27 18.02 -13.54
CA PRO C 171 40.54 18.79 -12.32
C PRO C 171 39.32 19.61 -11.93
N PHE C 172 39.12 19.79 -10.63
CA PHE C 172 37.98 20.55 -10.17
C PHE C 172 38.41 21.52 -9.09
N THR C 173 37.60 22.57 -8.91
CA THR C 173 37.72 23.50 -7.80
C THR C 173 36.48 23.39 -6.93
N ASP C 174 36.66 23.15 -5.64
CA ASP C 174 35.56 23.12 -4.69
C ASP C 174 36.07 23.54 -3.33
N GLU C 175 36.11 24.85 -3.08
CA GLU C 175 36.69 25.37 -1.85
C GLU C 175 35.98 24.83 -0.62
N GLN C 176 34.66 24.69 -0.68
CA GLN C 176 33.90 24.28 0.48
C GLN C 176 34.15 22.82 0.81
N LEU C 177 34.24 21.96 -0.21
CA LEU C 177 34.59 20.57 0.06
C LEU C 177 35.95 20.46 0.73
N TYR C 178 36.93 21.23 0.25
CA TYR C 178 38.27 21.16 0.84
C TYR C 178 38.26 21.60 2.30
N MET C 179 37.67 22.78 2.57
CA MET C 179 37.67 23.30 3.94
C MET C 179 36.88 22.41 4.88
N GLU C 180 35.88 21.67 4.37
CA GLU C 180 35.05 20.80 5.21
C GLU C 180 35.88 19.74 5.92
N GLN C 181 36.91 19.22 5.25
CA GLN C 181 37.78 18.23 5.90
C GLN C 181 38.34 18.78 7.22
N PHE C 182 38.82 20.02 7.19
CA PHE C 182 39.43 20.58 8.39
C PHE C 182 38.40 21.00 9.42
N THR C 183 37.22 21.38 8.98
CA THR C 183 36.17 21.69 9.94
C THR C 183 35.75 20.44 10.71
N LYS C 184 35.70 19.28 10.03
CA LYS C 184 35.39 18.03 10.71
C LYS C 184 36.53 17.60 11.62
N ALA C 185 37.77 17.69 11.13
CA ALA C 185 38.90 17.28 11.95
C ALA C 185 39.09 18.19 13.15
N ASN C 186 38.75 19.46 13.02
CA ASN C 186 38.95 20.41 14.11
C ASN C 186 38.11 20.09 15.35
N PHE C 187 37.16 19.15 15.24
CA PHE C 187 36.55 18.63 16.45
C PHE C 187 37.60 18.25 17.47
N TRP C 188 38.70 17.64 17.01
CA TRP C 188 39.74 17.20 17.91
C TRP C 188 40.59 18.35 18.44
N TYR C 189 40.53 19.53 17.81
CA TYR C 189 41.41 20.62 18.22
C TYR C 189 40.73 21.47 19.30
N GLN C 190 40.58 20.86 20.47
CA GLN C 190 40.11 21.57 21.64
C GLN C 190 40.85 21.08 22.88
N PRO C 191 41.22 22.00 23.80
CA PRO C 191 42.08 21.60 24.93
C PRO C 191 41.34 20.91 26.06
N SER C 192 40.02 21.05 26.15
CA SER C 192 39.28 20.48 27.27
C SER C 192 37.90 20.04 26.78
N PHE C 193 37.89 18.92 26.06
CA PHE C 193 36.65 18.21 25.74
C PHE C 193 36.27 17.39 26.98
N HIS C 194 35.30 17.89 27.74
CA HIS C 194 34.95 17.27 29.02
C HIS C 194 36.21 17.05 29.87
N GLY C 195 37.16 17.97 29.78
CA GLY C 195 38.37 17.89 30.57
C GLY C 195 39.56 17.22 29.90
N VAL C 196 39.41 16.75 28.67
CA VAL C 196 40.44 16.01 27.96
C VAL C 196 40.94 16.89 26.82
N ASP C 197 42.26 17.01 26.71
CA ASP C 197 42.90 17.67 25.59
C ASP C 197 42.95 16.69 24.42
N LEU C 198 42.18 16.96 23.38
CA LEU C 198 42.06 16.06 22.24
C LEU C 198 42.99 16.42 21.09
N SER C 199 43.75 17.50 21.21
CA SER C 199 44.32 18.15 20.04
C SER C 199 45.37 17.28 19.35
N ALA C 200 46.02 16.38 20.10
CA ALA C 200 47.08 15.57 19.52
C ALA C 200 46.57 14.60 18.46
N LEU C 201 45.26 14.39 18.36
CA LEU C 201 44.68 13.52 17.34
C LEU C 201 44.19 14.29 16.11
N ARG C 202 44.30 15.61 16.10
CA ARG C 202 43.78 16.38 14.97
C ARG C 202 44.42 15.95 13.67
N GLY C 203 45.76 15.85 13.63
CA GLY C 203 46.43 15.51 12.39
C GLY C 203 46.04 14.15 11.86
N ALA C 204 45.84 13.19 12.76
CA ALA C 204 45.40 11.87 12.32
C ALA C 204 43.99 11.93 11.74
N ALA C 205 43.12 12.73 12.36
CA ALA C 205 41.77 12.90 11.82
C ALA C 205 41.82 13.47 10.40
N VAL C 206 42.63 14.52 10.21
CA VAL C 206 42.80 15.11 8.89
C VAL C 206 43.22 14.04 7.88
N ASP C 207 44.27 13.29 8.21
CA ASP C 207 44.77 12.28 7.29
C ASP C 207 43.68 11.27 6.95
N GLU C 208 42.90 10.87 7.94
CA GLU C 208 41.83 9.90 7.72
C GLU C 208 40.81 10.40 6.71
N TYR C 209 40.42 11.68 6.82
CA TYR C 209 39.43 12.19 5.88
C TYR C 209 39.98 12.26 4.47
N PHE C 210 41.25 12.64 4.32
CA PHE C 210 41.83 12.81 2.98
C PHE C 210 42.13 11.50 2.28
N ARG C 211 42.12 10.38 3.00
CA ARG C 211 42.28 9.08 2.33
C ARG C 211 41.00 8.62 1.64
N GLN C 212 39.88 9.31 1.84
CA GLN C 212 38.59 8.82 1.38
C GLN C 212 38.19 9.50 0.08
N PRO C 213 38.04 8.78 -1.03
CA PRO C 213 37.38 9.39 -2.20
C PRO C 213 35.97 9.79 -1.81
N VAL C 214 35.48 10.86 -2.44
CA VAL C 214 34.19 11.44 -2.11
C VAL C 214 33.20 11.03 -3.20
N VAL C 215 32.18 10.28 -2.82
CA VAL C 215 31.13 9.84 -3.74
C VAL C 215 29.95 10.78 -3.59
N ASP C 216 29.59 11.42 -4.69
CA ASP C 216 28.81 12.65 -4.69
C ASP C 216 28.56 13.01 -6.14
N THR C 217 27.61 13.91 -6.36
CA THR C 217 27.52 14.60 -7.63
C THR C 217 27.87 16.06 -7.43
N PHE C 218 27.99 16.79 -8.53
CA PHE C 218 28.38 18.17 -8.45
C PHE C 218 27.98 18.92 -9.71
N ASP C 219 27.92 20.24 -9.59
CA ASP C 219 27.67 21.11 -10.72
C ASP C 219 28.86 21.09 -11.67
N ILE C 220 28.61 20.89 -12.97
CA ILE C 220 29.72 20.77 -13.91
C ILE C 220 30.57 22.03 -13.96
N ARG C 221 30.10 23.15 -13.40
CA ARG C 221 30.83 24.41 -13.47
C ARG C 221 32.04 24.42 -12.55
N ILE C 222 32.22 23.40 -11.71
CA ILE C 222 33.43 23.32 -10.90
C ILE C 222 34.59 22.73 -11.67
N LEU C 223 34.34 22.15 -12.85
CA LEU C 223 35.39 21.55 -13.65
C LEU C 223 36.23 22.60 -14.36
N MET C 224 37.54 22.39 -14.39
CA MET C 224 38.47 23.42 -14.82
C MET C 224 39.16 23.11 -16.14
N ALA C 225 38.88 21.96 -16.73
CA ALA C 225 39.51 21.56 -17.98
C ALA C 225 38.75 20.39 -18.54
N LYS C 226 38.82 20.24 -19.86
CA LYS C 226 38.25 19.07 -20.49
C LYS C 226 38.87 17.81 -19.90
N SER C 227 38.06 16.78 -19.72
CA SER C 227 38.55 15.57 -19.09
C SER C 227 39.61 14.91 -19.96
N VAL C 228 40.46 14.12 -19.31
CA VAL C 228 41.32 13.15 -20.00
C VAL C 228 40.65 11.79 -19.90
N LYS C 229 40.68 11.05 -21.01
CA LYS C 229 39.99 9.77 -21.12
C LYS C 229 41.02 8.65 -21.13
N TYR C 230 40.76 7.62 -20.33
CA TYR C 230 41.57 6.40 -20.34
C TYR C 230 40.64 5.25 -20.72
N THR C 231 40.95 4.59 -21.82
CA THR C 231 40.06 3.62 -22.45
C THR C 231 40.53 2.20 -22.21
N VAL C 232 39.61 1.35 -21.74
CA VAL C 232 39.78 -0.10 -21.72
C VAL C 232 38.92 -0.69 -22.83
N ASN C 233 39.54 -1.44 -23.74
CA ASN C 233 38.83 -2.17 -24.80
C ASN C 233 38.62 -3.60 -24.30
N PHE C 234 37.42 -3.91 -23.84
CA PHE C 234 37.18 -5.21 -23.23
C PHE C 234 37.37 -6.37 -24.20
N LEU C 235 37.30 -6.12 -25.50
CA LEU C 235 37.55 -7.16 -26.47
C LEU C 235 39.03 -7.49 -26.61
N GLU C 236 39.91 -6.56 -26.25
CA GLU C 236 41.35 -6.75 -26.39
C GLU C 236 42.07 -6.93 -25.06
N ALA C 237 41.55 -6.35 -23.98
CA ALA C 237 42.29 -6.32 -22.72
C ALA C 237 42.35 -7.70 -22.09
N LYS C 238 43.42 -7.93 -21.34
CA LYS C 238 43.56 -9.09 -20.46
C LYS C 238 43.31 -8.65 -19.03
N GLU C 239 42.90 -9.60 -18.18
CA GLU C 239 42.60 -9.19 -16.81
C GLU C 239 43.83 -8.65 -16.10
N GLY C 240 45.03 -9.05 -16.50
CA GLY C 240 46.22 -8.48 -15.88
C GLY C 240 46.41 -7.01 -16.19
N ASP C 241 45.85 -6.52 -17.30
CA ASP C 241 45.93 -5.11 -17.61
C ASP C 241 45.30 -4.23 -16.54
N LEU C 242 44.46 -4.80 -15.68
CA LEU C 242 43.75 -4.02 -14.69
C LEU C 242 44.37 -4.11 -13.29
N HIS C 243 45.46 -4.86 -13.12
CA HIS C 243 46.12 -4.94 -11.83
C HIS C 243 46.86 -3.66 -11.47
N ARG C 244 47.40 -2.98 -12.47
CA ARG C 244 48.10 -1.70 -12.29
C ARG C 244 47.66 -0.79 -13.43
N ILE C 245 46.88 0.23 -13.12
CA ILE C 245 46.32 1.13 -14.14
C ILE C 245 46.99 2.49 -13.95
N GLU C 246 47.90 2.83 -14.86
CA GLU C 246 48.60 4.11 -14.83
C GLU C 246 47.93 5.06 -15.81
N ILE C 247 47.24 6.06 -15.29
CA ILE C 247 46.55 7.04 -16.14
C ILE C 247 47.36 8.34 -16.13
N PRO C 248 48.18 8.59 -17.15
CA PRO C 248 48.80 9.92 -17.27
C PRO C 248 47.76 10.96 -17.65
N PHE C 249 48.03 12.21 -17.27
CA PHE C 249 47.15 13.29 -17.69
C PHE C 249 47.96 14.56 -17.87
N LYS C 250 47.51 15.36 -18.82
CA LYS C 250 47.97 16.73 -19.05
C LYS C 250 46.70 17.53 -19.34
N PHE C 251 46.29 18.37 -18.41
CA PHE C 251 45.06 19.13 -18.56
C PHE C 251 45.40 20.51 -19.09
N HIS C 252 44.69 20.92 -20.14
CA HIS C 252 44.77 22.28 -20.65
C HIS C 252 43.74 23.10 -19.91
N MET C 253 44.20 23.90 -18.95
CA MET C 253 43.27 24.60 -18.07
C MET C 253 42.42 25.59 -18.85
N LEU C 254 41.09 25.47 -18.70
CA LEU C 254 40.16 26.40 -19.31
C LEU C 254 39.78 27.54 -18.38
N HIS C 255 40.07 27.41 -17.09
CA HIS C 255 39.75 28.44 -16.12
C HIS C 255 40.91 28.61 -15.15
N SER C 256 40.98 29.81 -14.58
CA SER C 256 41.98 30.15 -13.58
C SER C 256 41.38 30.00 -12.19
N GLY C 257 42.16 29.47 -11.26
CA GLY C 257 41.72 29.29 -9.90
C GLY C 257 42.47 28.18 -9.20
N LEU C 258 41.95 27.83 -8.03
CA LEU C 258 42.58 26.81 -7.19
C LEU C 258 42.01 25.44 -7.53
N VAL C 259 42.90 24.50 -7.86
CA VAL C 259 42.51 23.13 -8.16
C VAL C 259 42.64 22.31 -6.87
N HIS C 260 41.53 21.77 -6.39
CA HIS C 260 41.53 21.04 -5.14
C HIS C 260 41.61 19.54 -5.30
N GLY C 261 41.41 19.02 -6.51
CA GLY C 261 41.50 17.59 -6.70
C GLY C 261 41.04 17.19 -8.10
N LEU C 262 40.83 15.89 -8.26
CA LEU C 262 40.42 15.33 -9.53
C LEU C 262 39.04 14.67 -9.40
N ALA C 263 38.19 14.93 -10.40
CA ALA C 263 36.87 14.33 -10.51
C ALA C 263 36.92 13.15 -11.48
N PHE C 264 36.16 12.10 -11.16
CA PHE C 264 36.14 10.90 -11.99
C PHE C 264 34.72 10.54 -12.37
N TRP C 265 34.55 10.08 -13.62
CA TRP C 265 33.32 9.42 -14.06
C TRP C 265 33.69 8.42 -15.16
N PHE C 266 32.69 7.73 -15.69
CA PHE C 266 32.97 6.76 -16.74
C PHE C 266 31.80 6.63 -17.71
N ASP C 267 32.13 6.23 -18.94
CA ASP C 267 31.19 5.85 -19.97
C ASP C 267 31.51 4.41 -20.37
N VAL C 268 30.50 3.67 -20.84
CA VAL C 268 30.73 2.41 -21.53
C VAL C 268 29.98 2.44 -22.85
N ALA C 269 30.50 1.71 -23.84
CA ALA C 269 29.89 1.61 -25.15
C ALA C 269 29.54 0.16 -25.43
N PHE C 270 28.33 -0.06 -25.95
CA PHE C 270 27.92 -1.33 -26.51
C PHE C 270 28.02 -1.20 -28.02
N ILE C 271 29.05 -1.83 -28.59
CA ILE C 271 29.38 -1.66 -30.00
C ILE C 271 28.75 -2.84 -30.73
N GLY C 272 27.52 -2.64 -31.19
CA GLY C 272 26.78 -3.68 -31.86
C GLY C 272 26.97 -3.68 -33.37
N SER C 273 26.52 -4.77 -34.00
CA SER C 273 26.60 -4.86 -35.44
C SER C 273 25.68 -3.86 -36.13
N ILE C 274 24.58 -3.50 -35.48
CA ILE C 274 23.65 -2.50 -36.04
C ILE C 274 24.01 -1.10 -35.58
N MET C 275 24.33 -0.92 -34.31
CA MET C 275 24.64 0.42 -33.81
C MET C 275 25.42 0.32 -32.52
N THR C 276 25.98 1.46 -32.13
CA THR C 276 26.69 1.62 -30.87
C THR C 276 25.81 2.43 -29.93
N VAL C 277 25.66 1.94 -28.70
CA VAL C 277 24.87 2.61 -27.67
C VAL C 277 25.79 2.94 -26.51
N TRP C 278 25.63 4.14 -25.96
CA TRP C 278 26.49 4.63 -24.88
C TRP C 278 25.69 4.76 -23.59
N LEU C 279 26.29 4.30 -22.49
CA LEU C 279 25.82 4.56 -21.13
C LEU C 279 26.83 5.46 -20.45
N SER C 280 26.39 6.62 -19.97
CA SER C 280 27.30 7.62 -19.42
C SER C 280 26.89 7.97 -17.99
N THR C 281 27.88 8.02 -17.10
CA THR C 281 27.70 8.52 -15.76
C THR C 281 28.29 9.91 -15.58
N ALA C 282 28.52 10.63 -16.68
CA ALA C 282 29.14 11.94 -16.60
C ALA C 282 28.24 12.91 -15.84
N PRO C 283 28.82 13.95 -15.23
CA PRO C 283 28.00 14.95 -14.53
C PRO C 283 27.18 15.84 -15.45
N THR C 284 27.47 15.84 -16.76
CA THR C 284 26.63 16.50 -17.74
C THR C 284 25.36 15.72 -18.03
N GLU C 285 25.25 14.49 -17.52
CA GLU C 285 24.15 13.59 -17.79
C GLU C 285 23.32 13.34 -16.55
N PRO C 286 22.09 12.81 -16.71
CA PRO C 286 21.26 12.52 -15.54
C PRO C 286 22.01 11.64 -14.54
N LEU C 287 21.80 11.93 -13.25
CA LEU C 287 22.50 11.19 -12.21
C LEU C 287 22.13 9.71 -12.26
N THR C 288 23.12 8.86 -12.02
CA THR C 288 22.95 7.42 -11.90
C THR C 288 23.37 7.00 -10.50
N HIS C 289 23.13 5.72 -10.19
CA HIS C 289 23.55 5.19 -8.91
C HIS C 289 25.06 5.00 -8.83
N TRP C 290 25.80 5.29 -9.90
CA TRP C 290 27.24 5.38 -9.82
C TRP C 290 27.71 6.75 -9.36
N TYR C 291 26.83 7.76 -9.39
CA TYR C 291 27.19 9.13 -9.03
C TYR C 291 28.46 9.56 -9.77
N GLN C 292 29.35 10.26 -9.07
CA GLN C 292 30.68 10.58 -9.55
C GLN C 292 31.62 10.49 -8.36
N VAL C 293 32.92 10.54 -8.63
CA VAL C 293 33.93 10.36 -7.59
C VAL C 293 34.94 11.50 -7.66
N ARG C 294 35.27 12.06 -6.50
CA ARG C 294 36.28 13.11 -6.41
C ARG C 294 37.34 12.71 -5.39
N CYS C 295 38.61 12.87 -5.80
CA CYS C 295 39.76 12.66 -4.93
C CYS C 295 40.46 13.99 -4.73
N LEU C 296 40.59 14.43 -3.48
CA LEU C 296 41.23 15.70 -3.20
C LEU C 296 42.76 15.57 -3.28
N PHE C 297 43.41 16.67 -3.67
CA PHE C 297 44.83 16.80 -3.36
C PHE C 297 44.99 17.20 -1.91
N GLN C 298 46.18 16.91 -1.36
CA GLN C 298 46.45 17.31 0.02
C GLN C 298 46.47 18.83 0.16
N SER C 299 46.95 19.53 -0.86
CA SER C 299 46.97 20.99 -0.89
C SER C 299 46.56 21.46 -2.28
N PRO C 300 45.83 22.57 -2.37
CA PRO C 300 45.41 23.05 -3.68
C PRO C 300 46.58 23.56 -4.50
N LEU C 301 46.38 23.56 -5.81
CA LEU C 301 47.35 24.08 -6.77
C LEU C 301 46.69 25.20 -7.56
N PHE C 302 47.33 26.36 -7.59
CA PHE C 302 46.82 27.46 -8.41
C PHE C 302 47.23 27.26 -9.86
N ALA C 303 46.28 27.48 -10.76
CA ALA C 303 46.53 27.37 -12.19
C ALA C 303 45.79 28.47 -12.93
N LYS C 304 46.46 29.08 -13.90
CA LYS C 304 45.84 30.06 -14.78
C LYS C 304 45.28 29.33 -16.00
N ALA C 305 44.23 29.90 -16.59
CA ALA C 305 43.76 29.40 -17.87
C ALA C 305 44.90 29.46 -18.88
N GLY C 306 45.12 28.35 -19.56
CA GLY C 306 46.23 28.22 -20.47
C GLY C 306 47.42 27.48 -19.90
N ASP C 307 47.56 27.45 -18.57
CA ASP C 307 48.53 26.59 -17.93
C ASP C 307 48.17 25.13 -18.21
N THR C 308 49.14 24.25 -17.97
CA THR C 308 48.93 22.81 -18.10
C THR C 308 49.17 22.17 -16.74
N LEU C 309 48.25 21.29 -16.34
CA LEU C 309 48.35 20.53 -15.11
C LEU C 309 48.62 19.08 -15.49
N SER C 310 49.80 18.58 -15.10
CA SER C 310 50.25 17.26 -15.52
C SER C 310 50.55 16.40 -14.31
N GLY C 311 50.60 15.10 -14.54
CA GLY C 311 50.83 14.15 -13.47
C GLY C 311 50.27 12.80 -13.87
N THR C 312 50.07 11.94 -12.87
CA THR C 312 49.58 10.60 -13.10
C THR C 312 48.61 10.21 -12.00
N CYS C 313 47.63 9.40 -12.36
CA CYS C 313 46.76 8.72 -11.41
C CYS C 313 47.07 7.23 -11.53
N LEU C 314 47.65 6.66 -10.48
CA LEU C 314 48.03 5.25 -10.47
C LEU C 314 47.07 4.48 -9.58
N LEU C 315 46.35 3.53 -10.17
CA LEU C 315 45.44 2.66 -9.46
C LEU C 315 46.10 1.31 -9.29
N ILE C 316 46.35 0.93 -8.03
CA ILE C 316 47.01 -0.32 -7.70
C ILE C 316 45.97 -1.23 -7.08
N ALA C 317 45.65 -2.34 -7.76
CA ALA C 317 44.65 -3.26 -7.25
C ALA C 317 45.09 -3.88 -5.92
N ASN C 318 44.12 -4.14 -5.05
CA ASN C 318 44.42 -4.79 -3.78
C ASN C 318 43.45 -5.95 -3.56
N LYS C 319 43.70 -6.70 -2.51
CA LYS C 319 42.97 -7.93 -2.22
C LYS C 319 41.61 -7.69 -1.61
N ARG C 320 41.24 -6.44 -1.32
CA ARG C 320 39.91 -6.09 -0.85
C ARG C 320 38.98 -5.71 -2.00
N GLN C 321 39.19 -6.29 -3.19
CA GLN C 321 38.34 -6.06 -4.34
C GLN C 321 38.26 -4.57 -4.68
N SER C 322 39.34 -3.84 -4.47
CA SER C 322 39.34 -2.41 -4.77
C SER C 322 40.76 -1.98 -5.11
N TYR C 323 41.00 -0.67 -5.00
CA TYR C 323 42.26 -0.08 -5.46
C TYR C 323 42.78 0.94 -4.47
N ASP C 324 44.09 1.02 -4.35
CA ASP C 324 44.75 2.18 -3.79
C ASP C 324 45.02 3.16 -4.92
N ILE C 325 44.71 4.43 -4.67
CA ILE C 325 44.79 5.48 -5.68
C ILE C 325 45.92 6.43 -5.28
N SER C 326 46.96 6.50 -6.09
CA SER C 326 48.04 7.45 -5.89
C SER C 326 47.93 8.51 -6.98
N ILE C 327 47.78 9.77 -6.59
CA ILE C 327 47.64 10.87 -7.52
C ILE C 327 48.78 11.84 -7.29
N VAL C 328 49.52 12.15 -8.35
CA VAL C 328 50.55 13.17 -8.35
C VAL C 328 50.20 14.19 -9.42
N ALA C 329 50.30 15.48 -9.09
CA ALA C 329 49.95 16.51 -10.05
C ALA C 329 50.84 17.73 -9.85
N GLN C 330 51.00 18.49 -10.93
CA GLN C 330 51.99 19.55 -11.00
C GLN C 330 51.52 20.57 -12.02
N VAL C 331 51.58 21.83 -11.63
CA VAL C 331 51.34 22.93 -12.56
C VAL C 331 52.65 23.18 -13.29
N ASP C 332 52.68 22.84 -14.58
CA ASP C 332 53.95 22.84 -15.31
C ASP C 332 54.59 24.22 -15.31
N GLN C 333 53.81 25.26 -15.57
CA GLN C 333 54.38 26.59 -15.74
C GLN C 333 54.92 27.18 -14.45
N THR C 334 54.60 26.60 -13.29
CA THR C 334 55.12 27.10 -12.01
C THR C 334 55.87 26.06 -11.19
N GLY C 335 55.72 24.77 -11.46
CA GLY C 335 56.34 23.74 -10.65
C GLY C 335 55.63 23.42 -9.36
N SER C 336 54.55 24.13 -9.04
CA SER C 336 53.72 23.77 -7.89
C SER C 336 53.23 22.34 -8.06
N LYS C 337 53.35 21.55 -6.99
CA LYS C 337 53.07 20.14 -7.02
C LYS C 337 52.24 19.76 -5.80
N SER C 338 51.41 18.72 -5.97
CA SER C 338 50.70 18.12 -4.86
C SER C 338 50.41 16.66 -5.20
N SER C 339 49.79 15.97 -4.26
CA SER C 339 49.57 14.54 -4.37
C SER C 339 48.56 14.13 -3.32
N ASN C 340 48.12 12.88 -3.40
CA ASN C 340 47.33 12.26 -2.37
C ASN C 340 47.31 10.77 -2.63
N LEU C 341 47.02 10.01 -1.58
CA LEU C 341 46.91 8.57 -1.66
C LEU C 341 45.61 8.19 -0.97
N LEU C 342 44.73 7.49 -1.69
CA LEU C 342 43.38 7.25 -1.23
C LEU C 342 43.03 5.78 -1.31
N ASP C 343 42.11 5.36 -0.44
CA ASP C 343 41.64 3.99 -0.37
C ASP C 343 40.24 3.97 -0.99
N LEU C 344 40.14 3.46 -2.21
CA LEU C 344 38.86 3.46 -2.89
C LEU C 344 37.83 2.55 -2.22
N LYS C 345 38.27 1.59 -1.43
CA LYS C 345 37.33 0.71 -0.76
C LYS C 345 36.54 1.42 0.33
N ASN C 346 37.04 2.56 0.82
CA ASN C 346 36.45 3.24 1.97
C ASN C 346 35.97 4.63 1.57
N PRO C 347 35.05 4.73 0.61
CA PRO C 347 34.62 6.05 0.13
C PRO C 347 33.78 6.77 1.19
N PHE C 348 33.77 8.10 1.11
CA PHE C 348 32.84 8.90 1.91
C PHE C 348 31.66 9.27 1.02
N PHE C 349 30.46 8.80 1.37
CA PHE C 349 29.25 9.09 0.60
C PHE C 349 28.68 10.43 1.08
N ARG C 350 28.90 11.48 0.30
CA ARG C 350 28.55 12.84 0.66
C ARG C 350 27.23 13.31 0.06
N TYR C 351 26.65 12.55 -0.87
CA TYR C 351 25.49 13.03 -1.60
C TYR C 351 24.34 13.35 -0.66
N THR C 352 23.62 14.42 -0.99
CA THR C 352 22.50 14.88 -0.18
C THR C 352 21.34 15.30 -1.07
N SER D 10 39.76 -18.61 22.01
CA SER D 10 39.28 -17.52 22.85
C SER D 10 37.75 -17.48 22.78
N VAL D 11 37.11 -17.08 23.89
CA VAL D 11 35.65 -17.02 23.90
C VAL D 11 35.15 -16.15 22.75
N PHE D 12 35.86 -15.07 22.44
CA PHE D 12 35.39 -14.17 21.40
C PHE D 12 35.41 -14.86 20.04
N SER D 13 36.58 -15.37 19.64
CA SER D 13 36.69 -15.99 18.32
C SER D 13 35.74 -17.17 18.19
N GLU D 14 35.49 -17.90 19.27
CA GLU D 14 34.62 -19.07 19.19
C GLU D 14 33.20 -18.68 18.81
N ARG D 15 32.76 -17.48 19.21
CA ARG D 15 31.38 -17.04 18.98
C ARG D 15 31.26 -16.04 17.84
N THR D 16 32.36 -15.75 17.13
CA THR D 16 32.36 -14.65 16.15
C THR D 16 33.02 -15.11 14.86
N GLU D 17 32.28 -14.97 13.75
CA GLU D 17 32.88 -15.17 12.44
C GLU D 17 33.99 -14.14 12.21
N GLU D 18 35.08 -14.58 11.59
CA GLU D 18 36.20 -13.67 11.41
C GLU D 18 35.84 -12.52 10.48
N SER D 19 35.07 -12.81 9.43
CA SER D 19 34.68 -11.75 8.51
C SER D 19 33.87 -10.67 9.22
N SER D 20 33.02 -11.07 10.16
CA SER D 20 32.26 -10.08 10.92
C SER D 20 33.17 -9.28 11.82
N ALA D 21 34.09 -9.95 12.50
CA ALA D 21 34.96 -9.25 13.44
C ALA D 21 35.90 -8.28 12.72
N VAL D 22 36.38 -8.65 11.54
CA VAL D 22 37.26 -7.76 10.77
C VAL D 22 36.55 -6.45 10.49
N GLN D 23 35.36 -6.54 9.86
CA GLN D 23 34.61 -5.34 9.54
C GLN D 23 34.23 -4.57 10.79
N TYR D 24 33.85 -5.27 11.85
CA TYR D 24 33.41 -4.62 13.07
C TYR D 24 34.52 -3.76 13.66
N PHE D 25 35.70 -4.34 13.89
CA PHE D 25 36.78 -3.58 14.49
C PHE D 25 37.36 -2.56 13.52
N GLN D 26 37.26 -2.81 12.21
CA GLN D 26 37.61 -1.79 11.24
C GLN D 26 36.73 -0.57 11.39
N PHE D 27 35.41 -0.78 11.53
CA PHE D 27 34.47 0.32 11.70
C PHE D 27 34.86 1.17 12.91
N TYR D 28 35.12 0.52 14.04
CA TYR D 28 35.44 1.23 15.28
C TYR D 28 36.87 1.73 15.34
N GLY D 29 37.66 1.52 14.29
CA GLY D 29 38.97 2.12 14.22
C GLY D 29 38.99 3.55 13.73
N TYR D 30 37.87 4.02 13.18
CA TYR D 30 37.83 5.32 12.52
C TYR D 30 37.59 6.42 13.54
N LEU D 31 38.43 7.45 13.49
CA LEU D 31 38.26 8.59 14.38
C LEU D 31 36.92 9.27 14.16
N SER D 32 36.43 9.27 12.93
CA SER D 32 35.14 9.89 12.66
C SER D 32 34.02 9.21 13.43
N GLN D 33 34.08 7.88 13.55
CA GLN D 33 33.09 7.18 14.37
C GLN D 33 33.24 7.56 15.83
N GLN D 34 34.49 7.64 16.32
CA GLN D 34 34.70 8.13 17.68
C GLN D 34 34.09 9.51 17.88
N GLN D 35 34.37 10.43 16.95
CA GLN D 35 33.80 11.77 17.02
C GLN D 35 32.28 11.68 17.08
N ASN D 36 31.68 10.79 16.29
CA ASN D 36 30.23 10.67 16.25
C ASN D 36 29.67 10.31 17.62
N MET D 37 30.29 9.32 18.28
CA MET D 37 29.80 8.91 19.60
C MET D 37 30.12 9.95 20.67
N MET D 38 31.28 10.60 20.56
CA MET D 38 31.68 11.57 21.57
C MET D 38 30.84 12.84 21.49
N GLN D 39 30.38 13.21 20.30
CA GLN D 39 29.53 14.39 20.14
C GLN D 39 28.12 14.18 20.68
N ASP D 40 27.71 12.94 20.95
CA ASP D 40 26.44 12.67 21.63
C ASP D 40 26.56 13.21 23.05
N TYR D 41 26.06 14.44 23.28
CA TYR D 41 26.29 15.07 24.57
C TYR D 41 25.55 14.37 25.69
N VAL D 42 24.34 13.86 25.42
CA VAL D 42 23.64 13.07 26.43
C VAL D 42 24.50 11.88 26.85
N ARG D 43 25.05 11.14 25.86
CA ARG D 43 25.88 9.98 26.17
C ARG D 43 27.11 10.36 26.97
N THR D 44 27.86 11.33 26.48
CA THR D 44 29.13 11.64 27.11
C THR D 44 28.92 12.41 28.41
N GLY D 45 27.98 13.36 28.43
CA GLY D 45 27.73 14.11 29.67
C GLY D 45 27.18 13.22 30.76
N THR D 46 26.35 12.24 30.40
CA THR D 46 25.75 11.38 31.40
C THR D 46 26.80 10.43 32.00
N TYR D 47 27.64 9.86 31.15
CA TYR D 47 28.72 9.00 31.66
C TYR D 47 29.63 9.79 32.59
N GLN D 48 29.98 11.01 32.20
CA GLN D 48 30.86 11.81 33.06
C GLN D 48 30.17 12.11 34.39
N ARG D 49 28.87 12.43 34.34
CA ARG D 49 28.13 12.67 35.57
C ARG D 49 28.09 11.42 36.45
N ALA D 50 27.84 10.26 35.84
CA ALA D 50 27.81 9.02 36.61
C ALA D 50 29.13 8.79 37.34
N ILE D 51 30.25 9.04 36.66
CA ILE D 51 31.54 8.75 37.25
C ILE D 51 31.96 9.83 38.25
N LEU D 52 31.86 11.10 37.86
CA LEU D 52 32.36 12.15 38.74
C LEU D 52 31.50 12.27 40.00
N GLN D 53 30.17 12.16 39.86
CA GLN D 53 29.32 12.29 41.04
C GLN D 53 29.41 11.09 41.97
N ASN D 54 29.93 9.97 41.46
CA ASN D 54 30.23 8.81 42.30
C ASN D 54 31.74 8.67 42.43
N HIS D 55 32.42 9.78 42.73
CA HIS D 55 33.88 9.76 42.78
C HIS D 55 34.42 8.86 43.87
N THR D 56 33.62 8.56 44.90
CA THR D 56 34.11 7.68 45.95
C THR D 56 34.27 6.25 45.46
N ASP D 57 33.49 5.86 44.44
CA ASP D 57 33.65 4.54 43.84
C ASP D 57 34.90 4.46 42.96
N PHE D 58 35.62 5.57 42.78
CA PHE D 58 36.81 5.60 41.97
C PHE D 58 38.07 6.08 42.69
N LYS D 59 37.94 6.88 43.75
CA LYS D 59 39.12 7.46 44.39
C LYS D 59 40.07 6.35 44.86
N ASP D 60 41.29 6.37 44.29
CA ASP D 60 42.37 5.44 44.62
C ASP D 60 41.93 3.98 44.45
N LYS D 61 41.11 3.74 43.44
CA LYS D 61 40.71 2.38 43.07
C LYS D 61 41.42 1.95 41.80
N ILE D 62 41.32 0.65 41.52
CA ILE D 62 41.82 0.04 40.28
C ILE D 62 40.63 -0.16 39.36
N VAL D 63 40.75 0.33 38.12
CA VAL D 63 39.63 0.38 37.20
C VAL D 63 39.96 -0.42 35.94
N LEU D 64 38.93 -1.04 35.36
CA LEU D 64 39.01 -1.68 34.04
C LEU D 64 37.99 -1.01 33.11
N ASP D 65 38.46 -0.57 31.95
CA ASP D 65 37.63 0.06 30.93
C ASP D 65 37.61 -0.84 29.71
N VAL D 66 36.46 -1.44 29.43
CA VAL D 66 36.31 -2.46 28.41
C VAL D 66 35.79 -1.80 27.13
N GLY D 67 36.59 -1.90 26.06
CA GLY D 67 36.26 -1.28 24.80
C GLY D 67 36.35 0.24 24.89
N CYS D 68 37.52 0.72 25.28
CA CYS D 68 37.67 2.11 25.69
C CYS D 68 37.68 3.08 24.52
N GLY D 69 37.85 2.61 23.29
CA GLY D 69 37.94 3.52 22.16
C GLY D 69 39.02 4.56 22.37
N SER D 70 38.64 5.83 22.25
CA SER D 70 39.59 6.92 22.44
C SER D 70 40.06 7.04 23.88
N GLY D 71 39.37 6.39 24.81
CA GLY D 71 39.74 6.42 26.21
C GLY D 71 38.95 7.36 27.09
N ILE D 72 37.86 7.95 26.58
CA ILE D 72 37.21 9.05 27.28
C ILE D 72 36.81 8.63 28.69
N LEU D 73 36.27 7.42 28.83
CA LEU D 73 35.79 7.00 30.14
C LEU D 73 36.94 6.80 31.13
N SER D 74 38.11 6.41 30.62
CA SER D 74 39.27 6.28 31.50
C SER D 74 39.73 7.66 31.97
N PHE D 75 39.68 8.66 31.08
CA PHE D 75 39.97 10.02 31.51
C PHE D 75 38.99 10.48 32.58
N PHE D 76 37.72 10.10 32.46
CA PHE D 76 36.75 10.43 33.51
C PHE D 76 37.11 9.73 34.81
N ALA D 77 37.49 8.47 34.74
CA ALA D 77 37.87 7.74 35.95
C ALA D 77 39.10 8.38 36.58
N ALA D 78 40.03 8.84 35.74
CA ALA D 78 41.20 9.54 36.26
C ALA D 78 40.80 10.85 36.93
N GLN D 79 39.85 11.58 36.34
CA GLN D 79 39.42 12.84 36.94
C GLN D 79 38.77 12.61 38.30
N ALA D 80 38.15 11.45 38.49
CA ALA D 80 37.45 11.10 39.73
C ALA D 80 38.37 10.45 40.75
N GLY D 81 39.66 10.32 40.44
CA GLY D 81 40.65 9.95 41.42
C GLY D 81 41.21 8.55 41.35
N ALA D 82 40.93 7.80 40.29
CA ALA D 82 41.40 6.42 40.21
C ALA D 82 42.92 6.35 40.29
N ARG D 83 43.42 5.29 40.94
CA ARG D 83 44.85 5.09 41.08
C ARG D 83 45.47 4.51 39.82
N LYS D 84 44.81 3.53 39.21
CA LYS D 84 45.28 2.92 37.98
C LYS D 84 44.09 2.44 37.16
N ILE D 85 44.11 2.71 35.85
CA ILE D 85 43.02 2.34 34.95
C ILE D 85 43.60 1.53 33.81
N TYR D 86 43.17 0.27 33.69
CA TYR D 86 43.49 -0.54 32.53
C TYR D 86 42.41 -0.34 31.47
N ALA D 87 42.80 0.25 30.34
CA ALA D 87 41.89 0.57 29.24
C ALA D 87 42.13 -0.41 28.10
N VAL D 88 41.18 -1.29 27.89
CA VAL D 88 41.31 -2.40 26.94
C VAL D 88 40.52 -2.07 25.68
N GLU D 89 41.16 -2.26 24.52
CA GLU D 89 40.54 -1.92 23.25
C GLU D 89 41.15 -2.77 22.14
N ALA D 90 40.28 -3.41 21.35
CA ALA D 90 40.71 -4.36 20.34
C ALA D 90 40.96 -3.72 18.98
N SER D 91 40.31 -2.62 18.68
CA SER D 91 40.51 -1.94 17.41
C SER D 91 41.81 -1.14 17.42
N THR D 92 42.19 -0.65 16.25
CA THR D 92 43.38 0.18 16.12
C THR D 92 43.25 1.50 16.86
N MET D 93 42.07 1.81 17.40
CA MET D 93 41.90 3.04 18.16
C MET D 93 42.73 3.03 19.44
N ALA D 94 43.19 1.85 19.88
CA ALA D 94 44.02 1.77 21.07
C ALA D 94 45.28 2.61 20.95
N GLN D 95 45.82 2.74 19.73
CA GLN D 95 47.02 3.55 19.55
C GLN D 95 46.71 5.03 19.67
N HIS D 96 45.54 5.47 19.21
CA HIS D 96 45.16 6.87 19.38
C HIS D 96 44.89 7.19 20.84
N ALA D 97 44.35 6.22 21.58
CA ALA D 97 44.11 6.43 23.00
C ALA D 97 45.42 6.61 23.75
N GLU D 98 46.41 5.76 23.43
CA GLU D 98 47.73 5.92 24.04
C GLU D 98 48.30 7.28 23.73
N VAL D 99 48.08 7.79 22.51
CA VAL D 99 48.53 9.14 22.17
C VAL D 99 47.90 10.15 23.11
N LEU D 100 46.60 9.99 23.41
CA LEU D 100 45.94 10.97 24.26
C LEU D 100 46.40 10.84 25.71
N VAL D 101 46.72 9.62 26.15
CA VAL D 101 47.18 9.45 27.53
C VAL D 101 48.48 10.22 27.73
N LYS D 102 49.38 10.13 26.74
CA LYS D 102 50.66 10.83 26.87
C LYS D 102 50.46 12.32 26.76
N SER D 103 49.63 12.77 25.82
CA SER D 103 49.47 14.20 25.61
C SER D 103 48.75 14.84 26.79
N ASN D 104 48.00 14.08 27.57
CA ASN D 104 47.34 14.57 28.76
C ASN D 104 48.11 14.25 30.03
N ASN D 105 49.35 13.76 29.90
CA ASN D 105 50.24 13.56 31.04
C ASN D 105 49.62 12.66 32.10
N LEU D 106 49.01 11.58 31.65
CA LEU D 106 48.34 10.61 32.53
C LEU D 106 48.93 9.22 32.39
N THR D 107 50.19 9.11 31.94
CA THR D 107 50.82 7.81 31.76
C THR D 107 50.97 7.06 33.07
N ASP D 108 50.91 7.77 34.20
CA ASP D 108 51.04 7.13 35.50
C ASP D 108 49.72 6.52 35.99
N ARG D 109 48.60 6.83 35.33
CA ARG D 109 47.31 6.35 35.80
C ARG D 109 46.50 5.58 34.77
N ILE D 110 46.70 5.81 33.48
CA ILE D 110 45.95 5.10 32.45
C ILE D 110 46.91 4.22 31.66
N VAL D 111 46.64 2.92 31.63
CA VAL D 111 47.45 1.93 30.93
C VAL D 111 46.59 1.32 29.85
N VAL D 112 46.84 1.70 28.60
CA VAL D 112 46.13 1.11 27.47
C VAL D 112 46.67 -0.30 27.25
N ILE D 113 45.77 -1.26 27.13
CA ILE D 113 46.13 -2.65 26.84
C ILE D 113 45.44 -3.01 25.53
N PRO D 114 46.17 -3.10 24.42
CA PRO D 114 45.54 -3.43 23.14
C PRO D 114 45.16 -4.90 23.08
N GLY D 115 43.95 -5.15 22.59
CA GLY D 115 43.49 -6.52 22.43
C GLY D 115 42.04 -6.71 22.80
N LYS D 116 41.55 -7.94 22.65
CA LYS D 116 40.20 -8.28 23.05
C LYS D 116 40.17 -8.62 24.53
N VAL D 117 39.11 -8.18 25.21
CA VAL D 117 39.09 -8.34 26.67
C VAL D 117 39.04 -9.81 27.04
N GLU D 118 38.57 -10.66 26.13
CA GLU D 118 38.57 -12.11 26.34
C GLU D 118 39.96 -12.73 26.17
N GLU D 119 40.94 -11.98 25.69
CA GLU D 119 42.24 -12.54 25.34
C GLU D 119 43.42 -11.93 26.08
N VAL D 120 43.36 -10.65 26.48
CA VAL D 120 44.53 -10.01 27.07
C VAL D 120 44.71 -10.48 28.50
N SER D 121 45.87 -10.19 29.08
CA SER D 121 46.15 -10.45 30.49
C SER D 121 46.27 -9.12 31.21
N LEU D 122 45.78 -9.09 32.45
CA LEU D 122 45.92 -7.93 33.31
C LEU D 122 46.75 -8.30 34.53
N PRO D 123 47.57 -7.37 35.05
CA PRO D 123 48.43 -7.71 36.19
C PRO D 123 47.70 -7.82 37.53
N GLU D 124 46.46 -7.38 37.66
CA GLU D 124 45.78 -7.43 38.96
C GLU D 124 44.27 -7.38 38.75
N GLN D 125 43.54 -7.72 39.82
CA GLN D 125 42.09 -7.60 39.84
C GLN D 125 41.70 -6.14 40.05
N VAL D 126 40.50 -5.79 39.60
CA VAL D 126 40.05 -4.41 39.62
C VAL D 126 38.88 -4.26 40.59
N ASP D 127 38.65 -3.03 41.01
CA ASP D 127 37.57 -2.71 41.91
C ASP D 127 36.27 -2.42 41.18
N ILE D 128 36.34 -1.99 39.93
CA ILE D 128 35.19 -1.49 39.20
C ILE D 128 35.48 -1.59 37.71
N ILE D 129 34.45 -1.98 36.95
CA ILE D 129 34.55 -2.07 35.50
C ILE D 129 33.64 -1.00 34.92
N ILE D 130 34.16 -0.25 33.95
CA ILE D 130 33.37 0.72 33.20
C ILE D 130 33.43 0.33 31.73
N SER D 131 32.37 0.68 31.01
CA SER D 131 32.24 0.30 29.61
C SER D 131 31.02 1.00 29.04
N GLU D 132 30.97 1.06 27.71
CA GLU D 132 29.77 1.42 26.97
C GLU D 132 29.46 0.21 26.09
N PRO D 133 28.87 -0.85 26.65
CA PRO D 133 28.62 -2.06 25.87
C PRO D 133 27.32 -2.05 25.08
N MET D 134 26.52 -0.98 25.14
CA MET D 134 25.18 -1.00 24.58
C MET D 134 25.22 -0.69 23.08
N GLY D 135 24.64 -1.60 22.28
CA GLY D 135 24.39 -1.34 20.88
C GLY D 135 22.95 -0.94 20.62
N TYR D 136 22.59 -0.86 19.34
CA TYR D 136 21.20 -0.67 18.96
C TYR D 136 20.34 -1.70 19.68
N MET D 137 19.21 -1.26 20.22
CA MET D 137 18.31 -2.17 20.92
C MET D 137 19.01 -2.84 22.09
N LEU D 138 20.06 -2.21 22.62
CA LEU D 138 20.85 -2.69 23.75
C LEU D 138 21.76 -3.86 23.38
N PHE D 139 21.23 -4.89 22.73
CA PHE D 139 21.95 -6.14 22.60
C PHE D 139 22.83 -6.23 21.37
N ASN D 140 22.55 -5.43 20.32
CA ASN D 140 23.34 -5.52 19.10
C ASN D 140 24.83 -5.33 19.38
N GLU D 141 25.65 -6.03 18.60
CA GLU D 141 27.10 -6.05 18.68
C GLU D 141 27.60 -7.11 19.67
N ARG D 142 26.72 -7.60 20.54
CA ARG D 142 27.05 -8.63 21.54
C ARG D 142 28.16 -8.19 22.47
N MET D 143 28.35 -6.88 22.62
CA MET D 143 29.39 -6.37 23.50
C MET D 143 29.08 -6.64 24.97
N LEU D 144 27.80 -6.82 25.32
CA LEU D 144 27.44 -7.10 26.71
C LEU D 144 28.09 -8.38 27.20
N GLU D 145 28.27 -9.36 26.31
CA GLU D 145 28.95 -10.58 26.70
C GLU D 145 30.42 -10.34 27.00
N SER D 146 31.07 -9.43 26.26
CA SER D 146 32.45 -9.07 26.58
C SER D 146 32.53 -8.34 27.92
N TYR D 147 31.57 -7.44 28.17
CA TYR D 147 31.47 -6.75 29.45
C TYR D 147 31.31 -7.74 30.59
N LEU D 148 30.39 -8.68 30.45
CA LEU D 148 30.19 -9.69 31.48
C LEU D 148 31.40 -10.58 31.63
N HIS D 149 32.02 -10.95 30.50
CA HIS D 149 33.22 -11.77 30.54
C HIS D 149 34.33 -11.11 31.36
N ALA D 150 34.45 -9.78 31.27
CA ALA D 150 35.48 -9.07 32.00
C ALA D 150 35.35 -9.19 33.50
N LYS D 151 34.23 -9.70 34.01
CA LYS D 151 34.08 -9.86 35.46
C LYS D 151 35.06 -10.87 36.04
N LYS D 152 35.72 -11.67 35.20
CA LYS D 152 36.79 -12.52 35.71
C LYS D 152 37.89 -11.70 36.36
N TYR D 153 37.97 -10.41 36.03
CA TYR D 153 38.95 -9.51 36.62
C TYR D 153 38.40 -8.68 37.77
N LEU D 154 37.14 -8.88 38.15
CA LEU D 154 36.49 -8.06 39.16
C LEU D 154 36.61 -8.67 40.54
N LYS D 155 37.11 -7.88 41.50
CA LYS D 155 37.19 -8.32 42.89
C LYS D 155 35.81 -8.72 43.38
N PRO D 156 35.72 -9.51 44.45
CA PRO D 156 34.43 -10.13 44.81
C PRO D 156 33.25 -9.18 44.99
N SER D 157 33.45 -7.97 45.52
CA SER D 157 32.35 -7.04 45.69
C SER D 157 32.53 -5.79 44.83
N GLY D 158 33.22 -5.94 43.69
CA GLY D 158 33.39 -4.83 42.79
C GLY D 158 32.09 -4.36 42.18
N ASN D 159 32.12 -3.14 41.65
CA ASN D 159 30.97 -2.53 41.02
C ASN D 159 31.12 -2.55 39.51
N MET D 160 30.03 -2.23 38.82
CA MET D 160 30.01 -2.19 37.37
C MET D 160 29.22 -0.99 36.91
N PHE D 161 29.78 -0.26 35.96
CA PHE D 161 29.24 1.01 35.46
C PHE D 161 29.16 0.90 33.95
N PRO D 162 27.97 0.66 33.39
CA PRO D 162 26.65 0.60 34.04
C PRO D 162 26.41 -0.66 34.85
N THR D 163 25.50 -0.58 35.81
CA THR D 163 25.23 -1.68 36.73
C THR D 163 24.12 -2.60 36.21
N ILE D 164 23.04 -2.01 35.72
CA ILE D 164 21.89 -2.76 35.21
C ILE D 164 21.47 -2.12 33.91
N GLY D 165 20.69 -2.87 33.13
CA GLY D 165 20.12 -2.36 31.91
C GLY D 165 18.67 -2.76 31.81
N ASP D 166 17.83 -1.82 31.39
CA ASP D 166 16.40 -2.06 31.22
C ASP D 166 16.06 -1.99 29.74
N VAL D 167 15.57 -3.09 29.18
CA VAL D 167 14.99 -3.08 27.84
C VAL D 167 13.50 -2.85 27.97
N HIS D 168 12.98 -1.87 27.23
CA HIS D 168 11.56 -1.59 27.17
C HIS D 168 11.02 -1.97 25.80
N LEU D 169 9.77 -2.44 25.77
CA LEU D 169 9.09 -2.72 24.52
C LEU D 169 7.62 -2.38 24.68
N ALA D 170 7.04 -1.83 23.61
CA ALA D 170 5.67 -1.34 23.63
C ALA D 170 5.09 -1.42 22.23
N PRO D 171 3.85 -1.87 22.07
CA PRO D 171 3.24 -1.87 20.72
C PRO D 171 2.97 -0.46 20.24
N PHE D 172 3.07 -0.28 18.91
CA PHE D 172 2.89 1.04 18.32
C PHE D 172 2.02 0.94 17.09
N THR D 173 1.43 2.08 16.70
CA THR D 173 0.71 2.21 15.44
C THR D 173 1.39 3.31 14.62
N ASP D 174 1.71 3.01 13.36
CA ASP D 174 2.36 3.95 12.47
C ASP D 174 2.06 3.52 11.03
N GLU D 175 0.90 3.91 10.51
CA GLU D 175 0.50 3.49 9.18
C GLU D 175 1.50 3.95 8.12
N GLN D 176 2.08 5.14 8.30
CA GLN D 176 3.01 5.67 7.31
C GLN D 176 4.27 4.81 7.24
N LEU D 177 4.86 4.48 8.38
CA LEU D 177 6.05 3.63 8.36
C LEU D 177 5.74 2.28 7.74
N TYR D 178 4.60 1.67 8.11
CA TYR D 178 4.23 0.38 7.54
C TYR D 178 4.08 0.48 6.03
N MET D 179 3.31 1.47 5.56
CA MET D 179 3.06 1.61 4.12
C MET D 179 4.35 1.89 3.36
N GLU D 180 5.28 2.63 3.96
CA GLU D 180 6.56 2.91 3.32
C GLU D 180 7.32 1.63 3.03
N GLN D 181 7.41 0.74 4.03
CA GLN D 181 8.09 -0.53 3.83
C GLN D 181 7.27 -1.47 2.95
N PHE D 182 5.96 -1.51 3.17
CA PHE D 182 5.07 -2.30 2.31
C PHE D 182 5.21 -1.90 0.86
N THR D 183 5.27 -0.59 0.58
CA THR D 183 5.30 -0.13 -0.80
C THR D 183 6.65 -0.39 -1.45
N LYS D 184 7.75 -0.22 -0.69
CA LYS D 184 9.06 -0.61 -1.23
C LYS D 184 9.02 -2.05 -1.75
N ALA D 185 8.50 -2.96 -0.95
CA ALA D 185 8.46 -4.37 -1.36
C ALA D 185 7.56 -4.62 -2.56
N ASN D 186 6.54 -3.79 -2.76
CA ASN D 186 5.57 -4.00 -3.84
C ASN D 186 6.11 -3.63 -5.21
N PHE D 187 7.33 -3.09 -5.29
CA PHE D 187 8.02 -2.98 -6.57
C PHE D 187 8.07 -4.34 -7.27
N TRP D 188 8.22 -5.41 -6.50
CA TRP D 188 8.28 -6.76 -7.04
C TRP D 188 6.90 -7.35 -7.33
N TYR D 189 5.83 -6.58 -7.28
CA TYR D 189 4.50 -7.07 -7.71
C TYR D 189 4.41 -6.88 -9.22
N GLN D 190 5.31 -6.09 -9.82
CA GLN D 190 5.19 -5.71 -11.22
C GLN D 190 5.14 -6.94 -12.13
N PRO D 191 4.06 -7.13 -12.89
CA PRO D 191 4.02 -8.23 -13.85
C PRO D 191 4.83 -8.01 -15.12
N SER D 192 5.28 -6.78 -15.38
CA SER D 192 5.95 -6.51 -16.64
C SER D 192 6.92 -5.35 -16.54
N PHE D 193 7.91 -5.47 -15.68
CA PHE D 193 8.97 -4.48 -15.56
C PHE D 193 9.94 -4.65 -16.73
N HIS D 194 9.92 -3.71 -17.67
CA HIS D 194 10.66 -3.83 -18.93
C HIS D 194 10.37 -5.17 -19.59
N GLY D 195 9.14 -5.64 -19.42
CA GLY D 195 8.69 -6.86 -20.04
C GLY D 195 8.88 -8.12 -19.23
N VAL D 196 9.36 -8.02 -17.99
CA VAL D 196 9.68 -9.17 -17.16
C VAL D 196 8.73 -9.18 -15.96
N ASP D 197 8.16 -10.36 -15.69
CA ASP D 197 7.24 -10.57 -14.58
C ASP D 197 8.08 -10.85 -13.33
N LEU D 198 8.06 -9.93 -12.37
CA LEU D 198 8.83 -10.08 -11.14
C LEU D 198 8.01 -10.63 -9.99
N SER D 199 6.70 -10.79 -10.17
CA SER D 199 5.80 -10.97 -9.02
C SER D 199 6.14 -12.23 -8.22
N ALA D 200 6.76 -13.22 -8.85
CA ALA D 200 7.11 -14.43 -8.12
C ALA D 200 8.02 -14.13 -6.93
N LEU D 201 8.71 -12.99 -6.94
CA LEU D 201 9.64 -12.64 -5.87
C LEU D 201 9.05 -11.67 -4.87
N ARG D 202 7.77 -11.31 -4.99
CA ARG D 202 7.20 -10.30 -4.10
C ARG D 202 7.24 -10.78 -2.65
N GLY D 203 6.85 -12.03 -2.42
CA GLY D 203 6.94 -12.57 -1.07
C GLY D 203 8.34 -12.44 -0.48
N ALA D 204 9.35 -12.84 -1.24
CA ALA D 204 10.72 -12.76 -0.75
C ALA D 204 11.12 -11.31 -0.51
N ALA D 205 10.67 -10.39 -1.37
CA ALA D 205 10.93 -8.98 -1.13
C ALA D 205 10.32 -8.52 0.18
N VAL D 206 9.06 -8.90 0.44
CA VAL D 206 8.39 -8.50 1.67
C VAL D 206 9.15 -9.04 2.88
N ASP D 207 9.54 -10.31 2.83
CA ASP D 207 10.34 -10.88 3.90
C ASP D 207 11.58 -10.03 4.14
N GLU D 208 12.35 -9.76 3.08
CA GLU D 208 13.61 -9.05 3.25
C GLU D 208 13.38 -7.68 3.87
N TYR D 209 12.42 -6.91 3.36
CA TYR D 209 12.25 -5.54 3.85
C TYR D 209 11.73 -5.52 5.29
N PHE D 210 10.86 -6.47 5.64
CA PHE D 210 10.28 -6.47 6.98
C PHE D 210 11.13 -7.18 8.02
N ARG D 211 12.19 -7.87 7.60
CA ARG D 211 13.15 -8.36 8.57
C ARG D 211 14.08 -7.26 9.08
N GLN D 212 14.03 -6.07 8.50
CA GLN D 212 14.93 -4.98 8.88
C GLN D 212 14.36 -4.21 10.06
N PRO D 213 15.00 -4.24 11.23
CA PRO D 213 14.63 -3.29 12.29
C PRO D 213 14.77 -1.86 11.80
N VAL D 214 13.82 -1.01 12.18
CA VAL D 214 13.78 0.39 11.75
C VAL D 214 14.35 1.22 12.89
N VAL D 215 15.49 1.84 12.64
CA VAL D 215 16.16 2.69 13.63
C VAL D 215 15.86 4.14 13.29
N ASP D 216 15.06 4.78 14.13
CA ASP D 216 14.80 6.21 14.06
C ASP D 216 14.08 6.59 15.35
N THR D 217 13.60 7.84 15.41
CA THR D 217 12.83 8.28 16.55
C THR D 217 11.39 8.57 16.11
N PHE D 218 10.51 8.66 17.10
CA PHE D 218 9.09 8.79 16.84
C PHE D 218 8.44 9.53 17.99
N ASP D 219 7.29 10.15 17.70
CA ASP D 219 6.51 10.78 18.74
C ASP D 219 5.89 9.69 19.63
N ILE D 220 5.90 9.92 20.95
CA ILE D 220 5.40 8.91 21.87
C ILE D 220 3.91 8.64 21.69
N ARG D 221 3.19 9.51 20.98
CA ARG D 221 1.76 9.31 20.75
C ARG D 221 1.45 8.06 19.96
N ILE D 222 2.44 7.45 19.31
CA ILE D 222 2.19 6.22 18.55
C ILE D 222 2.16 4.98 19.42
N LEU D 223 2.55 5.10 20.68
CA LEU D 223 2.56 3.97 21.59
C LEU D 223 1.16 3.70 22.14
N MET D 224 0.77 2.43 22.12
CA MET D 224 -0.61 2.05 22.42
C MET D 224 -0.74 1.26 23.71
N ALA D 225 0.33 1.12 24.47
CA ALA D 225 0.26 0.42 25.74
C ALA D 225 1.47 0.82 26.56
N LYS D 226 1.35 0.68 27.87
CA LYS D 226 2.49 0.89 28.76
C LYS D 226 3.59 -0.09 28.39
N SER D 227 4.83 0.41 28.36
CA SER D 227 5.94 -0.44 28.00
C SER D 227 6.09 -1.58 29.01
N VAL D 228 6.66 -2.68 28.54
CA VAL D 228 7.06 -3.81 29.38
C VAL D 228 8.58 -3.78 29.51
N LYS D 229 9.09 -4.04 30.70
CA LYS D 229 10.50 -3.87 31.01
C LYS D 229 11.17 -5.22 31.20
N TYR D 230 12.33 -5.40 30.58
CA TYR D 230 13.15 -6.59 30.76
C TYR D 230 14.52 -6.16 31.25
N THR D 231 14.92 -6.65 32.42
CA THR D 231 16.09 -6.13 33.13
C THR D 231 17.23 -7.14 33.11
N VAL D 232 18.42 -6.66 32.73
CA VAL D 232 19.67 -7.39 32.88
C VAL D 232 20.48 -6.71 33.98
N ASN D 233 20.80 -7.48 35.04
CA ASN D 233 21.64 -7.00 36.14
C ASN D 233 23.07 -7.46 35.86
N PHE D 234 23.92 -6.51 35.48
CA PHE D 234 25.26 -6.87 35.02
C PHE D 234 26.12 -7.42 36.15
N LEU D 235 25.81 -7.06 37.39
CA LEU D 235 26.54 -7.64 38.51
C LEU D 235 26.30 -9.13 38.64
N GLU D 236 25.16 -9.61 38.15
CA GLU D 236 24.75 -10.99 38.37
C GLU D 236 24.77 -11.86 37.12
N ALA D 237 24.53 -11.28 35.95
CA ALA D 237 24.35 -12.09 34.75
C ALA D 237 25.67 -12.73 34.31
N LYS D 238 25.54 -13.85 33.60
CA LYS D 238 26.66 -14.53 32.97
C LYS D 238 26.60 -14.35 31.46
N GLU D 239 27.77 -14.43 30.84
CA GLU D 239 27.84 -14.40 29.38
C GLU D 239 26.74 -15.24 28.75
N GLY D 240 26.61 -16.49 29.18
CA GLY D 240 25.72 -17.40 28.51
C GLY D 240 24.27 -17.00 28.62
N ASP D 241 23.95 -16.14 29.58
CA ASP D 241 22.58 -15.69 29.71
C ASP D 241 22.12 -14.92 28.47
N LEU D 242 23.04 -14.37 27.70
CA LEU D 242 22.72 -13.51 26.57
C LEU D 242 22.72 -14.27 25.24
N HIS D 243 22.92 -15.58 25.25
CA HIS D 243 22.89 -16.34 24.01
C HIS D 243 21.47 -16.57 23.52
N ARG D 244 20.52 -16.75 24.43
CA ARG D 244 19.11 -16.93 24.10
C ARG D 244 18.31 -16.11 25.10
N ILE D 245 17.79 -14.97 24.66
CA ILE D 245 17.04 -14.05 25.51
C ILE D 245 15.56 -14.18 25.18
N GLU D 246 14.77 -14.58 26.18
CA GLU D 246 13.33 -14.75 26.04
C GLU D 246 12.63 -13.65 26.84
N ILE D 247 11.89 -12.80 26.14
CA ILE D 247 11.17 -11.69 26.75
C ILE D 247 9.68 -11.91 26.52
N PRO D 248 8.97 -12.45 27.49
CA PRO D 248 7.51 -12.51 27.39
C PRO D 248 6.88 -11.14 27.68
N PHE D 249 5.70 -10.93 27.10
CA PHE D 249 5.02 -9.66 27.28
C PHE D 249 3.51 -9.85 27.26
N LYS D 250 2.83 -9.03 28.05
CA LYS D 250 1.37 -8.95 28.10
C LYS D 250 1.04 -7.46 28.19
N PHE D 251 0.61 -6.88 27.07
CA PHE D 251 0.28 -5.46 27.02
C PHE D 251 -1.21 -5.26 27.26
N HIS D 252 -1.55 -4.24 28.04
CA HIS D 252 -2.93 -3.85 28.27
C HIS D 252 -3.19 -2.64 27.38
N MET D 253 -3.97 -2.86 26.30
CA MET D 253 -4.11 -1.85 25.28
C MET D 253 -4.86 -0.62 25.81
N LEU D 254 -4.28 0.55 25.58
CA LEU D 254 -4.87 1.81 26.00
C LEU D 254 -5.65 2.50 24.89
N HIS D 255 -5.37 2.16 23.63
CA HIS D 255 -6.07 2.73 22.50
C HIS D 255 -6.44 1.60 21.54
N SER D 256 -7.47 1.85 20.73
CA SER D 256 -7.92 0.91 19.71
C SER D 256 -7.33 1.28 18.36
N GLY D 257 -6.97 0.26 17.58
CA GLY D 257 -6.45 0.49 16.26
C GLY D 257 -5.54 -0.64 15.82
N LEU D 258 -4.78 -0.35 14.76
CA LEU D 258 -3.88 -1.34 14.18
C LEU D 258 -2.55 -1.28 14.88
N VAL D 259 -2.10 -2.41 15.41
CA VAL D 259 -0.76 -2.55 15.96
C VAL D 259 0.15 -2.98 14.80
N HIS D 260 1.07 -2.11 14.41
CA HIS D 260 1.97 -2.40 13.31
C HIS D 260 3.26 -3.07 13.76
N GLY D 261 3.55 -3.08 15.05
CA GLY D 261 4.76 -3.72 15.53
C GLY D 261 5.05 -3.33 16.96
N LEU D 262 6.28 -3.62 17.36
CA LEU D 262 6.76 -3.31 18.70
C LEU D 262 7.91 -2.32 18.62
N ALA D 263 7.90 -1.33 19.51
CA ALA D 263 8.98 -0.36 19.63
C ALA D 263 9.87 -0.73 20.82
N PHE D 264 11.18 -0.60 20.64
CA PHE D 264 12.16 -0.95 21.67
C PHE D 264 13.03 0.24 22.00
N TRP D 265 13.41 0.34 23.28
CA TRP D 265 14.43 1.28 23.75
C TRP D 265 15.01 0.69 25.04
N PHE D 266 16.03 1.35 25.59
CA PHE D 266 16.67 0.86 26.81
C PHE D 266 17.14 2.02 27.66
N ASP D 267 17.18 1.78 28.97
CA ASP D 267 17.89 2.63 29.91
C ASP D 267 18.99 1.79 30.58
N VAL D 268 20.09 2.44 30.96
CA VAL D 268 21.05 1.81 31.86
C VAL D 268 21.16 2.68 33.10
N ALA D 269 21.44 2.04 34.23
CA ALA D 269 21.61 2.73 35.51
C ALA D 269 23.04 2.54 36.01
N PHE D 270 23.63 3.64 36.49
CA PHE D 270 24.93 3.62 37.15
C PHE D 270 24.66 3.71 38.65
N ILE D 271 24.70 2.58 39.33
CA ILE D 271 24.31 2.51 40.73
C ILE D 271 25.53 2.72 41.61
N GLY D 272 25.89 4.00 41.84
CA GLY D 272 27.03 4.33 42.65
C GLY D 272 26.69 4.52 44.10
N SER D 273 27.74 4.67 44.91
CA SER D 273 27.56 4.79 46.36
C SER D 273 27.06 6.16 46.76
N ILE D 274 27.22 7.16 45.91
CA ILE D 274 26.72 8.50 46.20
C ILE D 274 25.38 8.74 45.51
N MET D 275 25.24 8.34 44.25
CA MET D 275 23.94 8.39 43.63
C MET D 275 23.81 7.27 42.61
N THR D 276 22.55 6.96 42.29
CA THR D 276 22.22 6.28 41.04
C THR D 276 22.03 7.33 39.95
N VAL D 277 22.67 7.10 38.80
CA VAL D 277 22.57 8.00 37.65
C VAL D 277 22.06 7.18 36.47
N TRP D 278 21.06 7.69 35.78
CA TRP D 278 20.40 6.97 34.71
C TRP D 278 20.74 7.57 33.35
N LEU D 279 20.96 6.70 32.37
CA LEU D 279 21.09 7.08 30.97
C LEU D 279 19.97 6.39 30.20
N SER D 280 19.07 7.19 29.63
CA SER D 280 17.88 6.66 28.97
C SER D 280 17.85 7.02 27.50
N THR D 281 17.50 6.04 26.67
CA THR D 281 17.27 6.26 25.25
C THR D 281 15.79 6.22 24.90
N ALA D 282 14.91 6.47 25.88
CA ALA D 282 13.48 6.39 25.63
C ALA D 282 13.00 7.53 24.74
N PRO D 283 11.90 7.33 24.00
CA PRO D 283 11.39 8.41 23.13
C PRO D 283 10.89 9.62 23.88
N THR D 284 10.65 9.52 25.19
CA THR D 284 10.31 10.66 26.01
C THR D 284 11.50 11.49 26.43
N GLU D 285 12.71 11.09 26.04
CA GLU D 285 13.93 11.76 26.44
C GLU D 285 14.67 12.30 25.22
N PRO D 286 15.56 13.27 25.41
CA PRO D 286 16.35 13.78 24.27
C PRO D 286 16.96 12.64 23.47
N LEU D 287 17.09 12.86 22.17
CA LEU D 287 17.60 11.83 21.28
C LEU D 287 19.06 11.53 21.59
N THR D 288 19.42 10.25 21.46
CA THR D 288 20.81 9.79 21.54
C THR D 288 21.19 9.07 20.24
N HIS D 289 22.48 8.79 20.07
CA HIS D 289 22.92 8.08 18.87
C HIS D 289 22.46 6.62 18.85
N TRP D 290 21.77 6.15 19.91
CA TRP D 290 21.07 4.87 19.88
C TRP D 290 19.66 4.97 19.31
N TYR D 291 19.08 6.17 19.24
CA TYR D 291 17.73 6.37 18.73
C TYR D 291 16.75 5.43 19.42
N GLN D 292 15.83 4.86 18.64
CA GLN D 292 14.91 3.83 19.12
C GLN D 292 14.76 2.83 17.97
N VAL D 293 14.28 1.63 18.29
CA VAL D 293 14.20 0.57 17.30
C VAL D 293 12.77 0.02 17.28
N ARG D 294 12.25 -0.19 16.08
CA ARG D 294 10.91 -0.71 15.89
C ARG D 294 10.96 -1.91 14.97
N CYS D 295 10.29 -2.98 15.38
CA CYS D 295 10.16 -4.21 14.61
C CYS D 295 8.74 -4.27 14.08
N LEU D 296 8.60 -4.25 12.75
CA LEU D 296 7.28 -4.23 12.13
C LEU D 296 6.74 -5.64 11.95
N PHE D 297 5.44 -5.78 12.16
CA PHE D 297 4.71 -6.96 11.73
C PHE D 297 4.47 -6.88 10.23
N GLN D 298 4.55 -8.02 9.55
CA GLN D 298 4.25 -8.03 8.11
C GLN D 298 2.79 -7.70 7.83
N SER D 299 1.91 -7.92 8.80
CA SER D 299 0.50 -7.56 8.73
C SER D 299 0.10 -7.05 10.11
N PRO D 300 -0.42 -5.83 10.24
CA PRO D 300 -0.79 -5.33 11.57
C PRO D 300 -1.93 -6.13 12.17
N LEU D 301 -2.00 -6.08 13.50
CA LEU D 301 -3.09 -6.69 14.24
C LEU D 301 -4.04 -5.59 14.70
N PHE D 302 -5.34 -5.88 14.68
CA PHE D 302 -6.31 -4.96 15.24
C PHE D 302 -6.56 -5.29 16.70
N ALA D 303 -6.69 -4.24 17.52
CA ALA D 303 -7.02 -4.44 18.93
C ALA D 303 -7.87 -3.27 19.41
N LYS D 304 -8.75 -3.56 20.37
CA LYS D 304 -9.57 -2.54 21.00
C LYS D 304 -8.99 -2.22 22.37
N ALA D 305 -9.23 -0.99 22.81
CA ALA D 305 -8.84 -0.58 24.16
C ALA D 305 -9.34 -1.59 25.18
N GLY D 306 -8.43 -2.05 26.04
CA GLY D 306 -8.76 -3.00 27.06
C GLY D 306 -8.47 -4.45 26.71
N ASP D 307 -8.18 -4.74 25.44
CA ASP D 307 -7.66 -6.06 25.09
C ASP D 307 -6.24 -6.21 25.61
N THR D 308 -5.82 -7.46 25.77
CA THR D 308 -4.43 -7.78 26.09
C THR D 308 -3.74 -8.29 24.83
N LEU D 309 -2.51 -7.81 24.59
CA LEU D 309 -1.68 -8.27 23.49
C LEU D 309 -0.54 -9.06 24.12
N SER D 310 -0.55 -10.38 23.90
CA SER D 310 0.36 -11.29 24.59
C SER D 310 1.26 -11.99 23.58
N GLY D 311 2.48 -12.28 23.99
CA GLY D 311 3.40 -12.98 23.13
C GLY D 311 4.78 -13.04 23.75
N THR D 312 5.76 -13.29 22.89
CA THR D 312 7.13 -13.46 23.33
C THR D 312 8.07 -12.89 22.27
N CYS D 313 9.06 -12.13 22.73
CA CYS D 313 10.17 -11.68 21.90
C CYS D 313 11.38 -12.53 22.25
N LEU D 314 11.87 -13.29 21.28
CA LEU D 314 12.97 -14.22 21.48
C LEU D 314 14.16 -13.76 20.67
N LEU D 315 15.27 -13.50 21.36
CA LEU D 315 16.52 -13.07 20.73
C LEU D 315 17.54 -14.21 20.82
N ILE D 316 18.04 -14.64 19.68
CA ILE D 316 19.03 -15.71 19.60
C ILE D 316 20.30 -15.12 18.98
N ALA D 317 21.39 -15.17 19.74
CA ALA D 317 22.64 -14.59 19.28
C ALA D 317 23.22 -15.39 18.10
N ASN D 318 23.79 -14.67 17.15
CA ASN D 318 24.42 -15.28 15.99
C ASN D 318 25.88 -14.88 15.93
N LYS D 319 26.63 -15.52 15.03
CA LYS D 319 28.07 -15.33 14.95
C LYS D 319 28.47 -14.10 14.17
N ARG D 320 27.51 -13.27 13.75
CA ARG D 320 27.83 -11.96 13.18
C ARG D 320 27.69 -10.86 14.22
N GLN D 321 27.86 -11.19 15.50
CA GLN D 321 27.83 -10.23 16.60
C GLN D 321 26.48 -9.53 16.73
N SER D 322 25.40 -10.23 16.44
CA SER D 322 24.07 -9.66 16.50
C SER D 322 23.09 -10.77 16.88
N TYR D 323 21.82 -10.58 16.56
CA TYR D 323 20.77 -11.46 17.02
C TYR D 323 19.76 -11.68 15.91
N ASP D 324 19.26 -12.91 15.82
CA ASP D 324 18.02 -13.19 15.12
C ASP D 324 16.85 -12.97 16.08
N ILE D 325 15.89 -12.17 15.66
CA ILE D 325 14.79 -11.74 16.53
C ILE D 325 13.51 -12.42 16.08
N SER D 326 12.84 -13.10 17.00
CA SER D 326 11.55 -13.73 16.74
C SER D 326 10.52 -13.04 17.63
N ILE D 327 9.47 -12.51 17.01
CA ILE D 327 8.39 -11.86 17.74
C ILE D 327 7.10 -12.58 17.37
N VAL D 328 6.45 -13.16 18.36
CA VAL D 328 5.11 -13.73 18.23
C VAL D 328 4.20 -12.94 19.14
N ALA D 329 3.04 -12.53 18.62
CA ALA D 329 2.12 -11.68 19.35
C ALA D 329 0.69 -12.05 18.99
N GLN D 330 -0.23 -11.78 19.91
CA GLN D 330 -1.57 -12.33 19.86
C GLN D 330 -2.53 -11.39 20.58
N VAL D 331 -3.62 -11.03 19.90
CA VAL D 331 -4.74 -10.36 20.54
C VAL D 331 -5.54 -11.46 21.25
N ASP D 332 -5.44 -11.52 22.58
CA ASP D 332 -6.01 -12.63 23.31
C ASP D 332 -7.52 -12.75 23.07
N GLN D 333 -8.23 -11.61 23.05
CA GLN D 333 -9.68 -11.64 22.98
C GLN D 333 -10.19 -12.29 21.72
N THR D 334 -9.47 -12.12 20.60
CA THR D 334 -9.94 -12.54 19.31
C THR D 334 -9.10 -13.65 18.69
N GLY D 335 -7.92 -13.94 19.23
CA GLY D 335 -7.05 -14.94 18.64
C GLY D 335 -6.31 -14.48 17.40
N SER D 336 -6.32 -13.19 17.09
CA SER D 336 -5.51 -12.69 15.97
C SER D 336 -4.04 -12.80 16.33
N LYS D 337 -3.26 -13.49 15.50
CA LYS D 337 -1.87 -13.79 15.81
C LYS D 337 -0.94 -13.23 14.73
N SER D 338 0.29 -12.92 15.15
CA SER D 338 1.33 -12.43 14.24
C SER D 338 2.67 -13.01 14.67
N SER D 339 3.39 -13.59 13.69
CA SER D 339 4.74 -14.11 13.90
C SER D 339 5.70 -13.42 12.95
N ASN D 340 6.86 -12.98 13.45
CA ASN D 340 7.77 -12.22 12.61
C ASN D 340 9.20 -12.52 13.01
N LEU D 341 10.08 -12.47 12.01
CA LEU D 341 11.51 -12.74 12.14
C LEU D 341 12.28 -11.51 11.67
N LEU D 342 13.33 -11.14 12.41
CA LEU D 342 14.07 -9.94 12.08
C LEU D 342 15.56 -10.15 12.29
N ASP D 343 16.33 -9.50 11.42
CA ASP D 343 17.78 -9.59 11.37
C ASP D 343 18.33 -8.27 11.91
N LEU D 344 18.67 -8.26 13.20
CA LEU D 344 19.10 -7.03 13.85
C LEU D 344 20.39 -6.49 13.28
N LYS D 345 21.15 -7.28 12.51
CA LYS D 345 22.40 -6.76 11.96
C LYS D 345 22.21 -5.95 10.68
N ASN D 346 21.04 -6.05 10.03
CA ASN D 346 20.79 -5.21 8.85
C ASN D 346 19.67 -4.21 9.14
N PRO D 347 19.91 -3.21 9.98
CA PRO D 347 18.86 -2.24 10.29
C PRO D 347 18.61 -1.29 9.13
N PHE D 348 17.40 -0.72 9.11
CA PHE D 348 17.03 0.34 8.19
C PHE D 348 17.10 1.66 8.97
N PHE D 349 18.09 2.50 8.65
CA PHE D 349 18.26 3.80 9.28
C PHE D 349 17.39 4.81 8.55
N ARG D 350 16.28 5.19 9.18
CA ARG D 350 15.28 6.06 8.55
C ARG D 350 15.45 7.53 8.92
N TYR D 351 16.11 7.83 10.02
CA TYR D 351 16.23 9.19 10.54
C TYR D 351 16.82 10.14 9.50
C1 867 E . -29.65 -1.15 -2.28
C2 867 E . -30.69 -1.43 -1.40
C3 867 E . -30.42 -1.82 -0.11
N1 867 E . -27.11 -2.83 3.42
C5 867 E . -28.02 -1.65 -0.54
C6 867 E . -28.33 -1.26 -1.87
C11 867 E . -29.98 -0.72 -3.68
C12 867 E . -28.91 1.34 -4.14
C13 867 E . -27.65 -3.83 4.20
C16 867 E . -26.63 -7.17 7.32
C17 867 E . -27.03 -10.15 6.63
C10 867 E . -26.69 -1.77 -0.09
C14 867 E . -27.62 -4.90 6.45
C15 867 E . -27.02 -6.28 6.11
C18 867 E . -27.20 -12.95 4.18
C19 867 E . -26.20 -14.00 3.76
C20 867 E . -25.50 -13.77 2.43
C21 867 E . -26.53 -14.37 1.46
C22 867 E . -26.86 -15.65 2.25
C23 867 E . -29.34 -15.63 1.79
C24 867 E . -29.73 -17.67 1.38
C25 867 E . -30.23 -18.94 1.07
C26 867 E . -28.08 -19.73 1.34
C27 867 E . -28.37 -17.57 1.64
C28 867 E . -25.55 -8.21 6.96
C29 867 E . -28.68 -11.89 5.95
C30 867 E . -27.68 -13.01 5.63
C4 867 E . -29.08 -1.95 0.36
C7 867 E . -28.75 -2.35 1.69
C8 867 E . -27.43 -2.48 2.09
C9 867 E . -26.41 -2.16 1.19
N10 867 E . -27.49 -18.57 1.64
N2 867 E . -27.20 -3.88 5.50
N3 867 E . -26.09 -9.30 6.14
N4 867 E . -28.07 -10.56 5.86
N5 867 E . -27.07 -10.62 7.83
N6 867 E . -28.14 -16.26 1.91
N7 867 E . -30.32 -16.43 1.46
N8 867 E . -31.52 -19.19 0.79
N9 867 E . -29.35 -19.96 1.06
O1 867 E . -31.41 -2.13 0.80
O2 867 E . -28.98 -0.10 -4.29
O3 867 E . -31.05 -0.91 -4.22
O4 867 E . -28.48 -4.64 3.78
O5 867 E . -24.25 -14.44 2.36
O6 867 E . -25.97 -14.56 0.15
O7 867 E . -26.88 -15.27 3.61
H1 867 E . -31.71 -1.34 -1.76
H7 867 E . -26.45 -2.18 3.84
H2 867 E . -27.51 -1.03 -2.54
H9 867 E . -28.22 1.65 -4.93
H10 867 E . -28.53 1.63 -3.16
H8 867 E . -29.88 1.81 -4.30
H17 867 E . -27.52 -7.66 7.72
H16 867 E . -26.29 -6.54 8.14
H5 867 E . -25.87 -1.54 -0.78
H13 867 E . -28.71 -4.95 6.43
H12 867 E . -27.37 -4.63 7.47
H15 867 E . -26.16 -6.17 5.45
H14 867 E . -27.74 -6.82 5.49
H21 867 E . -26.76 -11.97 3.99
H22 867 E . -28.07 -12.98 3.51
H23 867 E . -25.47 -14.15 4.56
H24 867 E . -25.38 -12.72 2.22
H26 867 E . -27.39 -13.72 1.37
H28 867 E . -26.09 -16.41 2.16
H29 867 E . -29.47 -14.56 1.94
H32 867 E . -27.43 -20.61 1.31
H33 867 E . -25.12 -8.62 7.88
H34 867 E . -24.73 -7.72 6.47
H36 867 E . -29.54 -11.96 5.29
H35 867 E . -29.10 -12.05 6.94
H38 867 E . -28.10 -14.00 5.81
H37 867 E . -26.83 -12.96 6.31
H3 867 E . -29.56 -2.57 2.37
H4 867 E . -25.37 -2.24 1.50
H11 867 E . -26.50 -3.23 5.86
H18 867 E . -25.49 -9.63 5.40
H19 867 E . -28.73 -9.82 5.63
H20 867 E . -26.33 -10.35 8.47
H31 867 E . -32.21 -18.44 0.79
H30 867 E . -31.84 -20.12 0.57
H6 867 E . -32.29 -2.00 0.37
H25 867 E . -23.95 -14.36 1.41
H27 867 E . -26.29 -15.46 -0.14
C1 EDO F . -58.28 3.87 13.45
O1 EDO F . -57.72 2.60 13.63
C2 EDO F . -59.37 4.16 14.40
O2 EDO F . -60.07 5.34 14.09
H11 EDO F . -58.66 3.95 12.43
H12 EDO F . -57.50 4.62 13.58
HO1 EDO F . -58.03 2.23 14.48
H21 EDO F . -58.96 4.25 15.40
H22 EDO F . -60.07 3.33 14.39
HO2 EDO F . -60.78 5.48 14.73
C1 EDO G . -60.31 7.63 10.09
O1 EDO G . -60.62 7.29 11.42
C2 EDO G . -59.34 6.70 9.46
O2 EDO G . -59.31 6.81 8.06
H11 EDO G . -59.92 8.64 10.06
H12 EDO G . -61.24 7.61 9.50
HO1 EDO G . -61.26 7.93 11.77
H21 EDO G . -59.59 5.69 9.74
H22 EDO G . -58.35 6.93 9.86
HO2 EDO G . -59.69 7.66 7.79
C1 EDO H . -29.35 -6.61 25.56
O1 EDO H . -30.44 -7.09 26.29
C2 EDO H . -28.51 -5.68 26.33
O2 EDO H . -27.16 -5.71 25.93
H11 EDO H . -29.73 -6.09 24.67
H12 EDO H . -28.74 -7.45 25.22
HO1 EDO H . -30.75 -6.41 26.91
H21 EDO H . -28.57 -5.95 27.39
H22 EDO H . -28.90 -4.67 26.22
HO2 EDO H . -27.12 -5.87 24.98
C1 867 I . -25.73 1.44 -8.58
C2 867 I . -25.03 1.34 -9.79
C3 867 I . -24.92 2.43 -10.63
N1 867 I . -25.93 7.25 -11.49
C5 867 I . -26.23 3.78 -9.05
C6 867 I . -26.31 2.63 -8.22
C11 867 I . -25.82 0.22 -7.72
C12 867 I . -25.36 0.35 -5.39
C13 867 I . -25.74 7.42 -12.85
C16 867 I . -27.24 9.50 -16.28
C17 867 I . -29.17 9.16 -18.42
C10 867 I . -26.83 5.02 -8.68
C14 867 I . -25.25 9.13 -14.64
C15 867 I . -26.31 10.11 -15.19
C18 867 I . -32.17 7.26 -19.11
C19 867 I . -33.65 7.55 -19.26
C20 867 I . -34.54 7.04 -18.12
C21 867 I . -34.83 5.60 -18.58
C22 867 I . -35.11 5.91 -20.07
C23 867 I . -33.91 3.93 -21.04
C24 867 I . -35.31 3.21 -22.46
C25 867 I . -36.05 2.55 -23.45
C26 867 I . -37.70 4.12 -23.08
C27 867 I . -35.88 4.31 -21.87
C28 867 I . -28.67 10.03 -16.20
C29 867 I . -29.80 7.43 -20.07
C30 867 I . -31.27 7.91 -20.17
C4 867 I . -25.52 3.71 -10.27
C7 867 I . -25.45 4.88 -11.08
C8 867 I . -26.09 6.06 -10.72
C9 867 I . -26.73 6.12 -9.49
N10 867 I . -37.09 4.82 -22.13
N2 867 I . -25.49 8.72 -13.26
N3 867 I . -29.58 9.41 -17.18
N4 867 I . -29.13 7.89 -18.86
N5 867 I . -28.77 10.03 -19.29
N6 867 I . -34.97 4.77 -20.96
N7 867 I . -34.05 2.97 -21.92
N8 867 I . -35.62 1.46 -24.12
N9 867 I . -37.26 3.06 -23.74
O1 867 I . -24.23 2.33 -11.82
O2 867 I . -26.29 0.50 -6.49
O3 867 I . -25.51 -0.89 -8.06
O4 867 I . -25.80 6.50 -13.65
O5 867 I . -35.75 7.79 -17.97
O6 867 I . -35.90 5.03 -17.84
O7 867 I . -34.16 6.89 -20.45
H1 867 I . -24.58 0.39 -10.06
H7 867 I . -25.82 8.06 -10.88
H2 867 I . -26.87 2.73 -7.28
H9 867 I . -25.39 -0.71 -5.18
H10 867 I . -25.69 0.91 -4.51
H8 867 I . -24.36 0.65 -5.67
H17 867 I . -27.25 8.41 -16.18
H16 867 I . -26.81 9.67 -17.27
H5 867 I . -27.37 5.09 -7.74
H13 867 I . -25.22 8.24 -15.27
H12 867 I . -24.27 9.57 -14.75
H15 867 I . -25.82 11.00 -15.59
H14 867 I . -26.90 10.48 -14.36
H21 867 I . -31.86 7.58 -18.12
H22 867 I . -32.00 6.18 -19.11
H23 867 I . -33.81 8.62 -19.42
H24 867 I . -33.99 7.00 -17.19
H26 867 I . -33.94 4.99 -18.47
H28 867 I . -36.09 6.35 -20.23
H29 867 I . -33.01 4.03 -20.42
H32 867 I . -38.69 4.47 -23.38
H33 867 I . -28.66 11.11 -16.35
H34 867 I . -29.05 9.91 -15.20
H36 867 I . -29.76 6.35 -20.12
H35 867 I . -29.25 7.76 -20.95
H38 867 I . -31.69 7.71 -21.14
H37 867 I . -31.32 8.99 -20.08
H3 867 I . -24.92 4.85 -12.03
H4 867 I . -27.21 7.04 -9.16
H11 867 I . -25.44 9.47 -12.59
H18 867 I . -30.57 9.57 -17.01
H19 867 I . -28.25 7.41 -18.68
H20 867 I . -28.77 11.00 -19.01
H31 867 I . -34.71 1.07 -23.92
H30 867 I . -36.19 1.01 -24.84
H6 867 I . -24.22 3.18 -12.31
H25 867 I . -36.28 7.29 -17.29
H27 867 I . -36.54 4.67 -18.51
C1 EDO J . -15.21 20.64 -27.31
O1 EDO J . -15.91 21.51 -26.46
C2 EDO J . -15.57 20.81 -28.73
O2 EDO J . -15.34 22.13 -29.19
H11 EDO J . -15.42 19.61 -27.02
H12 EDO J . -14.13 20.81 -27.20
HO1 EDO J . -15.55 21.43 -25.56
H21 EDO J . -16.62 20.57 -28.86
H22 EDO J . -14.98 20.12 -29.33
HO2 EDO J . -15.08 22.68 -28.43
C1 867 K . 31.81 -1.23 1.34
C2 867 K . 32.57 -0.77 0.26
C3 867 K . 31.95 -0.27 -0.86
N1 867 K . 27.78 0.87 -3.27
C5 867 K . 29.76 -0.67 0.16
C6 867 K . 30.44 -1.17 1.30
C11 867 K . 32.54 -1.73 2.54
C12 867 K . 33.69 0.17 3.34
C13 867 K . 28.11 0.72 -4.61
C16 867 K . 27.23 -0.70 -8.30
C17 867 K . 27.58 -3.27 -10.20
C10 867 K . 28.34 -0.61 0.09
C14 867 K . 27.64 1.47 -6.95
C15 867 K . 26.67 0.67 -7.82
C18 867 K . 28.16 -6.98 -9.41
C19 867 K . 27.29 -8.21 -9.62
C20 867 K . 26.67 -8.80 -8.35
C21 867 K . 27.82 -9.70 -7.86
C22 867 K . 28.20 -10.33 -9.20
C23 867 K . 30.71 -10.34 -8.86
C24 867 K . 31.23 -12.26 -9.55
C25 867 K . 31.83 -13.47 -9.95
C26 867 K . 29.71 -14.18 -10.54
C27 867 K . 29.87 -12.17 -9.70
C28 867 K . 26.26 -1.42 -9.24
C29 867 K . 29.38 -4.97 -10.39
C30 867 K . 28.51 -6.21 -10.69
C4 867 K . 30.52 -0.20 -0.94
C7 867 K . 29.81 0.29 -2.08
C8 867 K . 28.44 0.30 -2.13
C9 867 K . 27.71 -0.11 -1.02
N10 867 K . 29.05 -13.09 -10.19
N2 867 K . 27.37 1.44 -5.51
N3 867 K . 26.58 -2.83 -9.40
N4 867 K . 28.64 -3.96 -9.67
N5 867 K . 27.64 -3.08 -11.47
N6 867 K . 29.54 -10.91 -9.26
N7 867 K . 31.76 -11.10 -9.00
N8 867 K . 33.15 -13.72 -9.86
N9 867 K . 31.02 -14.42 -10.45
O1 867 K . 32.64 0.18 -1.95
O2 867 K . 32.63 -0.81 3.51
O3 867 K . 33.01 -2.83 2.63
O4 867 K . 29.05 0.02 -4.97
O5 867 K . 25.50 -9.57 -8.63
O6 867 K . 27.51 -10.72 -6.92
O7 867 K . 28.11 -9.28 -10.16
H1 867 K . 33.65 -0.82 0.33
H7 867 K . 27.01 1.49 -3.01
H2 867 K . 29.84 -1.52 2.15
H9 867 K . 33.75 0.65 4.33
H10 867 K . 33.44 0.91 2.59
H8 867 K . 34.65 -0.29 3.10
H17 867 K . 27.45 -1.33 -7.44
H16 867 K . 28.20 -0.55 -8.78
H5 867 K . 27.76 -0.96 0.93
H13 867 K . 28.65 1.10 -7.10
H12 867 K . 27.66 2.49 -7.31
H15 867 K . 26.36 1.26 -8.68
H14 867 K . 25.75 0.50 -7.26
H21 867 K . 27.64 -6.32 -8.71
H22 867 K . 29.07 -7.24 -8.89
H23 867 K . 26.52 -8.03 -10.36
H24 867 K . 26.47 -8.05 -7.61
H26 867 K . 28.62 -9.08 -7.45
H28 867 K . 27.49 -11.08 -9.53
H29 867 K . 30.77 -9.33 -8.45
H32 867 K . 29.13 -15.00 -10.95
H33 867 K . 26.28 -0.94 -10.22
H34 867 K . 25.25 -1.27 -8.89
H36 867 K . 30.26 -5.27 -9.84
H35 867 K . 29.77 -4.58 -11.33
H38 867 K . 29.00 -6.89 -11.38
H37 867 K . 27.59 -5.91 -11.20
H3 867 K . 30.41 0.64 -2.92
H4 867 K . 26.62 -0.09 -1.04
H11 867 K . 26.62 2.05 -5.21
H18 867 K . 25.82 -3.48 -9.20
H19 867 K . 28.56 -4.14 -8.68
H20 867 K . 26.88 -2.56 -11.91
H31 867 K . 33.78 -13.01 -9.48
H30 867 K . 33.55 -14.60 -10.16
H6 867 K . 33.62 0.08 -1.77
H25 867 K . 25.20 -9.94 -7.76
H27 867 K . 26.78 -10.35 -6.36
C1 EDO L . 28.88 10.65 -24.86
O1 EDO L . 27.77 10.27 -24.09
C2 EDO L . 29.80 9.52 -25.15
O2 EDO L . 30.08 9.38 -26.52
H11 EDO L . 29.43 11.43 -24.35
H12 EDO L . 28.53 11.05 -25.81
HO1 EDO L . 27.20 11.05 -23.95
H21 EDO L . 29.34 8.60 -24.77
H22 EDO L . 30.73 9.68 -24.60
HO2 EDO L . 29.25 9.28 -27.01
C1 867 M . 25.98 -1.44 9.16
C2 867 M . 25.31 -2.08 10.20
C3 867 M . 25.15 -1.45 11.41
N1 867 M . 25.86 2.56 14.27
C5 867 M . 26.35 0.52 10.57
C6 867 M . 26.49 -0.17 9.33
C11 867 M . 26.15 -2.14 7.87
C12 867 M . 24.30 -3.49 7.23
C13 867 M . 25.64 2.07 15.54
C16 867 M . 26.99 2.26 19.53
C17 867 M . 28.96 0.96 21.39
C10 867 M . 26.86 1.83 10.76
C14 867 M . 25.01 2.64 17.90
C15 867 M . 25.99 3.27 18.90
C18 867 M . 32.21 -0.69 21.13
C19 867 M . 33.66 -0.37 21.47
C20 867 M . 34.58 -0.16 20.27
C21 867 M . 34.99 -1.60 19.95
C22 867 M . 35.24 -2.09 21.39
C23 867 M . 34.19 -4.37 21.15
C24 867 M . 35.60 -5.60 22.14
C25 867 M . 36.36 -6.62 22.74
C26 867 M . 37.85 -4.96 23.34
C27 867 M . 36.09 -4.32 22.23
C28 867 M . 28.18 2.95 20.20
C29 867 M . 29.88 -1.30 21.91
C30 867 M . 31.30 -0.92 22.34
C4 867 M . 25.66 -0.12 11.64
C7 867 M . 25.56 0.60 12.85
C8 867 M . 26.10 1.85 13.05
C9 867 M . 26.72 2.48 11.96
N10 867 M . 37.22 -3.93 22.80
N2 867 M . 25.27 2.98 16.49
N3 867 M . 29.24 2.02 20.59
N4 867 M . 29.31 -0.30 21.01
N5 867 M . 28.37 1.03 22.52
N6 867 M . 35.18 -3.53 21.58
N7 867 M . 34.39 -5.62 21.45
N8 867 M . 36.01 -7.92 22.75
N9 867 M . 37.51 -6.24 23.34
O1 867 M . 24.49 -2.10 12.44
O2 867 M . 25.01 -2.23 7.17
O3 867 M . 27.21 -2.58 7.47
O4 867 M . 25.82 0.89 15.83
O5 867 M . 35.70 0.65 20.62
O6 867 M . 36.11 -1.63 19.06
O7 867 M . 34.23 -1.49 22.18
H1 867 M . 24.93 -3.09 10.03
H7 867 M . 25.64 3.54 14.08
H2 867 M . 27.01 0.33 8.52
H9 867 M . 25.09 -4.23 7.36
H10 867 M . 23.76 -3.69 6.30
H8 867 M . 23.61 -3.53 8.06
H17 867 M . 27.35 1.57 18.77
H16 867 M . 26.47 1.63 20.24
H5 867 M . 27.39 2.33 9.95
H13 867 M . 25.03 1.57 18.00
H12 867 M . 23.99 2.93 18.17
H15 867 M . 25.45 3.79 19.69
H14 867 M . 26.54 4.07 18.40
H21 867 M . 31.82 0.13 20.53
H22 867 M . 32.16 -1.56 20.46
H23 867 M . 33.70 0.48 22.14
H24 867 M . 34.05 0.27 19.42
H26 867 M . 34.16 -2.13 19.49
H28 867 M . 36.19 -1.74 21.79
H29 867 M . 33.33 -4.04 20.60
H32 867 M . 38.79 -4.74 23.85
H33 867 M . 27.84 3.50 21.07
H34 867 M . 28.57 3.74 19.55
H36 867 M . 29.88 -2.28 21.44
H35 867 M . 29.25 -1.43 22.80
H38 867 M . 31.75 -1.69 22.97
H37 867 M . 31.28 -0.04 22.97
H3 867 M . 25.03 0.12 13.69
H4 867 M . 27.12 3.48 12.07
H11 867 M . 25.12 3.96 16.26
H18 867 M . 30.18 2.40 20.60
H19 867 M . 29.66 -0.37 20.06
H20 867 M . 28.09 1.95 22.85
H31 867 M . 35.15 -8.21 22.30
H30 867 M . 36.60 -8.62 23.20
H6 867 M . 24.45 -1.54 13.25
H25 867 M . 36.30 0.62 19.84
H27 867 M . 36.75 -2.28 19.46
C1 EDO N . 14.52 6.49 35.13
O1 EDO N . 14.24 5.17 35.55
C2 EDO N . 14.31 6.67 33.69
O2 EDO N . 14.63 7.98 33.26
H11 EDO N . 15.56 6.72 35.38
H12 EDO N . 13.88 7.17 35.69
HO1 EDO N . 14.39 5.10 36.51
H21 EDO N . 13.26 6.48 33.46
H22 EDO N . 14.91 5.96 33.14
HO2 EDO N . 14.87 8.51 34.03
C1 EDO O . -10.65 -16.56 22.51
O1 EDO O . -9.88 -17.09 21.46
C2 EDO O . -10.59 -17.39 23.75
O2 EDO O . -11.29 -18.61 23.63
H11 EDO O . -11.69 -16.50 22.19
H12 EDO O . -10.30 -15.56 22.75
HO1 EDO O . -9.60 -18.00 21.69
H21 EDO O . -11.02 -16.81 24.57
H22 EDO O . -9.55 -17.59 23.98
HO2 EDO O . -11.50 -18.76 22.70
#